data_9VBK
#
_entry.id   9VBK
#
_cell.length_a   1.00
_cell.length_b   1.00
_cell.length_c   1.00
_cell.angle_alpha   90.00
_cell.angle_beta   90.00
_cell.angle_gamma   90.00
#
_symmetry.space_group_name_H-M   'P 1'
#
loop_
_entity.id
_entity.type
_entity.pdbx_description
1 polymer "5'-3' exonuclease PLD4"
2 polymer "DNA (5'-D(*TP*TP*T)-3')"
3 branched 2-acetamido-2-deoxy-beta-D-glucopyranose-(1-4)-2-acetamido-2-deoxy-beta-D-glucopyranose
4 non-polymer 2-acetamido-2-deoxy-beta-D-glucopyranose
5 non-polymer "THYMIDINE-3'-PHOSPHATE"
#
loop_
_entity_poly.entity_id
_entity_poly.type
_entity_poly.pdbx_seq_one_letter_code
_entity_poly.pdbx_strand_id
1 'polypeptide(L)'
;RDSCQLVLVESIPQDLPSAAGSPSAQPLGQAWLQLLDTAQESVHVASYYWSLTGPDIGVNDSSSQLGEALLQKLQQLLGR
NISLAVATSSPTLARTSTDLQVLAARGAHVRQVPMGRLTRGVLHSKFWVVDGRHIYMGSANMDWRSLTQVKELGAVIYNC
SHLAQDLEKTFQTYWVLGVPKAVLPKTWPQNFSSHFNRFQPFHGLFDGVPTTAYFSASPPALCPQGRTRDLEALLAVMGS
AQEFIYASVMEYFPTTRFSHPPRYWPVLDNALRAAAFGKGVRVRLLVGCGLNTDPTMFPYLRSLQALSNPAANVSVDVKV
FIVPVGNHSNIPFSRVNHSKFMVTEKAAYIGTSNWSEDYFSSTAGVGLVVTQSPGAQPAGATVQEQLRQLFERDWSSRYA
VGLDGQAPGQDCVWQGLEVLFQ
;
A,B,C,D
2 'polydeoxyribonucleotide'
;(DT)(DT)(DT)(DT)(DT)(DT)(DT)(DT)(DT)(DT)(DT)(DT)(DT)(DT)(DT)(DT)(DT)(DT)(DT)(DT)
(DT)(DT)(DT)(DT)(DT)(DT)(DT)(DT)(DT)(DT)(DT)(DT)(DT)(DT)(DT)(DT)(DT)(DT)(DT)(DT)
(DT)(DT)(DT)(DT)(DT)(DT)(DT)(DT)(DT)
;
F,G
#
loop_
_chem_comp.id
_chem_comp.type
_chem_comp.name
_chem_comp.formula
DT DNA linking THYMIDINE-5'-MONOPHOSPHATE 'C10 H15 N2 O8 P'
NAG D-saccharide, beta linking 2-acetamido-2-deoxy-beta-D-glucopyranose 'C8 H15 N O6'
T3P DNA linking THYMIDINE-3'-PHOSPHATE 'C10 H15 N2 O8 P'
#
# COMPACT_ATOMS: atom_id res chain seq x y z
N SER A 3 -26.60 18.98 20.86
CA SER A 3 -25.91 20.17 20.41
C SER A 3 -24.44 20.15 20.81
N CYS A 4 -23.57 20.63 19.93
CA CYS A 4 -22.15 20.77 20.26
C CYS A 4 -21.75 22.23 20.18
N GLN A 5 -20.97 22.67 21.16
CA GLN A 5 -20.35 23.98 21.18
C GLN A 5 -18.83 23.80 21.09
N LEU A 6 -18.18 24.72 20.37
CA LEU A 6 -16.73 24.67 20.22
C LEU A 6 -16.18 26.08 20.31
N VAL A 7 -15.37 26.34 21.34
CA VAL A 7 -14.74 27.63 21.55
C VAL A 7 -13.25 27.40 21.78
N LEU A 8 -12.43 28.11 21.02
CA LEU A 8 -10.98 28.02 21.20
C LEU A 8 -10.57 28.66 22.52
N VAL A 9 -9.56 28.07 23.16
CA VAL A 9 -9.04 28.59 24.42
C VAL A 9 -7.53 28.70 24.30
N GLU A 10 -6.98 29.83 24.75
CA GLU A 10 -5.54 30.05 24.75
C GLU A 10 -5.16 30.78 26.03
N SER A 11 -3.90 30.62 26.42
CA SER A 11 -3.37 31.24 27.63
C SER A 11 -2.33 32.28 27.24
N ILE A 12 -2.51 33.51 27.71
CA ILE A 12 -1.59 34.60 27.46
C ILE A 12 -0.67 34.72 28.68
N PRO A 13 0.65 34.60 28.52
CA PRO A 13 1.54 34.71 29.68
C PRO A 13 1.50 36.11 30.27
N GLN A 14 1.83 36.18 31.56
CA GLN A 14 1.87 37.47 32.25
C GLN A 14 2.94 38.36 31.64
N ASP A 15 2.63 39.66 31.57
CA ASP A 15 3.55 40.67 31.02
C ASP A 15 3.92 40.37 29.57
N LEU A 16 2.93 39.94 28.79
CA LEU A 16 3.10 39.73 27.35
C LEU A 16 1.93 40.40 26.63
N PRO A 17 1.91 41.74 26.60
CA PRO A 17 0.81 42.44 25.94
C PRO A 17 0.85 42.25 24.44
N SER A 18 -0.33 42.31 23.83
CA SER A 18 -0.48 42.19 22.39
C SER A 18 -0.83 43.54 21.78
N ALA A 19 -0.83 43.59 20.46
CA ALA A 19 -1.14 44.82 19.74
C ALA A 19 -2.59 45.21 19.95
N ALA A 20 -2.86 46.51 19.86
CA ALA A 20 -4.21 47.01 20.05
C ALA A 20 -5.14 46.49 18.97
N GLY A 21 -6.35 46.11 19.37
CA GLY A 21 -7.33 45.59 18.44
C GLY A 21 -7.10 44.16 18.00
N SER A 22 -6.15 43.45 18.62
CA SER A 22 -5.86 42.09 18.21
C SER A 22 -6.98 41.15 18.64
N PRO A 23 -7.24 40.11 17.85
CA PRO A 23 -8.24 39.12 18.25
C PRO A 23 -7.77 38.33 19.47
N SER A 24 -8.74 37.87 20.26
CA SER A 24 -8.47 37.13 21.47
C SER A 24 -9.38 35.91 21.52
N ALA A 25 -9.24 35.12 22.58
CA ALA A 25 -10.06 33.93 22.79
C ALA A 25 -10.31 33.78 24.28
N GLN A 26 -11.08 32.73 24.62
CA GLN A 26 -11.44 32.47 26.04
C GLN A 26 -10.17 32.10 26.81
N PRO A 27 -9.91 32.70 28.00
CA PRO A 27 -8.76 32.32 28.81
C PRO A 27 -8.82 30.86 29.22
N LEU A 28 -7.64 30.24 29.33
CA LEU A 28 -7.57 28.82 29.62
C LEU A 28 -8.04 28.50 31.03
N GLY A 29 -7.61 29.30 32.01
CA GLY A 29 -8.00 29.04 33.38
C GLY A 29 -9.49 29.13 33.60
N GLN A 30 -10.13 30.12 32.98
CA GLN A 30 -11.58 30.26 33.10
C GLN A 30 -12.29 29.04 32.51
N ALA A 31 -11.82 28.56 31.35
CA ALA A 31 -12.43 27.39 30.75
C ALA A 31 -12.25 26.15 31.62
N TRP A 32 -11.06 25.97 32.20
CA TRP A 32 -10.84 24.83 33.08
C TRP A 32 -11.73 24.89 34.30
N LEU A 33 -11.86 26.08 34.89
CA LEU A 33 -12.73 26.23 36.06
C LEU A 33 -14.19 25.96 35.70
N GLN A 34 -14.63 26.42 34.53
CA GLN A 34 -15.99 26.13 34.09
C GLN A 34 -16.20 24.64 33.90
N LEU A 35 -15.21 23.96 33.31
CA LEU A 35 -15.32 22.52 33.12
C LEU A 35 -15.42 21.80 34.46
N LEU A 36 -14.59 22.19 35.42
CA LEU A 36 -14.64 21.54 36.74
C LEU A 36 -15.95 21.83 37.45
N ASP A 37 -16.46 23.06 37.33
CA ASP A 37 -17.74 23.38 37.97
C ASP A 37 -18.89 22.59 37.36
N THR A 38 -18.91 22.46 36.04
CA THR A 38 -19.98 21.73 35.38
C THR A 38 -19.89 20.22 35.56
N ALA A 39 -18.78 19.72 36.09
CA ALA A 39 -18.63 18.28 36.29
C ALA A 39 -19.61 17.78 37.35
N GLN A 40 -20.31 16.70 37.03
CA GLN A 40 -21.28 16.10 37.93
C GLN A 40 -21.18 14.59 38.07
N GLU A 41 -20.60 13.88 37.09
CA GLU A 41 -20.55 12.43 37.12
C GLU A 41 -19.14 11.90 37.26
N SER A 42 -18.22 12.29 36.36
CA SER A 42 -16.86 11.77 36.41
C SER A 42 -15.96 12.70 35.60
N VAL A 43 -14.67 12.68 35.95
CA VAL A 43 -13.66 13.46 35.26
C VAL A 43 -12.51 12.52 34.91
N HIS A 44 -12.18 12.43 33.63
CA HIS A 44 -11.11 11.57 33.14
C HIS A 44 -10.03 12.44 32.53
N VAL A 45 -8.83 12.38 33.08
CA VAL A 45 -7.73 13.26 32.70
C VAL A 45 -6.54 12.41 32.28
N ALA A 46 -6.04 12.66 31.07
CA ALA A 46 -4.81 12.05 30.58
C ALA A 46 -3.77 13.15 30.47
N SER A 47 -2.65 12.99 31.19
CA SER A 47 -1.66 14.04 31.28
C SER A 47 -0.26 13.45 31.25
N TYR A 48 0.71 14.31 30.93
CA TYR A 48 2.12 13.94 30.92
C TYR A 48 2.74 14.06 32.30
N TYR A 49 2.45 15.13 33.03
CA TYR A 49 2.96 15.32 34.38
C TYR A 49 2.04 16.29 35.11
N TRP A 50 2.18 16.32 36.43
CA TRP A 50 1.36 17.17 37.29
C TRP A 50 2.27 18.05 38.13
N SER A 51 2.11 19.35 38.01
CA SER A 51 2.91 20.32 38.76
C SER A 51 2.01 21.46 39.23
N LEU A 52 0.86 21.12 39.79
CA LEU A 52 -0.16 22.12 40.10
C LEU A 52 0.32 23.13 41.12
N THR A 53 1.00 22.67 42.17
CA THR A 53 1.40 23.58 43.23
C THR A 53 2.77 24.18 42.94
N GLY A 54 2.97 25.40 43.43
CA GLY A 54 4.24 26.07 43.36
C GLY A 54 5.35 25.35 44.10
N PRO A 55 5.09 24.94 45.35
CA PRO A 55 6.11 24.18 46.09
C PRO A 55 6.49 22.86 45.45
N ASP A 56 5.65 22.31 44.55
CA ASP A 56 6.03 21.07 43.87
C ASP A 56 7.32 21.25 43.09
N ILE A 57 7.44 22.36 42.36
CA ILE A 57 8.69 22.68 41.68
C ILE A 57 9.77 23.04 42.70
N GLY A 58 9.42 23.89 43.65
CA GLY A 58 10.36 24.45 44.59
C GLY A 58 10.59 25.94 44.44
N VAL A 59 9.71 26.67 43.78
CA VAL A 59 9.86 28.09 43.53
C VAL A 59 8.78 28.84 44.31
N ASN A 60 9.18 29.89 45.00
CA ASN A 60 8.27 30.74 45.77
C ASN A 60 7.88 31.93 44.91
N ASP A 61 6.75 31.81 44.21
CA ASP A 61 6.27 32.86 43.33
C ASP A 61 4.77 33.01 43.49
N SER A 62 4.27 34.22 43.22
CA SER A 62 2.85 34.51 43.34
C SER A 62 2.05 34.06 42.12
N SER A 63 2.71 33.71 41.01
CA SER A 63 2.00 33.30 39.81
C SER A 63 1.38 31.91 39.95
N SER A 64 1.74 31.16 40.99
CA SER A 64 1.19 29.83 41.20
C SER A 64 -0.14 29.84 41.95
N GLN A 65 -0.66 31.02 42.26
CA GLN A 65 -1.93 31.11 42.99
C GLN A 65 -3.06 30.48 42.19
N LEU A 66 -3.07 30.68 40.88
CA LEU A 66 -4.11 30.08 40.04
C LEU A 66 -4.00 28.56 40.04
N GLY A 67 -2.79 28.02 40.03
CA GLY A 67 -2.62 26.58 40.15
C GLY A 67 -3.09 26.06 41.49
N GLU A 68 -2.81 26.80 42.56
CA GLU A 68 -3.33 26.41 43.87
C GLU A 68 -4.85 26.41 43.87
N ALA A 69 -5.47 27.41 43.26
CA ALA A 69 -6.93 27.46 43.18
C ALA A 69 -7.47 26.28 42.38
N LEU A 70 -6.80 25.92 41.29
CA LEU A 70 -7.23 24.78 40.49
C LEU A 70 -7.16 23.49 41.30
N LEU A 71 -6.07 23.30 42.05
CA LEU A 71 -5.96 22.11 42.88
C LEU A 71 -7.01 22.10 43.97
N GLN A 72 -7.32 23.26 44.56
CA GLN A 72 -8.37 23.33 45.57
C GLN A 72 -9.72 22.96 44.97
N LYS A 73 -9.99 23.43 43.75
CA LYS A 73 -11.23 23.07 43.08
C LYS A 73 -11.29 21.57 42.80
N LEU A 74 -10.16 20.98 42.39
CA LEU A 74 -10.13 19.54 42.16
C LEU A 74 -10.39 18.77 43.44
N GLN A 75 -9.80 19.20 44.55
CA GLN A 75 -10.04 18.53 45.83
C GLN A 75 -11.49 18.68 46.26
N GLN A 76 -12.08 19.86 46.03
CA GLN A 76 -13.50 20.05 46.35
C GLN A 76 -14.38 19.14 45.51
N LEU A 77 -14.04 18.97 44.22
CA LEU A 77 -14.76 18.04 43.38
C LEU A 77 -14.64 16.61 43.91
N LEU A 78 -13.43 16.22 44.33
CA LEU A 78 -13.24 14.90 44.91
C LEU A 78 -14.03 14.74 46.20
N GLY A 79 -14.28 15.83 46.90
CA GLY A 79 -15.09 15.78 48.11
C GLY A 79 -16.57 15.64 47.89
N ARG A 80 -17.02 15.81 46.64
CA ARG A 80 -18.47 15.66 46.30
C ARG A 80 -18.69 14.29 45.63
N ASN A 81 -17.94 13.26 46.05
CA ASN A 81 -18.13 11.90 45.56
C ASN A 81 -18.14 11.85 44.03
N ILE A 82 -17.21 12.59 43.41
CA ILE A 82 -17.09 12.64 41.96
C ILE A 82 -15.88 11.81 41.54
N SER A 83 -16.08 10.87 40.63
CA SER A 83 -14.99 10.02 40.18
C SER A 83 -13.94 10.84 39.44
N LEU A 84 -12.68 10.50 39.67
CA LEU A 84 -11.55 11.20 39.04
C LEU A 84 -10.49 10.17 38.70
N ALA A 85 -10.31 9.90 37.41
CA ALA A 85 -9.33 8.93 36.93
C ALA A 85 -8.25 9.67 36.16
N VAL A 86 -6.99 9.44 36.53
CA VAL A 86 -5.85 10.12 35.95
C VAL A 86 -4.88 9.09 35.41
N ALA A 87 -4.45 9.26 34.16
CA ALA A 87 -3.45 8.42 33.54
C ALA A 87 -2.22 9.27 33.25
N THR A 88 -1.06 8.84 33.76
CA THR A 88 0.17 9.59 33.60
C THR A 88 1.28 8.66 33.12
N SER A 89 2.26 9.25 32.43
CA SER A 89 3.38 8.47 31.93
C SER A 89 4.26 7.99 33.07
N SER A 90 4.75 6.76 32.95
CA SER A 90 5.64 6.21 33.98
C SER A 90 6.93 7.01 34.11
N PRO A 91 7.66 7.33 33.04
CA PRO A 91 8.81 8.25 33.23
C PRO A 91 8.36 9.70 33.24
N THR A 92 7.81 10.13 34.38
CA THR A 92 7.27 11.47 34.51
C THR A 92 8.40 12.49 34.53
N LEU A 93 8.02 13.76 34.69
CA LEU A 93 8.96 14.86 34.62
C LEU A 93 9.13 15.61 35.93
N ALA A 94 8.03 16.01 36.57
CA ALA A 94 8.08 16.64 37.89
C ALA A 94 8.25 15.53 38.92
N ARG A 95 9.49 15.07 39.04
CA ARG A 95 9.83 13.97 39.98
C ARG A 95 9.23 14.27 41.35
N THR A 96 9.43 15.51 41.82
CA THR A 96 9.17 15.88 43.20
C THR A 96 7.71 16.28 43.43
N SER A 97 6.83 16.03 42.47
CA SER A 97 5.44 16.41 42.60
C SER A 97 4.74 15.59 43.68
N THR A 98 3.87 16.25 44.44
CA THR A 98 3.10 15.60 45.48
C THR A 98 1.60 15.76 45.32
N ASP A 99 1.14 16.53 44.33
CA ASP A 99 -0.30 16.73 44.15
C ASP A 99 -1.00 15.44 43.78
N LEU A 100 -0.36 14.61 42.95
CA LEU A 100 -0.96 13.33 42.58
C LEU A 100 -1.16 12.44 43.79
N GLN A 101 -0.19 12.42 44.69
CA GLN A 101 -0.33 11.63 45.91
C GLN A 101 -1.48 12.15 46.78
N VAL A 102 -1.62 13.47 46.88
CA VAL A 102 -2.71 14.05 47.66
C VAL A 102 -4.06 13.67 47.05
N LEU A 103 -4.16 13.77 45.72
CA LEU A 103 -5.43 13.40 45.06
C LEU A 103 -5.73 11.92 45.25
N ALA A 104 -4.71 11.07 45.16
CA ALA A 104 -4.92 9.64 45.39
C ALA A 104 -5.38 9.38 46.81
N ALA A 105 -4.80 10.07 47.78
CA ALA A 105 -5.24 9.93 49.17
C ALA A 105 -6.69 10.38 49.34
N ARG A 106 -7.07 11.44 48.62
CA ARG A 106 -8.45 11.92 48.68
C ARG A 106 -9.44 10.92 48.08
N GLY A 107 -8.97 9.99 47.26
CA GLY A 107 -9.85 8.99 46.69
C GLY A 107 -9.89 8.97 45.18
N ALA A 108 -8.81 9.39 44.53
CA ALA A 108 -8.73 9.35 43.08
C ALA A 108 -7.94 8.14 42.63
N HIS A 109 -8.28 7.64 41.44
CA HIS A 109 -7.61 6.48 40.85
C HIS A 109 -6.56 6.97 39.85
N VAL A 110 -5.31 6.60 40.09
CA VAL A 110 -4.18 7.02 39.26
C VAL A 110 -3.42 5.78 38.82
N ARG A 111 -3.13 5.69 37.53
CA ARG A 111 -2.36 4.59 36.96
C ARG A 111 -1.15 5.14 36.25
N GLN A 112 0.02 4.56 36.51
CA GLN A 112 1.25 4.93 35.82
C GLN A 112 1.38 4.06 34.57
N VAL A 113 1.10 4.64 33.42
CA VAL A 113 1.20 3.92 32.15
C VAL A 113 2.67 3.66 31.84
N PRO A 114 3.10 2.41 31.71
CA PRO A 114 4.51 2.09 31.47
C PRO A 114 4.94 2.29 30.02
N MET A 115 4.71 3.49 29.50
CA MET A 115 5.04 3.78 28.12
C MET A 115 6.54 3.67 27.86
N GLY A 116 7.35 3.85 28.91
CA GLY A 116 8.79 3.76 28.73
C GLY A 116 9.25 2.35 28.38
N ARG A 117 8.67 1.35 29.02
CA ARG A 117 9.07 -0.04 28.78
C ARG A 117 8.27 -0.72 27.69
N LEU A 118 7.23 -0.07 27.16
CA LEU A 118 6.39 -0.70 26.14
C LEU A 118 6.90 -0.37 24.73
N THR A 119 6.95 0.92 24.39
CA THR A 119 7.41 1.35 23.08
C THR A 119 8.60 2.30 23.16
N ARG A 120 9.30 2.31 24.30
CA ARG A 120 10.45 3.20 24.51
C ARG A 120 10.07 4.66 24.31
N GLY A 121 8.87 5.02 24.78
CA GLY A 121 8.40 6.39 24.65
C GLY A 121 7.77 6.92 25.92
N VAL A 122 6.95 7.97 25.80
CA VAL A 122 6.25 8.56 26.93
C VAL A 122 4.80 8.83 26.52
N LEU A 123 3.98 9.16 27.51
CA LEU A 123 2.58 9.49 27.28
C LEU A 123 2.45 11.01 27.20
N HIS A 124 2.68 11.54 26.00
CA HIS A 124 2.63 12.97 25.77
C HIS A 124 1.21 13.49 25.56
N SER A 125 0.22 12.61 25.49
CA SER A 125 -1.14 13.04 25.20
C SER A 125 -1.70 13.83 26.38
N LYS A 126 -2.30 15.00 26.07
CA LYS A 126 -2.87 15.87 27.13
C LYS A 126 -4.31 16.27 26.76
N PHE A 127 -5.29 15.40 27.02
CA PHE A 127 -6.69 15.71 26.78
C PHE A 127 -7.45 15.60 28.10
N TRP A 128 -8.78 15.67 28.00
CA TRP A 128 -9.62 15.85 29.18
C TRP A 128 -11.06 15.53 28.82
N VAL A 129 -11.68 14.63 29.58
CA VAL A 129 -13.06 14.25 29.37
C VAL A 129 -13.82 14.43 30.68
N VAL A 130 -14.91 15.20 30.64
CA VAL A 130 -15.70 15.51 31.83
C VAL A 130 -17.11 15.00 31.60
N ASP A 131 -17.60 14.17 32.52
CA ASP A 131 -18.96 13.64 32.53
C ASP A 131 -19.31 12.89 31.26
N GLY A 132 -18.33 12.56 30.42
CA GLY A 132 -18.62 11.92 29.15
C GLY A 132 -19.31 12.82 28.14
N ARG A 133 -19.46 14.10 28.45
CA ARG A 133 -20.08 15.07 27.54
C ARG A 133 -19.16 16.21 27.18
N HIS A 134 -18.52 16.85 28.17
CA HIS A 134 -17.65 17.99 27.94
C HIS A 134 -16.21 17.50 27.80
N ILE A 135 -15.51 18.03 26.81
CA ILE A 135 -14.19 17.53 26.44
C ILE A 135 -13.27 18.72 26.18
N TYR A 136 -12.09 18.68 26.80
CA TYR A 136 -11.03 19.64 26.52
C TYR A 136 -9.83 18.91 25.93
N MET A 137 -9.13 19.58 25.03
CA MET A 137 -7.90 19.03 24.46
C MET A 137 -7.04 20.17 23.94
N GLY A 138 -5.76 20.14 24.28
CA GLY A 138 -4.85 21.17 23.84
C GLY A 138 -3.46 20.88 24.34
N SER A 139 -2.53 21.78 24.00
CA SER A 139 -1.13 21.63 24.38
C SER A 139 -0.84 22.33 25.70
N ALA A 140 -1.59 22.00 26.74
CA ALA A 140 -1.42 22.59 28.06
C ALA A 140 -1.41 21.49 29.11
N ASN A 141 -0.28 21.35 29.80
CA ASN A 141 -0.18 20.38 30.89
C ASN A 141 -0.88 20.92 32.13
N MET A 142 -1.13 20.02 33.08
CA MET A 142 -1.71 20.39 34.36
C MET A 142 -0.62 21.05 35.20
N ASP A 143 -0.42 22.34 34.95
CA ASP A 143 0.70 23.06 35.53
C ASP A 143 0.35 24.53 35.67
N TRP A 144 0.74 25.13 36.80
CA TRP A 144 0.43 26.55 37.02
C TRP A 144 1.20 27.44 36.05
N ARG A 145 2.46 27.12 35.78
CA ARG A 145 3.21 27.89 34.80
C ARG A 145 2.62 27.71 33.40
N SER A 146 2.08 26.53 33.10
CA SER A 146 1.37 26.33 31.85
C SER A 146 0.07 27.11 31.77
N LEU A 147 -0.39 27.66 32.90
CA LEU A 147 -1.60 28.46 32.92
C LEU A 147 -1.35 29.96 33.01
N THR A 148 -0.19 30.38 33.54
CA THR A 148 0.09 31.80 33.68
C THR A 148 1.44 32.24 33.12
N GLN A 149 2.34 31.31 32.79
CA GLN A 149 3.65 31.67 32.27
C GLN A 149 3.91 31.21 30.84
N VAL A 150 3.31 30.11 30.41
CA VAL A 150 3.55 29.57 29.08
C VAL A 150 2.36 29.91 28.20
N LYS A 151 2.60 30.01 26.90
CA LYS A 151 1.57 30.40 25.92
C LYS A 151 1.22 29.19 25.07
N GLU A 152 0.04 28.63 25.32
CA GLU A 152 -0.50 27.54 24.50
C GLU A 152 -1.86 27.94 23.95
N LEU A 153 -2.48 26.97 23.27
CA LEU A 153 -3.80 27.17 22.67
C LEU A 153 -4.46 25.81 22.54
N GLY A 154 -5.64 25.66 23.15
CA GLY A 154 -6.36 24.40 23.08
C GLY A 154 -7.80 24.59 22.61
N ALA A 155 -8.57 23.51 22.64
CA ALA A 155 -9.96 23.55 22.23
C ALA A 155 -10.81 22.81 23.25
N VAL A 156 -11.94 23.40 23.63
CA VAL A 156 -12.91 22.77 24.51
C VAL A 156 -14.23 22.62 23.75
N ILE A 157 -14.85 21.45 23.89
CA ILE A 157 -16.10 21.14 23.22
C ILE A 157 -17.13 20.80 24.30
N TYR A 158 -18.29 21.45 24.22
CA TYR A 158 -19.29 21.40 25.28
C TYR A 158 -20.50 20.58 24.85
N ASN A 159 -21.01 19.77 25.78
CA ASN A 159 -22.35 19.18 25.72
C ASN A 159 -22.54 18.15 24.62
N CYS A 160 -21.48 17.76 23.91
CA CYS A 160 -21.69 16.99 22.69
C CYS A 160 -20.96 15.65 22.88
N SER A 161 -21.74 14.56 22.84
CA SER A 161 -21.35 13.33 23.52
C SER A 161 -20.58 12.34 22.66
N HIS A 162 -20.77 12.32 21.35
CA HIS A 162 -20.18 11.26 20.54
C HIS A 162 -18.66 11.42 20.44
N LEU A 163 -18.18 12.65 20.22
CA LEU A 163 -16.74 12.89 20.23
C LEU A 163 -16.15 12.61 21.61
N ALA A 164 -16.89 12.95 22.66
CA ALA A 164 -16.45 12.64 24.01
C ALA A 164 -16.30 11.13 24.20
N GLN A 165 -17.23 10.36 23.63
CA GLN A 165 -17.13 8.90 23.72
C GLN A 165 -15.92 8.38 22.96
N ASP A 166 -15.62 8.98 21.79
CA ASP A 166 -14.45 8.57 21.04
C ASP A 166 -13.16 8.81 21.84
N LEU A 167 -13.00 10.01 22.37
CA LEU A 167 -11.83 10.28 23.18
C LEU A 167 -11.84 9.47 24.46
N GLU A 168 -13.01 9.08 24.97
CA GLU A 168 -13.08 8.19 26.10
C GLU A 168 -12.58 6.80 25.74
N LYS A 169 -12.84 6.36 24.50
CA LYS A 169 -12.26 5.09 24.05
C LYS A 169 -10.75 5.17 24.02
N THR A 170 -10.20 6.29 23.54
CA THR A 170 -8.74 6.45 23.56
C THR A 170 -8.21 6.42 25.00
N PHE A 171 -8.88 7.14 25.90
CA PHE A 171 -8.47 7.13 27.30
C PHE A 171 -8.60 5.75 27.91
N GLN A 172 -9.58 4.96 27.45
CA GLN A 172 -9.74 3.60 27.97
C GLN A 172 -8.60 2.71 27.51
N THR A 173 -8.12 2.92 26.29
CA THR A 173 -6.91 2.21 25.87
C THR A 173 -5.74 2.57 26.77
N TYR A 174 -5.56 3.87 27.04
CA TYR A 174 -4.50 4.29 27.94
C TYR A 174 -4.68 3.67 29.33
N TRP A 175 -5.94 3.55 29.78
CA TRP A 175 -6.22 3.05 31.12
C TRP A 175 -5.93 1.56 31.24
N VAL A 176 -6.39 0.77 30.27
CA VAL A 176 -6.14 -0.66 30.30
C VAL A 176 -4.65 -0.95 30.11
N LEU A 177 -3.92 -0.04 29.45
CA LEU A 177 -2.48 -0.21 29.41
C LEU A 177 -1.81 0.06 30.77
N GLY A 178 -2.53 0.66 31.71
CA GLY A 178 -1.98 0.99 33.01
C GLY A 178 -2.02 -0.10 34.05
N VAL A 179 -2.60 -1.25 33.72
CA VAL A 179 -2.63 -2.37 34.66
C VAL A 179 -1.21 -2.87 34.90
N PRO A 180 -0.82 -3.15 36.15
CA PRO A 180 0.53 -3.65 36.39
C PRO A 180 0.77 -4.97 35.66
N LYS A 181 1.98 -5.11 35.12
CA LYS A 181 2.38 -6.27 34.32
C LYS A 181 1.41 -6.49 33.16
N ALA A 182 1.35 -5.48 32.29
CA ALA A 182 0.53 -5.54 31.09
C ALA A 182 1.42 -5.47 29.86
N VAL A 183 0.98 -6.14 28.79
CA VAL A 183 1.74 -6.20 27.55
C VAL A 183 0.89 -5.62 26.43
N LEU A 184 1.57 -5.21 25.37
CA LEU A 184 0.89 -4.62 24.22
C LEU A 184 0.09 -5.68 23.49
N PRO A 185 -1.23 -5.54 23.36
CA PRO A 185 -2.00 -6.54 22.63
C PRO A 185 -1.66 -6.53 21.15
N LYS A 186 -1.69 -7.71 20.54
CA LYS A 186 -1.45 -7.80 19.10
C LYS A 186 -2.64 -7.24 18.31
N THR A 187 -3.85 -7.39 18.84
CA THR A 187 -5.04 -6.82 18.23
C THR A 187 -5.90 -6.19 19.31
N TRP A 188 -6.76 -5.28 18.90
CA TRP A 188 -7.58 -4.58 19.86
C TRP A 188 -9.03 -5.06 19.80
N PRO A 189 -9.70 -5.22 20.94
CA PRO A 189 -11.09 -5.67 20.93
C PRO A 189 -11.99 -4.62 20.29
N GLN A 190 -13.20 -5.06 19.95
CA GLN A 190 -14.17 -4.16 19.31
C GLN A 190 -14.57 -3.00 20.21
N ASN A 191 -14.42 -3.15 21.53
CA ASN A 191 -14.78 -2.06 22.43
C ASN A 191 -13.87 -0.84 22.25
N PHE A 192 -12.69 -1.03 21.68
CA PHE A 192 -11.80 0.07 21.30
C PHE A 192 -11.81 0.14 19.78
N SER A 193 -12.68 0.98 19.23
CA SER A 193 -12.77 1.15 17.78
C SER A 193 -13.42 2.51 17.51
N SER A 194 -12.68 3.41 16.87
CA SER A 194 -13.18 4.75 16.62
C SER A 194 -14.19 4.74 15.48
N HIS A 195 -15.34 5.38 15.69
CA HIS A 195 -16.34 5.50 14.64
C HIS A 195 -15.91 6.48 13.56
N PHE A 196 -15.21 7.54 13.94
CA PHE A 196 -14.92 8.65 13.05
C PHE A 196 -13.44 8.70 12.70
N ASN A 197 -13.15 8.93 11.43
CA ASN A 197 -11.79 8.94 10.92
C ASN A 197 -11.72 9.96 9.78
N ARG A 198 -10.66 9.86 8.97
CA ARG A 198 -10.50 10.78 7.85
C ARG A 198 -11.64 10.64 6.85
N PHE A 199 -12.02 9.40 6.54
CA PHE A 199 -13.03 9.17 5.51
C PHE A 199 -14.45 9.46 5.99
N GLN A 200 -14.74 9.22 7.27
CA GLN A 200 -16.07 9.41 7.82
C GLN A 200 -15.97 10.27 9.08
N PRO A 201 -15.76 11.56 8.93
CA PRO A 201 -15.65 12.43 10.11
C PRO A 201 -17.00 12.66 10.77
N PHE A 202 -16.94 13.09 12.03
CA PHE A 202 -18.16 13.38 12.77
C PHE A 202 -18.88 14.57 12.17
N HIS A 203 -20.21 14.51 12.17
CA HIS A 203 -21.06 15.56 11.61
C HIS A 203 -21.86 16.20 12.73
N GLY A 204 -21.93 17.53 12.74
CA GLY A 204 -22.67 18.23 13.77
C GLY A 204 -22.97 19.65 13.37
N LEU A 205 -23.88 20.25 14.12
CA LEU A 205 -24.30 21.63 13.91
C LEU A 205 -23.87 22.44 15.14
N PHE A 206 -22.70 23.06 15.03
CA PHE A 206 -22.10 23.79 16.15
C PHE A 206 -22.67 25.21 16.17
N ASP A 207 -23.61 25.45 17.06
CA ASP A 207 -24.25 26.76 17.22
C ASP A 207 -24.82 27.25 15.89
N GLY A 208 -25.50 26.36 15.20
CA GLY A 208 -26.10 26.71 13.92
C GLY A 208 -25.12 26.84 12.79
N VAL A 209 -23.92 26.27 12.93
CA VAL A 209 -22.90 26.33 11.89
C VAL A 209 -22.44 24.91 11.58
N PRO A 210 -22.51 24.46 10.33
CA PRO A 210 -22.07 23.09 10.02
C PRO A 210 -20.59 22.89 10.35
N THR A 211 -20.27 21.70 10.84
CA THR A 211 -18.91 21.39 11.26
C THR A 211 -18.65 19.90 11.11
N THR A 212 -17.45 19.56 10.67
CA THR A 212 -16.98 18.18 10.63
C THR A 212 -15.70 18.07 11.43
N ALA A 213 -15.58 17.01 12.22
CA ALA A 213 -14.42 16.84 13.08
C ALA A 213 -14.14 15.36 13.29
N TYR A 214 -12.90 15.07 13.68
CA TYR A 214 -12.51 13.71 14.03
C TYR A 214 -11.24 13.78 14.86
N PHE A 215 -10.89 12.67 15.48
CA PHE A 215 -9.74 12.57 16.35
C PHE A 215 -8.72 11.60 15.78
N SER A 216 -7.45 11.85 16.09
CA SER A 216 -6.36 10.99 15.67
C SER A 216 -5.53 10.60 16.88
N ALA A 217 -4.82 9.48 16.77
CA ALA A 217 -4.04 8.95 17.88
C ALA A 217 -2.70 8.44 17.37
N SER A 218 -1.78 8.26 18.31
CA SER A 218 -0.45 7.75 18.03
C SER A 218 0.10 7.14 19.31
N PRO A 219 1.04 6.19 19.20
CA PRO A 219 1.67 5.62 18.00
C PRO A 219 0.78 4.58 17.34
N PRO A 220 1.16 4.08 16.16
CA PRO A 220 0.37 3.02 15.53
C PRO A 220 0.17 1.79 16.40
N ALA A 221 1.04 1.55 17.37
CA ALA A 221 0.86 0.43 18.28
C ALA A 221 -0.42 0.58 19.09
N LEU A 222 -0.70 1.81 19.56
CA LEU A 222 -1.91 2.10 20.32
C LEU A 222 -3.02 2.65 19.45
N CYS A 223 -3.05 2.28 18.17
CA CYS A 223 -4.09 2.73 17.25
C CYS A 223 -5.00 1.56 16.89
N PRO A 224 -6.19 1.47 17.47
CA PRO A 224 -7.10 0.37 17.11
C PRO A 224 -7.66 0.52 15.72
N GLN A 225 -8.53 -0.41 15.31
CA GLN A 225 -9.13 -0.34 14.00
C GLN A 225 -10.02 0.88 13.88
N GLY A 226 -9.94 1.54 12.72
CA GLY A 226 -10.72 2.73 12.44
C GLY A 226 -10.06 4.03 12.86
N ARG A 227 -9.18 3.99 13.85
CA ARG A 227 -8.50 5.20 14.29
C ARG A 227 -7.51 5.67 13.23
N THR A 228 -7.42 6.98 13.07
CA THR A 228 -6.49 7.59 12.13
C THR A 228 -5.20 7.97 12.85
N ARG A 229 -4.06 7.62 12.24
CA ARG A 229 -2.78 7.98 12.82
C ARG A 229 -2.57 9.50 12.73
N ASP A 230 -1.78 10.02 13.66
CA ASP A 230 -1.46 11.44 13.65
C ASP A 230 -0.73 11.82 12.38
N LEU A 231 0.22 10.99 11.95
CA LEU A 231 0.93 11.26 10.70
C LEU A 231 -0.02 11.29 9.52
N GLU A 232 -0.96 10.35 9.47
CA GLU A 232 -1.91 10.31 8.37
C GLU A 232 -2.79 11.55 8.36
N ALA A 233 -3.27 11.98 9.54
CA ALA A 233 -4.11 13.17 9.60
C ALA A 233 -3.34 14.41 9.19
N LEU A 234 -2.10 14.55 9.66
CA LEU A 234 -1.29 15.70 9.29
C LEU A 234 -1.03 15.74 7.80
N LEU A 235 -0.68 14.58 7.21
CA LEU A 235 -0.43 14.53 5.78
C LEU A 235 -1.68 14.85 4.98
N ALA A 236 -2.84 14.34 5.42
CA ALA A 236 -4.08 14.64 4.72
C ALA A 236 -4.40 16.13 4.78
N VAL A 237 -4.23 16.73 5.95
CA VAL A 237 -4.51 18.16 6.09
C VAL A 237 -3.57 18.98 5.22
N MET A 238 -2.28 18.61 5.20
CA MET A 238 -1.34 19.33 4.35
C MET A 238 -1.68 19.19 2.88
N GLY A 239 -2.00 17.96 2.45
CA GLY A 239 -2.26 17.73 1.04
C GLY A 239 -3.54 18.38 0.55
N SER A 240 -4.58 18.35 1.37
CA SER A 240 -5.89 18.89 0.92
C SER A 240 -5.81 20.40 0.68
N ALA A 241 -4.95 21.10 1.43
CA ALA A 241 -4.91 22.56 1.32
C ALA A 241 -4.45 22.99 -0.06
N GLN A 242 -5.13 24.01 -0.59
CA GLN A 242 -4.81 24.55 -1.91
C GLN A 242 -4.50 26.04 -1.91
N GLU A 243 -4.70 26.74 -0.79
CA GLU A 243 -4.46 28.18 -0.72
C GLU A 243 -3.29 28.51 0.20
N PHE A 244 -3.33 28.09 1.46
CA PHE A 244 -2.27 28.40 2.39
C PHE A 244 -2.22 27.34 3.48
N ILE A 245 -1.07 27.28 4.16
CA ILE A 245 -0.85 26.37 5.28
C ILE A 245 -0.12 27.17 6.36
N TYR A 246 -0.76 27.36 7.50
CA TYR A 246 -0.16 28.05 8.63
C TYR A 246 0.01 27.06 9.78
N ALA A 247 1.23 26.95 10.30
CA ALA A 247 1.53 26.00 11.35
C ALA A 247 2.35 26.66 12.45
N SER A 248 2.07 26.27 13.69
CA SER A 248 2.83 26.72 14.85
C SER A 248 3.20 25.51 15.69
N VAL A 249 4.48 25.36 15.99
CA VAL A 249 4.98 24.29 16.84
C VAL A 249 6.14 24.83 17.65
N MET A 250 6.39 24.19 18.80
CA MET A 250 7.53 24.60 19.62
C MET A 250 8.84 24.14 18.99
N GLU A 251 8.88 22.89 18.50
CA GLU A 251 10.07 22.34 17.86
C GLU A 251 9.68 21.71 16.54
N TYR A 252 10.61 21.78 15.59
CA TYR A 252 10.43 21.17 14.26
C TYR A 252 11.73 20.47 13.89
N PHE A 253 11.82 19.18 14.22
CA PHE A 253 12.99 18.38 13.90
C PHE A 253 12.62 17.36 12.83
N PRO A 254 13.22 17.42 11.64
CA PRO A 254 12.97 16.39 10.63
C PRO A 254 13.71 15.08 10.87
N THR A 255 14.27 14.87 12.06
CA THR A 255 15.02 13.67 12.40
C THR A 255 14.47 13.08 13.69
N THR A 256 14.96 11.90 14.05
CA THR A 256 14.66 11.33 15.36
C THR A 256 15.41 12.10 16.44
N ARG A 257 14.87 12.06 17.65
CA ARG A 257 15.42 12.84 18.75
C ARG A 257 16.01 12.01 19.87
N PHE A 258 15.53 10.79 20.09
CA PHE A 258 15.98 9.99 21.23
C PHE A 258 16.41 8.58 20.86
N SER A 259 16.14 8.11 19.65
CA SER A 259 16.60 6.79 19.25
C SER A 259 18.08 6.84 18.89
N HIS A 260 18.70 5.66 18.88
CA HIS A 260 20.10 5.52 18.52
C HIS A 260 20.26 4.37 17.55
N PRO A 261 20.94 4.57 16.41
CA PRO A 261 21.52 5.83 15.93
C PRO A 261 20.48 6.75 15.32
N PRO A 262 20.71 8.06 15.33
CA PRO A 262 19.74 8.98 14.72
C PRO A 262 19.64 8.76 13.23
N ARG A 263 18.44 9.02 12.69
CA ARG A 263 18.19 8.87 11.27
C ARG A 263 17.29 9.98 10.79
N TYR A 264 17.37 10.26 9.49
CA TYR A 264 16.55 11.30 8.88
C TYR A 264 15.12 10.82 8.68
N TRP A 265 14.16 11.70 8.96
CA TRP A 265 12.74 11.40 8.82
C TRP A 265 12.09 12.54 8.05
N PRO A 266 12.15 12.50 6.71
CA PRO A 266 11.77 13.67 5.92
C PRO A 266 10.29 13.73 5.57
N VAL A 267 9.45 12.94 6.25
CA VAL A 267 8.05 12.81 5.83
C VAL A 267 7.34 14.17 5.88
N LEU A 268 7.43 14.87 7.02
CA LEU A 268 6.77 16.16 7.14
C LEU A 268 7.42 17.20 6.24
N ASP A 269 8.75 17.21 6.18
CA ASP A 269 9.44 18.15 5.31
C ASP A 269 9.08 17.90 3.85
N ASN A 270 9.05 16.63 3.44
CA ASN A 270 8.68 16.32 2.07
C ASN A 270 7.24 16.74 1.77
N ALA A 271 6.32 16.52 2.72
CA ALA A 271 4.94 16.94 2.50
C ALA A 271 4.84 18.44 2.35
N LEU A 272 5.51 19.19 3.22
CA LEU A 272 5.46 20.65 3.14
C LEU A 272 6.03 21.14 1.82
N ARG A 273 7.21 20.63 1.43
CA ARG A 273 7.83 21.07 0.19
C ARG A 273 6.98 20.70 -1.02
N ALA A 274 6.42 19.48 -1.02
CA ALA A 274 5.61 19.05 -2.15
C ALA A 274 4.37 19.93 -2.29
N ALA A 275 3.70 20.23 -1.18
CA ALA A 275 2.56 21.13 -1.25
C ALA A 275 2.96 22.48 -1.78
N ALA A 276 3.98 23.09 -1.17
CA ALA A 276 4.37 24.45 -1.53
C ALA A 276 4.85 24.55 -2.98
N PHE A 277 5.40 23.47 -3.53
CA PHE A 277 5.88 23.51 -4.90
C PHE A 277 4.79 23.15 -5.90
N GLY A 278 4.23 21.94 -5.79
CA GLY A 278 3.26 21.50 -6.77
C GLY A 278 1.97 22.30 -6.74
N LYS A 279 1.43 22.57 -5.56
CA LYS A 279 0.12 23.20 -5.44
C LYS A 279 0.18 24.71 -5.34
N GLY A 280 1.38 25.29 -5.32
CA GLY A 280 1.50 26.73 -5.16
C GLY A 280 0.89 27.24 -3.88
N VAL A 281 1.07 26.50 -2.79
CA VAL A 281 0.44 26.81 -1.51
C VAL A 281 1.36 27.70 -0.70
N ARG A 282 0.84 28.82 -0.22
CA ARG A 282 1.60 29.68 0.66
C ARG A 282 1.82 28.99 2.00
N VAL A 283 3.07 28.86 2.41
CA VAL A 283 3.43 28.13 3.63
C VAL A 283 4.11 29.10 4.58
N ARG A 284 3.56 29.21 5.79
CA ARG A 284 4.17 30.01 6.85
C ARG A 284 4.34 29.11 8.07
N LEU A 285 5.53 29.14 8.65
CA LEU A 285 5.86 28.29 9.79
C LEU A 285 6.35 29.17 10.93
N LEU A 286 5.80 28.95 12.12
CA LEU A 286 6.20 29.68 13.32
C LEU A 286 6.69 28.68 14.35
N VAL A 287 7.82 28.99 14.99
CA VAL A 287 8.43 28.09 15.95
C VAL A 287 8.69 28.84 17.25
N GLY A 288 8.79 28.08 18.33
CA GLY A 288 8.98 28.65 19.65
C GLY A 288 10.44 28.72 20.05
N CYS A 289 10.76 29.69 20.90
CA CYS A 289 12.10 29.90 21.40
C CYS A 289 12.09 29.91 22.93
N GLY A 290 13.12 29.31 23.53
CA GLY A 290 13.27 29.33 24.96
C GLY A 290 14.73 29.27 25.33
N LEU A 291 15.01 29.58 26.60
CA LEU A 291 16.39 29.53 27.08
C LEU A 291 16.95 28.12 27.05
N ASN A 292 16.09 27.11 26.98
CA ASN A 292 16.51 25.71 26.87
C ASN A 292 15.90 25.15 25.59
N THR A 293 16.60 25.35 24.48
CA THR A 293 16.16 24.89 23.18
C THR A 293 17.37 24.38 22.40
N ASP A 294 17.18 23.28 21.68
CA ASP A 294 18.28 22.70 20.92
C ASP A 294 18.63 23.64 19.76
N PRO A 295 19.87 24.15 19.69
CA PRO A 295 20.22 25.05 18.59
C PRO A 295 20.37 24.36 17.24
N THR A 296 20.44 23.03 17.21
CA THR A 296 20.57 22.31 15.96
C THR A 296 19.28 22.31 15.14
N MET A 297 18.18 22.78 15.71
CA MET A 297 16.93 22.86 14.96
C MET A 297 16.99 23.94 13.88
N PHE A 298 17.73 25.02 14.16
CA PHE A 298 17.73 26.17 13.24
C PHE A 298 18.21 25.85 11.83
N PRO A 299 19.23 25.03 11.59
CA PRO A 299 19.63 24.76 10.19
C PRO A 299 18.50 24.18 9.35
N TYR A 300 17.68 23.29 9.89
CA TYR A 300 16.57 22.75 9.12
C TYR A 300 15.53 23.82 8.81
N LEU A 301 15.28 24.72 9.77
CA LEU A 301 14.37 25.82 9.50
C LEU A 301 14.91 26.74 8.41
N ARG A 302 16.22 27.01 8.42
CA ARG A 302 16.81 27.82 7.37
C ARG A 302 16.72 27.12 6.02
N SER A 303 16.92 25.80 6.01
CA SER A 303 16.76 25.05 4.76
C SER A 303 15.35 25.15 4.22
N LEU A 304 14.36 25.02 5.09
CA LEU A 304 12.97 25.16 4.65
C LEU A 304 12.69 26.58 4.17
N GLN A 305 13.28 27.59 4.83
CA GLN A 305 13.11 28.97 4.42
C GLN A 305 13.74 29.25 3.06
N ALA A 306 14.83 28.56 2.74
CA ALA A 306 15.56 28.83 1.50
C ALA A 306 14.70 28.62 0.26
N LEU A 307 13.62 27.83 0.35
CA LEU A 307 12.71 27.62 -0.77
C LEU A 307 11.74 28.81 -0.90
N SER A 308 12.31 29.98 -1.16
CA SER A 308 11.58 31.24 -1.13
C SER A 308 11.77 32.01 -2.42
N ASN A 309 11.54 31.34 -3.55
CA ASN A 309 11.61 32.00 -4.85
C ASN A 309 10.22 32.45 -5.28
N PRO A 310 9.87 33.73 -5.07
CA PRO A 310 8.51 34.17 -5.41
C PRO A 310 8.21 34.13 -6.90
N ALA A 311 9.22 34.13 -7.76
CA ALA A 311 8.98 34.12 -9.20
C ALA A 311 8.29 32.85 -9.66
N ALA A 312 8.68 31.70 -9.08
CA ALA A 312 8.15 30.41 -9.50
C ALA A 312 6.95 29.98 -8.66
N ASN A 313 6.20 30.92 -8.10
CA ASN A 313 4.98 30.67 -7.32
C ASN A 313 5.23 29.80 -6.08
N VAL A 314 6.48 29.65 -5.66
CA VAL A 314 6.80 28.96 -4.41
C VAL A 314 7.12 30.00 -3.35
N SER A 315 6.50 29.85 -2.18
CA SER A 315 6.62 30.86 -1.13
C SER A 315 6.57 30.15 0.22
N VAL A 316 7.71 30.09 0.89
CA VAL A 316 7.82 29.53 2.22
C VAL A 316 8.49 30.55 3.12
N ASP A 317 7.88 30.84 4.26
CA ASP A 317 8.44 31.78 5.23
C ASP A 317 8.46 31.13 6.61
N VAL A 318 9.54 31.37 7.35
CA VAL A 318 9.73 30.80 8.68
C VAL A 318 10.14 31.93 9.62
N LYS A 319 9.46 32.01 10.77
CA LYS A 319 9.80 32.98 11.79
C LYS A 319 9.78 32.28 13.15
N VAL A 320 10.62 32.77 14.06
CA VAL A 320 10.66 32.24 15.42
C VAL A 320 9.87 33.17 16.32
N PHE A 321 9.30 32.62 17.39
CA PHE A 321 8.49 33.36 18.34
C PHE A 321 9.16 33.29 19.71
N ILE A 322 9.69 34.40 20.17
CA ILE A 322 10.36 34.47 21.45
C ILE A 322 9.39 35.07 22.48
N VAL A 323 9.70 34.84 23.75
CA VAL A 323 8.94 35.43 24.85
C VAL A 323 9.94 36.06 25.82
N PRO A 324 9.80 37.34 26.15
CA PRO A 324 10.76 37.98 27.06
C PRO A 324 10.75 37.30 28.42
N VAL A 325 11.95 37.09 28.97
CA VAL A 325 12.06 36.49 30.29
C VAL A 325 11.59 37.44 31.38
N GLY A 326 12.02 38.70 31.30
CA GLY A 326 11.66 39.65 32.34
C GLY A 326 12.26 39.26 33.67
N ASN A 327 11.44 39.30 34.72
CA ASN A 327 11.87 38.95 36.06
C ASN A 327 11.58 37.50 36.41
N HIS A 328 11.07 36.70 35.47
CA HIS A 328 10.66 35.33 35.73
C HIS A 328 11.78 34.32 35.48
N SER A 329 13.04 34.73 35.65
CA SER A 329 14.16 33.80 35.45
C SER A 329 14.18 32.69 36.49
N ASN A 330 13.53 32.89 37.64
CA ASN A 330 13.54 31.86 38.67
C ASN A 330 12.67 30.67 38.30
N ILE A 331 11.57 30.91 37.58
CA ILE A 331 10.66 29.83 37.20
C ILE A 331 11.29 29.05 36.04
N PRO A 332 11.55 27.75 36.21
CA PRO A 332 12.19 26.98 35.15
C PRO A 332 11.20 26.41 34.14
N PHE A 333 11.68 26.30 32.90
CA PHE A 333 10.90 25.72 31.80
C PHE A 333 9.58 26.46 31.61
N SER A 334 9.69 27.77 31.35
CA SER A 334 8.53 28.63 31.17
C SER A 334 8.90 29.72 30.17
N ARG A 335 7.98 30.68 29.99
CA ARG A 335 8.16 31.80 29.07
C ARG A 335 8.50 31.32 27.67
N VAL A 336 7.72 30.33 27.20
CA VAL A 336 7.91 29.75 25.88
C VAL A 336 6.54 29.64 25.20
N ASN A 337 6.57 29.46 23.89
CA ASN A 337 5.35 29.27 23.10
C ASN A 337 5.05 27.78 23.00
N HIS A 338 3.93 27.36 23.56
CA HIS A 338 3.57 25.95 23.61
C HIS A 338 2.49 25.57 22.60
N SER A 339 2.09 26.50 21.74
CA SER A 339 1.03 26.21 20.77
C SER A 339 1.47 25.15 19.78
N LYS A 340 0.55 24.25 19.43
CA LYS A 340 0.85 23.18 18.45
C LYS A 340 -0.39 22.98 17.56
N PHE A 341 -0.46 23.70 16.44
CA PHE A 341 -1.64 23.61 15.59
C PHE A 341 -1.26 23.95 14.15
N MET A 342 -2.13 23.52 13.23
CA MET A 342 -2.02 23.83 11.81
C MET A 342 -3.33 24.44 11.33
N VAL A 343 -3.22 25.49 10.51
CA VAL A 343 -4.39 26.16 9.94
C VAL A 343 -4.26 26.14 8.43
N THR A 344 -5.31 25.65 7.76
CA THR A 344 -5.42 25.80 6.31
C THR A 344 -6.71 26.52 5.99
N GLU A 345 -7.06 26.61 4.71
CA GLU A 345 -8.29 27.28 4.32
C GLU A 345 -9.52 26.40 4.44
N LYS A 346 -9.35 25.09 4.64
CA LYS A 346 -10.47 24.18 4.80
C LYS A 346 -10.41 23.31 6.05
N ALA A 347 -9.39 23.46 6.88
CA ALA A 347 -9.25 22.61 8.05
C ALA A 347 -8.45 23.35 9.11
N ALA A 348 -8.53 22.84 10.34
CA ALA A 348 -7.82 23.43 11.47
C ALA A 348 -7.38 22.30 12.39
N TYR A 349 -6.11 21.89 12.25
CA TYR A 349 -5.57 20.83 13.08
C TYR A 349 -5.10 21.40 14.41
N ILE A 350 -5.53 20.79 15.50
CA ILE A 350 -5.06 21.12 16.84
C ILE A 350 -4.57 19.82 17.48
N GLY A 351 -3.29 19.79 17.87
CA GLY A 351 -2.69 18.59 18.40
C GLY A 351 -1.84 18.88 19.62
N THR A 352 -1.36 17.81 20.22
CA THR A 352 -0.51 17.88 21.39
C THR A 352 0.92 17.40 21.15
N SER A 353 1.21 16.85 19.98
CA SER A 353 2.52 16.30 19.68
C SER A 353 3.35 17.30 18.87
N ASN A 354 4.66 17.22 19.04
CA ASN A 354 5.59 18.04 18.29
C ASN A 354 5.75 17.46 16.89
N TRP A 355 6.74 17.94 16.13
CA TRP A 355 6.90 17.50 14.76
C TRP A 355 8.22 16.76 14.55
N SER A 356 8.58 15.89 15.49
CA SER A 356 9.73 15.02 15.35
C SER A 356 9.26 13.60 15.04
N GLU A 357 10.22 12.70 14.84
CA GLU A 357 9.87 11.34 14.45
C GLU A 357 9.30 10.54 15.61
N ASP A 358 9.83 10.72 16.82
CA ASP A 358 9.42 9.89 17.94
C ASP A 358 7.98 10.16 18.35
N TYR A 359 7.49 11.39 18.15
CA TYR A 359 6.11 11.69 18.51
C TYR A 359 5.10 10.93 17.67
N PHE A 360 5.52 10.44 16.50
CA PHE A 360 4.64 9.65 15.64
C PHE A 360 5.06 8.18 15.55
N SER A 361 6.24 7.83 16.05
CA SER A 361 6.70 6.45 16.04
C SER A 361 6.52 5.75 17.37
N SER A 362 6.95 6.38 18.47
CA SER A 362 6.91 5.76 19.78
C SER A 362 6.11 6.54 20.81
N THR A 363 6.24 7.86 20.84
CA THR A 363 5.59 8.67 21.85
C THR A 363 4.10 8.79 21.57
N ALA A 364 3.29 8.55 22.60
CA ALA A 364 1.84 8.65 22.44
C ALA A 364 1.39 10.09 22.27
N GLY A 365 0.34 10.28 21.50
CA GLY A 365 -0.20 11.61 21.27
C GLY A 365 -1.59 11.53 20.67
N VAL A 366 -2.27 12.67 20.67
CA VAL A 366 -3.62 12.77 20.16
C VAL A 366 -3.76 14.06 19.37
N GLY A 367 -4.48 14.00 18.25
CA GLY A 367 -4.68 15.16 17.41
C GLY A 367 -6.12 15.27 16.98
N LEU A 368 -6.58 16.51 16.85
CA LEU A 368 -7.96 16.80 16.47
C LEU A 368 -7.96 17.64 15.20
N VAL A 369 -8.74 17.21 14.21
CA VAL A 369 -8.92 17.94 12.96
C VAL A 369 -10.38 18.36 12.88
N VAL A 370 -10.62 19.66 12.87
CA VAL A 370 -11.96 20.22 12.84
C VAL A 370 -12.11 21.09 11.60
N THR A 371 -13.17 20.85 10.84
CA THR A 371 -13.47 21.59 9.63
C THR A 371 -14.82 22.29 9.79
N GLN A 372 -14.87 23.58 9.50
CA GLN A 372 -16.09 24.36 9.61
C GLN A 372 -16.36 25.07 8.29
N SER A 373 -17.64 25.34 8.04
CA SER A 373 -18.08 26.00 6.82
C SER A 373 -19.03 27.12 7.16
N PRO A 374 -19.12 28.15 6.32
CA PRO A 374 -20.06 29.26 6.60
C PRO A 374 -21.49 28.76 6.62
N GLY A 375 -22.19 29.03 7.73
CA GLY A 375 -23.54 28.57 7.93
C GLY A 375 -24.57 29.59 7.50
N ALA A 376 -25.82 29.32 7.89
CA ALA A 376 -26.92 30.22 7.57
C ALA A 376 -26.75 31.57 8.25
N GLN A 377 -26.29 31.57 9.50
CA GLN A 377 -26.10 32.82 10.22
C GLN A 377 -24.98 33.64 9.57
N PRO A 378 -25.18 34.94 9.40
CA PRO A 378 -24.13 35.80 8.83
C PRO A 378 -23.25 36.52 9.85
N ALA A 379 -23.38 36.23 11.14
CA ALA A 379 -22.66 36.96 12.17
C ALA A 379 -21.34 36.29 12.54
N GLY A 380 -21.39 35.03 12.97
CA GLY A 380 -20.21 34.35 13.45
C GLY A 380 -19.24 33.98 12.35
N ALA A 381 -18.05 33.58 12.78
CA ALA A 381 -16.99 33.16 11.87
C ALA A 381 -16.58 31.73 12.18
N THR A 382 -16.10 31.03 11.16
CA THR A 382 -15.70 29.65 11.31
C THR A 382 -14.45 29.54 12.18
N VAL A 383 -14.23 28.33 12.72
CA VAL A 383 -13.08 28.11 13.59
C VAL A 383 -11.79 28.29 12.81
N GLN A 384 -11.78 27.97 11.51
CA GLN A 384 -10.60 28.20 10.70
C GLN A 384 -10.26 29.68 10.64
N GLU A 385 -11.27 30.53 10.50
CA GLU A 385 -11.03 31.97 10.44
C GLU A 385 -10.43 32.48 11.75
N GLN A 386 -10.96 32.02 12.89
CA GLN A 386 -10.43 32.45 14.18
C GLN A 386 -9.00 31.97 14.36
N LEU A 387 -8.72 30.72 14.00
CA LEU A 387 -7.35 30.21 14.11
C LEU A 387 -6.40 30.99 13.22
N ARG A 388 -6.82 31.29 11.99
CA ARG A 388 -5.98 32.06 11.08
C ARG A 388 -5.75 33.48 11.61
N GLN A 389 -6.77 34.09 12.19
CA GLN A 389 -6.59 35.42 12.76
C GLN A 389 -5.62 35.39 13.93
N LEU A 390 -5.72 34.38 14.80
CA LEU A 390 -4.79 34.26 15.90
C LEU A 390 -3.36 34.04 15.40
N PHE A 391 -3.21 33.20 14.36
CA PHE A 391 -1.88 32.97 13.80
C PHE A 391 -1.32 34.25 13.20
N GLU A 392 -2.14 35.03 12.51
CA GLU A 392 -1.68 36.29 11.95
C GLU A 392 -1.30 37.28 13.05
N ARG A 393 -2.07 37.30 14.14
CA ARG A 393 -1.73 38.17 15.26
C ARG A 393 -0.38 37.79 15.85
N ASP A 394 -0.13 36.49 16.01
CA ASP A 394 1.19 36.07 16.49
C ASP A 394 2.29 36.39 15.47
N TRP A 395 1.99 36.22 14.19
CA TRP A 395 2.99 36.44 13.14
C TRP A 395 3.41 37.90 13.06
N SER A 396 2.45 38.82 13.18
CA SER A 396 2.74 40.25 13.10
C SER A 396 3.20 40.85 14.42
N SER A 397 3.24 40.06 15.49
CA SER A 397 3.65 40.58 16.78
C SER A 397 5.13 40.94 16.79
N ARG A 398 5.49 41.86 17.67
CA ARG A 398 6.88 42.29 17.79
C ARG A 398 7.77 41.19 18.34
N TYR A 399 7.21 40.18 18.99
CA TYR A 399 7.99 39.09 19.54
C TYR A 399 8.41 38.07 18.49
N ALA A 400 7.83 38.11 17.30
CA ALA A 400 8.17 37.19 16.22
C ALA A 400 9.16 37.86 15.28
N VAL A 401 10.30 37.21 15.07
CA VAL A 401 11.36 37.74 14.22
C VAL A 401 11.76 36.68 13.21
N GLY A 402 12.39 37.14 12.14
CA GLY A 402 12.83 36.23 11.09
C GLY A 402 14.04 35.43 11.51
N LEU A 403 14.36 34.42 10.68
CA LEU A 403 15.51 33.57 10.97
C LEU A 403 16.80 34.37 10.96
N ASP A 404 16.93 35.29 10.00
CA ASP A 404 18.06 36.22 9.97
C ASP A 404 17.86 37.43 10.87
N GLY A 405 16.90 37.37 11.79
CA GLY A 405 16.60 38.49 12.66
C GLY A 405 17.30 38.42 13.98
N GLN A 406 18.39 37.66 14.06
CA GLN A 406 19.16 37.57 15.29
C GLN A 406 19.68 38.95 15.69
N ALA A 407 19.42 39.32 16.94
CA ALA A 407 19.77 40.64 17.44
C ALA A 407 20.13 40.51 18.92
N PRO A 408 20.90 41.46 19.45
CA PRO A 408 21.13 41.47 20.91
C PRO A 408 19.82 41.67 21.65
N GLY A 409 19.72 41.03 22.81
CA GLY A 409 18.52 41.10 23.63
C GLY A 409 17.49 40.02 23.37
N GLN A 410 17.73 39.15 22.40
CA GLN A 410 16.81 38.04 22.15
C GLN A 410 16.91 37.01 23.27
N ASP A 411 16.03 36.01 23.21
CA ASP A 411 15.99 34.97 24.23
C ASP A 411 16.22 33.57 23.68
N CYS A 412 16.38 33.42 22.37
CA CYS A 412 16.70 32.11 21.82
C CYS A 412 18.13 31.73 22.18
N VAL A 413 18.43 30.44 22.05
CA VAL A 413 19.81 29.99 22.19
C VAL A 413 20.65 30.55 21.04
N TRP A 414 20.11 30.55 19.82
CA TRP A 414 20.73 31.16 18.65
C TRP A 414 22.12 30.56 18.40
N GLN A 415 22.11 29.28 18.08
CA GLN A 415 23.33 28.49 17.82
C GLN A 415 24.24 28.63 19.04
N GLY A 416 25.54 28.89 18.88
CA GLY A 416 26.43 29.03 20.00
C GLY A 416 26.69 27.72 20.73
N SER B 3 41.36 -10.24 -19.60
CA SER B 3 42.31 -9.15 -19.79
C SER B 3 41.59 -7.82 -19.94
N CYS B 4 40.56 -7.61 -19.12
CA CYS B 4 39.81 -6.35 -19.16
C CYS B 4 40.71 -5.19 -18.78
N GLN B 5 40.57 -4.09 -19.51
CA GLN B 5 41.32 -2.86 -19.22
C GLN B 5 40.33 -1.71 -19.11
N LEU B 6 40.42 -0.95 -18.03
CA LEU B 6 39.55 0.20 -17.78
C LEU B 6 40.41 1.45 -17.68
N VAL B 7 40.09 2.45 -18.49
CA VAL B 7 40.79 3.73 -18.48
C VAL B 7 39.76 4.84 -18.49
N LEU B 8 39.93 5.81 -17.58
CA LEU B 8 39.06 6.97 -17.53
C LEU B 8 39.40 7.92 -18.68
N VAL B 9 38.37 8.52 -19.25
CA VAL B 9 38.53 9.43 -20.38
C VAL B 9 37.64 10.64 -20.18
N GLU B 10 38.14 11.82 -20.54
CA GLU B 10 37.40 13.05 -20.39
C GLU B 10 37.84 14.04 -21.46
N SER B 11 36.98 15.02 -21.70
CA SER B 11 37.23 16.04 -22.72
C SER B 11 37.36 17.40 -22.04
N ILE B 12 38.46 18.08 -22.30
CA ILE B 12 38.71 19.41 -21.75
C ILE B 12 38.33 20.44 -22.81
N PRO B 13 37.42 21.36 -22.53
CA PRO B 13 37.03 22.35 -23.54
C PRO B 13 38.17 23.29 -23.89
N GLN B 14 38.04 23.90 -25.07
CA GLN B 14 39.05 24.85 -25.53
C GLN B 14 39.09 26.06 -24.61
N ASP B 15 40.30 26.57 -24.37
CA ASP B 15 40.51 27.76 -23.55
C ASP B 15 39.97 27.59 -22.13
N LEU B 16 40.29 26.44 -21.54
CA LEU B 16 39.94 26.14 -20.15
C LEU B 16 41.17 25.61 -19.43
N PRO B 17 42.17 26.47 -19.19
CA PRO B 17 43.40 25.99 -18.54
C PRO B 17 43.13 25.59 -17.09
N SER B 18 43.81 24.54 -16.66
CA SER B 18 43.71 24.07 -15.29
C SER B 18 44.92 24.49 -14.48
N ALA B 19 44.84 24.26 -13.16
CA ALA B 19 45.94 24.60 -12.28
C ALA B 19 47.15 23.70 -12.58
N ALA B 20 48.33 24.25 -12.32
CA ALA B 20 49.56 23.50 -12.56
C ALA B 20 49.64 22.28 -11.64
N GLY B 21 50.15 21.18 -12.18
CA GLY B 21 50.25 19.94 -11.42
C GLY B 21 48.91 19.34 -11.05
N SER B 22 47.97 19.30 -11.98
CA SER B 22 46.65 18.79 -11.71
C SER B 22 46.46 17.42 -12.36
N PRO B 23 45.68 16.53 -11.73
CA PRO B 23 45.43 15.22 -12.33
C PRO B 23 44.63 15.35 -13.62
N SER B 24 44.85 14.40 -14.53
CA SER B 24 44.16 14.40 -15.81
C SER B 24 44.14 12.98 -16.34
N ALA B 25 43.24 12.73 -17.29
CA ALA B 25 43.10 11.45 -17.96
C ALA B 25 43.26 11.64 -19.47
N GLN B 26 43.04 10.56 -20.22
CA GLN B 26 43.25 10.59 -21.65
C GLN B 26 42.19 11.46 -22.34
N PRO B 27 42.56 12.14 -23.42
CA PRO B 27 41.58 12.93 -24.17
C PRO B 27 40.53 12.04 -24.82
N LEU B 28 39.35 12.61 -25.03
CA LEU B 28 38.23 11.85 -25.56
C LEU B 28 38.39 11.58 -27.05
N GLY B 29 38.83 12.57 -27.83
CA GLY B 29 38.95 12.37 -29.26
C GLY B 29 39.95 11.30 -29.62
N GLN B 30 41.11 11.29 -28.95
CA GLN B 30 42.11 10.26 -29.21
C GLN B 30 41.58 8.88 -28.85
N ALA B 31 40.87 8.77 -27.71
CA ALA B 31 40.31 7.48 -27.32
C ALA B 31 39.30 6.99 -28.33
N TRP B 32 38.40 7.87 -28.80
CA TRP B 32 37.41 7.46 -29.78
C TRP B 32 38.06 7.05 -31.10
N LEU B 33 39.06 7.81 -31.55
CA LEU B 33 39.73 7.48 -32.79
C LEU B 33 40.44 6.13 -32.70
N GLN B 34 41.13 5.88 -31.59
CA GLN B 34 41.81 4.60 -31.41
C GLN B 34 40.81 3.46 -31.33
N LEU B 35 39.69 3.67 -30.62
CA LEU B 35 38.67 2.64 -30.52
C LEU B 35 38.10 2.29 -31.89
N LEU B 36 37.84 3.30 -32.72
CA LEU B 36 37.32 3.04 -34.04
C LEU B 36 38.37 2.38 -34.95
N ASP B 37 39.64 2.76 -34.78
CA ASP B 37 40.69 2.13 -35.55
C ASP B 37 40.82 0.65 -35.22
N THR B 38 40.73 0.30 -33.93
CA THR B 38 40.84 -1.10 -33.54
C THR B 38 39.62 -1.92 -33.90
N ALA B 39 38.53 -1.29 -34.33
CA ALA B 39 37.33 -2.04 -34.70
C ALA B 39 37.58 -2.89 -35.94
N GLN B 40 37.10 -4.12 -35.90
CA GLN B 40 37.27 -5.04 -37.02
C GLN B 40 36.03 -5.84 -37.40
N GLU B 41 35.01 -5.92 -36.54
CA GLU B 41 33.82 -6.71 -36.84
C GLU B 41 32.57 -5.85 -36.98
N SER B 42 32.22 -5.07 -35.97
CA SER B 42 31.01 -4.27 -35.99
C SER B 42 31.10 -3.20 -34.92
N VAL B 43 30.36 -2.10 -35.14
CA VAL B 43 30.30 -0.99 -34.19
C VAL B 43 28.83 -0.68 -33.93
N HIS B 44 28.43 -0.72 -32.66
CA HIS B 44 27.08 -0.39 -32.25
C HIS B 44 27.12 0.86 -31.39
N VAL B 45 26.33 1.87 -31.75
CA VAL B 45 26.32 3.15 -31.06
C VAL B 45 24.88 3.57 -30.80
N ALA B 46 24.59 3.97 -29.56
CA ALA B 46 23.32 4.56 -29.20
C ALA B 46 23.59 6.00 -28.78
N SER B 47 22.91 6.95 -29.43
CA SER B 47 23.19 8.36 -29.23
C SER B 47 21.90 9.16 -29.18
N TYR B 48 21.94 10.28 -28.46
CA TYR B 48 20.79 11.17 -28.39
C TYR B 48 20.62 11.94 -29.69
N TYR B 49 21.70 12.46 -30.25
CA TYR B 49 21.64 13.24 -31.47
C TYR B 49 23.01 13.20 -32.13
N TRP B 50 23.04 13.60 -33.41
CA TRP B 50 24.28 13.62 -34.19
C TRP B 50 24.47 15.02 -34.73
N SER B 51 25.60 15.64 -34.39
CA SER B 51 25.97 16.97 -34.88
C SER B 51 27.45 17.00 -35.22
N LEU B 52 27.91 15.98 -35.94
CA LEU B 52 29.35 15.79 -36.13
C LEU B 52 29.99 16.96 -36.87
N THR B 53 29.34 17.46 -37.91
CA THR B 53 29.91 18.54 -38.71
C THR B 53 29.32 19.88 -38.29
N GLY B 54 30.13 20.93 -38.45
CA GLY B 54 29.73 22.28 -38.14
C GLY B 54 28.52 22.79 -38.90
N PRO B 55 28.49 22.58 -40.23
CA PRO B 55 27.32 23.05 -40.99
C PRO B 55 26.00 22.44 -40.57
N ASP B 56 26.00 21.33 -39.82
CA ASP B 56 24.75 20.81 -39.29
C ASP B 56 24.06 21.84 -38.41
N ILE B 57 24.82 22.47 -37.51
CA ILE B 57 24.26 23.53 -36.67
C ILE B 57 23.98 24.76 -37.51
N GLY B 58 24.90 25.13 -38.38
CA GLY B 58 24.84 26.36 -39.13
C GLY B 58 25.95 27.34 -38.81
N VAL B 59 26.88 26.98 -37.93
CA VAL B 59 27.98 27.85 -37.57
C VAL B 59 29.18 27.53 -38.45
N ASN B 60 30.12 28.47 -38.51
CA ASN B 60 31.35 28.34 -39.30
C ASN B 60 32.52 28.58 -38.35
N ASP B 61 33.01 27.52 -37.72
CA ASP B 61 34.09 27.60 -36.76
C ASP B 61 35.11 26.51 -37.04
N SER B 62 36.35 26.75 -36.61
CA SER B 62 37.43 25.80 -36.78
C SER B 62 37.49 24.76 -35.67
N SER B 63 36.58 24.83 -34.69
CA SER B 63 36.58 23.88 -33.58
C SER B 63 35.86 22.59 -33.92
N SER B 64 35.27 22.47 -35.10
CA SER B 64 34.58 21.27 -35.54
C SER B 64 35.48 20.33 -36.32
N GLN B 65 36.79 20.62 -36.37
CA GLN B 65 37.72 19.79 -37.13
C GLN B 65 37.72 18.36 -36.62
N LEU B 66 37.73 18.18 -35.30
CA LEU B 66 37.61 16.83 -34.75
C LEU B 66 36.29 16.20 -35.15
N GLY B 67 35.24 17.00 -35.27
CA GLY B 67 33.95 16.45 -35.65
C GLY B 67 33.95 15.87 -37.05
N GLU B 68 34.42 16.63 -38.04
CA GLU B 68 34.40 16.02 -39.37
C GLU B 68 35.51 15.00 -39.55
N ALA B 69 36.58 15.06 -38.75
CA ALA B 69 37.54 13.97 -38.75
C ALA B 69 36.89 12.68 -38.28
N LEU B 70 36.08 12.75 -37.23
CA LEU B 70 35.35 11.58 -36.77
C LEU B 70 34.37 11.10 -37.83
N LEU B 71 33.69 12.03 -38.50
CA LEU B 71 32.74 11.62 -39.53
C LEU B 71 33.42 10.92 -40.69
N GLN B 72 34.55 11.45 -41.16
CA GLN B 72 35.26 10.80 -42.26
C GLN B 72 35.88 9.48 -41.81
N LYS B 73 36.27 9.38 -40.53
CA LYS B 73 36.72 8.08 -40.01
C LYS B 73 35.57 7.07 -40.05
N LEU B 74 34.37 7.50 -39.68
CA LEU B 74 33.21 6.61 -39.78
C LEU B 74 32.97 6.18 -41.22
N GLN B 75 33.07 7.13 -42.16
CA GLN B 75 32.86 6.81 -43.57
C GLN B 75 33.88 5.80 -44.07
N GLN B 76 35.16 6.01 -43.73
CA GLN B 76 36.19 5.08 -44.18
C GLN B 76 36.07 3.73 -43.50
N LEU B 77 35.55 3.69 -42.27
CA LEU B 77 35.24 2.41 -41.63
C LEU B 77 34.13 1.69 -42.37
N LEU B 78 33.09 2.43 -42.78
CA LEU B 78 32.02 1.84 -43.57
C LEU B 78 32.53 1.37 -44.92
N GLY B 79 33.59 2.00 -45.44
CA GLY B 79 34.17 1.57 -46.69
C GLY B 79 34.97 0.29 -46.60
N ARG B 80 35.23 -0.19 -45.38
CA ARG B 80 35.95 -1.42 -45.16
C ARG B 80 35.03 -2.60 -44.88
N ASN B 81 33.74 -2.46 -45.18
CA ASN B 81 32.75 -3.51 -44.99
C ASN B 81 32.68 -3.96 -43.53
N ILE B 82 32.31 -3.01 -42.66
CA ILE B 82 32.14 -3.25 -41.23
C ILE B 82 30.72 -2.90 -40.87
N SER B 83 30.04 -3.81 -40.18
CA SER B 83 28.66 -3.56 -39.77
C SER B 83 28.60 -2.36 -38.83
N LEU B 84 27.51 -1.60 -38.94
CA LEU B 84 27.36 -0.38 -38.16
C LEU B 84 25.88 -0.17 -37.89
N ALA B 85 25.51 -0.11 -36.62
CA ALA B 85 24.13 0.10 -36.20
C ALA B 85 24.04 1.32 -35.31
N VAL B 86 23.06 2.17 -35.57
CA VAL B 86 22.84 3.39 -34.79
C VAL B 86 21.40 3.38 -34.28
N ALA B 87 21.24 3.59 -32.98
CA ALA B 87 19.94 3.77 -32.36
C ALA B 87 19.86 5.19 -31.82
N THR B 88 18.86 5.95 -32.27
CA THR B 88 18.71 7.34 -31.87
C THR B 88 17.24 7.61 -31.53
N SER B 89 17.03 8.60 -30.67
CA SER B 89 15.69 8.96 -30.25
C SER B 89 14.92 9.59 -31.40
N SER B 90 13.64 9.22 -31.51
CA SER B 90 12.78 9.84 -32.52
C SER B 90 12.63 11.34 -32.31
N PRO B 91 12.35 11.85 -31.10
CA PRO B 91 12.37 13.33 -30.96
C PRO B 91 13.80 13.83 -30.80
N THR B 92 14.54 13.83 -31.91
CA THR B 92 15.93 14.21 -31.91
C THR B 92 16.08 15.69 -31.59
N LEU B 93 17.32 16.09 -31.32
CA LEU B 93 17.60 17.45 -30.87
C LEU B 93 18.00 18.37 -32.03
N ALA B 94 19.06 18.00 -32.75
CA ALA B 94 19.50 18.78 -33.92
C ALA B 94 18.79 18.21 -35.14
N ARG B 95 17.74 18.89 -35.58
CA ARG B 95 16.89 18.40 -36.65
C ARG B 95 17.38 18.81 -38.04
N THR B 96 18.43 19.62 -38.13
CA THR B 96 18.97 20.05 -39.41
C THR B 96 20.21 19.28 -39.83
N SER B 97 20.65 18.31 -39.03
CA SER B 97 21.86 17.57 -39.33
C SER B 97 21.60 16.52 -40.41
N THR B 98 22.65 16.22 -41.18
CA THR B 98 22.57 15.24 -42.26
C THR B 98 23.55 14.09 -42.08
N ASP B 99 24.18 13.96 -40.90
CA ASP B 99 25.15 12.90 -40.70
C ASP B 99 24.49 11.52 -40.77
N LEU B 100 23.32 11.38 -40.15
CA LEU B 100 22.64 10.08 -40.16
C LEU B 100 22.26 9.67 -41.57
N GLN B 101 21.73 10.61 -42.37
CA GLN B 101 21.36 10.29 -43.74
C GLN B 101 22.58 9.90 -44.57
N VAL B 102 23.70 10.62 -44.39
CA VAL B 102 24.91 10.32 -45.15
C VAL B 102 25.42 8.93 -44.77
N LEU B 103 25.45 8.61 -43.48
CA LEU B 103 25.93 7.31 -43.04
C LEU B 103 25.02 6.19 -43.53
N ALA B 104 23.70 6.42 -43.50
CA ALA B 104 22.76 5.41 -43.99
C ALA B 104 22.95 5.18 -45.49
N ALA B 105 23.18 6.26 -46.24
CA ALA B 105 23.44 6.11 -47.68
C ALA B 105 24.74 5.36 -47.92
N ARG B 106 25.73 5.56 -47.05
CA ARG B 106 27.00 4.87 -47.22
C ARG B 106 26.88 3.38 -46.95
N GLY B 107 25.91 2.97 -46.14
CA GLY B 107 25.69 1.55 -45.91
C GLY B 107 25.30 1.18 -44.50
N ALA B 108 25.36 2.13 -43.57
CA ALA B 108 25.02 1.85 -42.19
C ALA B 108 23.51 1.73 -42.02
N HIS B 109 23.11 1.01 -40.98
CA HIS B 109 21.71 0.83 -40.63
C HIS B 109 21.39 1.69 -39.42
N VAL B 110 20.40 2.57 -39.55
CA VAL B 110 20.01 3.51 -38.50
C VAL B 110 18.53 3.32 -38.22
N ARG B 111 18.18 3.20 -36.94
CA ARG B 111 16.80 3.05 -36.51
C ARG B 111 16.47 4.14 -35.51
N GLN B 112 15.33 4.80 -35.71
CA GLN B 112 14.86 5.85 -34.81
C GLN B 112 13.96 5.23 -33.76
N VAL B 113 14.44 5.20 -32.51
CA VAL B 113 13.64 4.66 -31.42
C VAL B 113 12.55 5.66 -31.07
N PRO B 114 11.27 5.27 -31.14
CA PRO B 114 10.18 6.20 -30.82
C PRO B 114 10.00 6.38 -29.32
N MET B 115 11.07 6.85 -28.66
CA MET B 115 11.05 6.94 -27.21
C MET B 115 10.01 7.94 -26.71
N GLY B 116 9.70 8.95 -27.52
CA GLY B 116 8.71 9.94 -27.14
C GLY B 116 7.28 9.44 -27.17
N ARG B 117 7.02 8.37 -27.92
CA ARG B 117 5.68 7.79 -27.95
C ARG B 117 5.53 6.63 -26.98
N LEU B 118 6.59 5.85 -26.77
CA LEU B 118 6.50 4.69 -25.91
C LEU B 118 6.33 5.08 -24.44
N THR B 119 7.17 6.00 -23.96
CA THR B 119 7.16 6.39 -22.56
C THR B 119 7.11 7.90 -22.35
N ARG B 120 6.82 8.67 -23.40
CA ARG B 120 6.81 10.14 -23.33
C ARG B 120 8.16 10.67 -22.84
N GLY B 121 9.23 10.13 -23.38
CA GLY B 121 10.57 10.56 -23.02
C GLY B 121 11.52 10.64 -24.19
N VAL B 122 12.83 10.55 -23.92
CA VAL B 122 13.85 10.59 -24.96
C VAL B 122 14.88 9.52 -24.66
N LEU B 123 15.65 9.16 -25.69
CA LEU B 123 16.72 8.17 -25.57
C LEU B 123 18.00 8.93 -25.26
N HIS B 124 18.24 9.18 -23.98
CA HIS B 124 19.41 9.94 -23.55
C HIS B 124 20.66 9.09 -23.43
N SER B 125 20.57 7.78 -23.63
CA SER B 125 21.73 6.91 -23.46
C SER B 125 22.77 7.19 -24.53
N LYS B 126 24.04 7.20 -24.11
CA LYS B 126 25.16 7.46 -25.01
C LYS B 126 26.27 6.47 -24.69
N PHE B 127 26.39 5.42 -25.50
CA PHE B 127 27.43 4.43 -25.31
C PHE B 127 27.71 3.72 -26.63
N TRP B 128 28.87 3.08 -26.70
CA TRP B 128 29.29 2.30 -27.85
C TRP B 128 29.54 0.86 -27.44
N VAL B 129 29.43 -0.04 -28.40
CA VAL B 129 29.82 -1.44 -28.25
C VAL B 129 30.60 -1.80 -29.51
N VAL B 130 31.92 -1.76 -29.43
CA VAL B 130 32.79 -1.94 -30.59
C VAL B 130 33.27 -3.36 -30.62
N ASP B 131 33.08 -4.05 -31.76
CA ASP B 131 33.63 -5.42 -31.95
C ASP B 131 33.20 -6.37 -30.84
N GLY B 132 32.10 -6.10 -30.15
CA GLY B 132 31.65 -7.04 -29.13
C GLY B 132 32.65 -7.31 -28.03
N ARG B 133 33.76 -6.57 -27.99
CA ARG B 133 34.76 -6.71 -26.94
C ARG B 133 35.07 -5.39 -26.24
N HIS B 134 35.12 -4.29 -26.99
CA HIS B 134 35.45 -2.98 -26.44
C HIS B 134 34.19 -2.12 -26.38
N ILE B 135 34.01 -1.42 -25.28
CA ILE B 135 32.85 -0.56 -25.07
C ILE B 135 33.31 0.83 -24.65
N TYR B 136 32.42 1.79 -24.85
CA TYR B 136 32.60 3.15 -24.35
C TYR B 136 31.33 3.57 -23.64
N MET B 137 31.48 4.24 -22.49
CA MET B 137 30.34 4.73 -21.73
C MET B 137 30.70 6.08 -21.15
N GLY B 138 29.82 7.05 -21.32
CA GLY B 138 30.09 8.39 -20.81
C GLY B 138 28.95 9.33 -21.11
N SER B 139 29.18 10.60 -20.79
CA SER B 139 28.19 11.65 -20.98
C SER B 139 28.33 12.35 -22.33
N ALA B 140 29.35 12.02 -23.11
CA ALA B 140 29.58 12.71 -24.38
C ALA B 140 28.58 12.26 -25.43
N ASN B 141 28.32 13.18 -26.35
CA ASN B 141 27.39 12.89 -27.47
C ASN B 141 28.19 12.90 -28.77
N MET B 142 27.58 12.44 -29.85
CA MET B 142 28.20 12.44 -31.17
C MET B 142 28.14 13.86 -31.72
N ASP B 143 29.07 14.69 -31.24
CA ASP B 143 29.05 16.10 -31.57
C ASP B 143 30.44 16.68 -31.35
N TRP B 144 30.83 17.61 -32.24
CA TRP B 144 32.14 18.23 -32.12
C TRP B 144 32.22 19.12 -30.88
N ARG B 145 31.09 19.67 -30.45
CA ARG B 145 31.07 20.49 -29.24
C ARG B 145 31.46 19.66 -28.02
N SER B 146 30.97 18.41 -27.95
CA SER B 146 31.35 17.53 -26.86
C SER B 146 32.83 17.20 -26.88
N LEU B 147 33.51 17.42 -28.00
CA LEU B 147 34.94 17.16 -28.11
C LEU B 147 35.78 18.40 -27.84
N THR B 148 35.28 19.59 -28.17
CA THR B 148 36.08 20.80 -28.07
C THR B 148 35.45 21.94 -27.29
N GLN B 149 34.19 21.83 -26.86
CA GLN B 149 33.54 22.96 -26.21
C GLN B 149 32.90 22.58 -24.88
N VAL B 150 32.48 21.33 -24.74
CA VAL B 150 31.75 20.87 -23.56
C VAL B 150 32.65 19.93 -22.78
N LYS B 151 32.79 20.17 -21.48
CA LYS B 151 33.64 19.32 -20.65
C LYS B 151 32.93 18.00 -20.38
N GLU B 152 33.59 16.90 -20.73
CA GLU B 152 33.01 15.57 -20.67
C GLU B 152 33.76 14.71 -19.67
N LEU B 153 33.24 13.49 -19.48
CA LEU B 153 33.86 12.49 -18.57
C LEU B 153 33.21 11.13 -18.85
N GLY B 154 34.01 10.13 -19.23
CA GLY B 154 33.46 8.82 -19.56
C GLY B 154 34.46 7.72 -19.27
N ALA B 155 34.03 6.50 -19.50
CA ALA B 155 34.85 5.32 -19.28
C ALA B 155 34.83 4.45 -20.53
N VAL B 156 36.01 4.01 -20.96
CA VAL B 156 36.16 3.13 -22.10
C VAL B 156 36.88 1.87 -21.65
N ILE B 157 36.33 0.71 -22.02
CA ILE B 157 36.83 -0.59 -21.58
C ILE B 157 37.29 -1.37 -22.81
N TYR B 158 38.45 -2.02 -22.69
CA TYR B 158 39.03 -2.80 -23.76
C TYR B 158 39.11 -4.27 -23.38
N ASN B 159 38.79 -5.14 -24.32
CA ASN B 159 39.02 -6.58 -24.20
C ASN B 159 38.31 -7.16 -22.98
N CYS B 160 37.01 -6.90 -22.87
CA CYS B 160 36.24 -7.30 -21.70
C CYS B 160 34.91 -7.92 -22.14
N SER B 161 34.99 -8.91 -23.02
CA SER B 161 33.85 -9.50 -23.73
C SER B 161 32.58 -9.67 -22.91
N HIS B 162 32.71 -10.05 -21.64
CA HIS B 162 31.52 -10.26 -20.81
C HIS B 162 30.74 -8.96 -20.63
N LEU B 163 31.43 -7.90 -20.20
CA LEU B 163 30.76 -6.61 -20.05
C LEU B 163 30.29 -6.07 -21.40
N ALA B 164 31.03 -6.37 -22.46
CA ALA B 164 30.62 -5.94 -23.79
C ALA B 164 29.28 -6.57 -24.17
N GLN B 165 29.13 -7.87 -23.93
CA GLN B 165 27.85 -8.51 -24.21
C GLN B 165 26.75 -8.03 -23.27
N ASP B 166 27.10 -7.73 -22.02
CA ASP B 166 26.11 -7.19 -21.09
C ASP B 166 25.55 -5.87 -21.62
N LEU B 167 26.41 -4.99 -22.12
CA LEU B 167 25.94 -3.74 -22.70
C LEU B 167 25.23 -3.97 -24.02
N GLU B 168 25.69 -4.95 -24.80
CA GLU B 168 25.05 -5.26 -26.07
C GLU B 168 23.62 -5.73 -25.86
N LYS B 169 23.32 -6.35 -24.71
CA LYS B 169 21.94 -6.72 -24.43
C LYS B 169 21.04 -5.49 -24.37
N THR B 170 21.48 -4.45 -23.66
CA THR B 170 20.70 -3.22 -23.61
C THR B 170 20.60 -2.58 -24.99
N PHE B 171 21.70 -2.58 -25.74
CA PHE B 171 21.64 -2.04 -27.10
C PHE B 171 20.65 -2.82 -27.95
N GLN B 172 20.55 -4.13 -27.73
CA GLN B 172 19.60 -4.94 -28.49
C GLN B 172 18.17 -4.63 -28.09
N THR B 173 17.93 -4.34 -26.81
CA THR B 173 16.61 -3.87 -26.41
C THR B 173 16.25 -2.59 -27.15
N TYR B 174 17.20 -1.65 -27.21
CA TYR B 174 16.97 -0.41 -27.95
C TYR B 174 16.69 -0.71 -29.42
N TRP B 175 17.44 -1.65 -30.00
CA TRP B 175 17.30 -1.97 -31.42
C TRP B 175 15.94 -2.58 -31.73
N VAL B 176 15.53 -3.58 -30.95
CA VAL B 176 14.25 -4.22 -31.19
C VAL B 176 13.09 -3.29 -30.88
N LEU B 177 13.29 -2.29 -30.01
CA LEU B 177 12.25 -1.28 -29.83
C LEU B 177 12.16 -0.31 -30.99
N GLY B 178 13.17 -0.26 -31.86
CA GLY B 178 13.18 0.65 -32.99
C GLY B 178 12.44 0.18 -34.22
N VAL B 179 11.92 -1.03 -34.21
CA VAL B 179 11.13 -1.53 -35.36
C VAL B 179 9.87 -0.69 -35.50
N PRO B 180 9.47 -0.32 -36.72
CA PRO B 180 8.25 0.48 -36.88
C PRO B 180 7.04 -0.25 -36.32
N LYS B 181 6.16 0.51 -35.69
CA LYS B 181 4.95 -0.02 -35.04
C LYS B 181 5.30 -1.11 -34.04
N ALA B 182 6.06 -0.72 -33.02
CA ALA B 182 6.49 -1.62 -31.96
C ALA B 182 5.91 -1.15 -30.63
N VAL B 183 5.75 -2.09 -29.70
CA VAL B 183 5.18 -1.81 -28.38
C VAL B 183 6.07 -2.46 -27.32
N LEU B 184 5.89 -1.99 -26.09
CA LEU B 184 6.69 -2.50 -24.98
C LEU B 184 6.27 -3.93 -24.65
N PRO B 185 7.16 -4.91 -24.72
CA PRO B 185 6.80 -6.25 -24.25
C PRO B 185 6.50 -6.24 -22.76
N LYS B 186 5.49 -7.01 -22.36
CA LYS B 186 5.16 -7.11 -20.94
C LYS B 186 6.31 -7.72 -20.15
N THR B 187 6.85 -8.82 -20.66
CA THR B 187 8.05 -9.44 -20.09
C THR B 187 9.06 -9.64 -21.21
N TRP B 188 10.27 -9.15 -21.00
CA TRP B 188 11.30 -9.29 -22.01
C TRP B 188 11.73 -10.76 -22.13
N PRO B 189 12.04 -11.23 -23.33
CA PRO B 189 12.44 -12.63 -23.49
C PRO B 189 13.75 -12.91 -22.78
N GLN B 190 14.09 -14.20 -22.70
CA GLN B 190 15.30 -14.61 -22.00
C GLN B 190 16.52 -14.45 -22.90
N ASN B 191 16.69 -13.27 -23.47
CA ASN B 191 17.87 -12.94 -24.27
C ASN B 191 18.48 -11.65 -23.73
N PHE B 192 17.63 -10.75 -23.26
CA PHE B 192 18.07 -9.47 -22.72
C PHE B 192 18.33 -9.49 -21.23
N SER B 193 18.09 -10.63 -20.57
CA SER B 193 18.35 -10.72 -19.14
C SER B 193 19.84 -10.60 -18.88
N SER B 194 20.20 -9.74 -17.92
CA SER B 194 21.59 -9.47 -17.61
C SER B 194 22.11 -10.46 -16.57
N HIS B 195 23.30 -11.00 -16.82
CA HIS B 195 23.91 -11.95 -15.90
C HIS B 195 24.67 -11.29 -14.76
N PHE B 196 24.87 -9.97 -14.81
CA PHE B 196 25.56 -9.23 -13.77
C PHE B 196 24.66 -8.11 -13.27
N ASN B 197 24.59 -7.95 -11.96
CA ASN B 197 23.76 -6.90 -11.37
C ASN B 197 24.43 -6.43 -10.08
N ARG B 198 23.67 -5.70 -9.26
CA ARG B 198 24.25 -5.02 -8.10
C ARG B 198 24.79 -6.02 -7.08
N PHE B 199 24.06 -7.09 -6.81
CA PHE B 199 24.48 -8.07 -5.83
C PHE B 199 25.33 -9.18 -6.41
N GLN B 200 25.42 -9.28 -7.73
CA GLN B 200 26.30 -10.23 -8.40
C GLN B 200 27.09 -9.49 -9.47
N PRO B 201 28.05 -8.67 -9.07
CA PRO B 201 28.84 -7.91 -10.04
C PRO B 201 29.80 -8.81 -10.80
N PHE B 202 30.31 -8.28 -11.91
CA PHE B 202 31.29 -9.00 -12.72
C PHE B 202 32.65 -8.87 -12.06
N HIS B 203 33.16 -9.98 -11.53
CA HIS B 203 34.49 -10.01 -10.92
C HIS B 203 35.53 -10.24 -12.00
N GLY B 204 36.62 -9.48 -11.95
CA GLY B 204 37.68 -9.63 -12.93
C GLY B 204 38.97 -9.03 -12.43
N LEU B 205 40.03 -9.26 -13.20
CA LEU B 205 41.36 -8.75 -12.89
C LEU B 205 41.72 -7.71 -13.96
N PHE B 206 41.44 -6.45 -13.65
CA PHE B 206 41.73 -5.35 -14.56
C PHE B 206 43.18 -4.94 -14.36
N ASP B 207 44.05 -5.36 -15.29
CA ASP B 207 45.48 -5.08 -15.22
C ASP B 207 46.08 -5.54 -13.88
N GLY B 208 45.67 -6.73 -13.45
CA GLY B 208 46.18 -7.26 -12.19
C GLY B 208 45.60 -6.62 -10.95
N VAL B 209 44.44 -5.98 -11.06
CA VAL B 209 43.78 -5.33 -9.94
C VAL B 209 42.38 -5.92 -9.82
N PRO B 210 41.97 -6.41 -8.66
CA PRO B 210 40.60 -6.92 -8.51
C PRO B 210 39.59 -5.82 -8.77
N THR B 211 38.47 -6.19 -9.41
CA THR B 211 37.47 -5.22 -9.81
C THR B 211 36.10 -5.88 -9.82
N THR B 212 35.10 -5.16 -9.33
CA THR B 212 33.71 -5.56 -9.41
C THR B 212 32.95 -4.47 -10.17
N ALA B 213 32.25 -4.87 -11.22
CA ALA B 213 31.55 -3.91 -12.07
C ALA B 213 30.19 -4.46 -12.47
N TYR B 214 29.24 -3.56 -12.67
CA TYR B 214 27.92 -3.92 -13.18
C TYR B 214 27.30 -2.70 -13.83
N PHE B 215 26.28 -2.93 -14.64
CA PHE B 215 25.63 -1.89 -15.43
C PHE B 215 24.22 -1.65 -14.94
N SER B 216 23.80 -0.40 -14.97
CA SER B 216 22.45 0.00 -14.56
C SER B 216 21.71 0.58 -15.75
N ALA B 217 20.40 0.36 -15.78
CA ALA B 217 19.57 0.79 -16.88
C ALA B 217 18.30 1.47 -16.37
N SER B 218 17.74 2.32 -17.21
CA SER B 218 16.50 3.03 -16.93
C SER B 218 15.85 3.39 -18.26
N PRO B 219 14.53 3.58 -18.29
CA PRO B 219 13.54 3.52 -17.20
C PRO B 219 13.18 2.09 -16.82
N PRO B 220 12.42 1.88 -15.75
CA PRO B 220 12.03 0.51 -15.37
C PRO B 220 11.27 -0.23 -16.47
N ALA B 221 10.54 0.49 -17.32
CA ALA B 221 9.82 -0.17 -18.40
C ALA B 221 10.76 -0.83 -19.40
N LEU B 222 12.01 -0.40 -19.47
CA LEU B 222 12.99 -0.97 -20.39
C LEU B 222 14.05 -1.80 -19.68
N CYS B 223 13.82 -2.19 -18.43
CA CYS B 223 14.80 -2.97 -17.69
C CYS B 223 14.42 -4.44 -17.77
N PRO B 224 15.22 -5.29 -18.40
CA PRO B 224 14.95 -6.72 -18.40
C PRO B 224 15.18 -7.32 -17.03
N GLN B 225 14.79 -8.58 -16.88
CA GLN B 225 14.99 -9.29 -15.62
C GLN B 225 16.48 -9.43 -15.33
N GLY B 226 16.84 -9.23 -14.07
CA GLY B 226 18.23 -9.33 -13.66
C GLY B 226 19.07 -8.09 -13.89
N ARG B 227 18.47 -7.02 -14.40
CA ARG B 227 19.19 -5.77 -14.65
C ARG B 227 18.82 -4.77 -13.56
N THR B 228 19.82 -4.32 -12.81
CA THR B 228 19.57 -3.36 -11.75
C THR B 228 19.20 -2.01 -12.35
N ARG B 229 18.21 -1.35 -11.74
CA ARG B 229 17.78 -0.05 -12.22
C ARG B 229 18.78 1.03 -11.84
N ASP B 230 18.77 2.12 -12.59
CA ASP B 230 19.70 3.21 -12.34
C ASP B 230 19.43 3.84 -10.97
N LEU B 231 18.16 4.01 -10.61
CA LEU B 231 17.83 4.63 -9.33
C LEU B 231 18.34 3.80 -8.16
N GLU B 232 18.14 2.49 -8.22
CA GLU B 232 18.63 1.64 -7.13
C GLU B 232 20.15 1.60 -7.07
N ALA B 233 20.81 1.62 -8.23
CA ALA B 233 22.27 1.69 -8.23
C ALA B 233 22.76 2.96 -7.57
N LEU B 234 22.13 4.09 -7.91
CA LEU B 234 22.50 5.37 -7.29
C LEU B 234 22.26 5.34 -5.79
N LEU B 235 21.09 4.83 -5.39
CA LEU B 235 20.76 4.77 -3.97
C LEU B 235 21.72 3.88 -3.21
N ALA B 236 22.09 2.73 -3.78
CA ALA B 236 23.04 1.84 -3.13
C ALA B 236 24.41 2.48 -3.00
N VAL B 237 24.87 3.17 -4.06
CA VAL B 237 26.17 3.83 -3.99
C VAL B 237 26.17 4.90 -2.91
N MET B 238 25.10 5.69 -2.82
CA MET B 238 25.05 6.74 -1.82
C MET B 238 24.91 6.18 -0.41
N GLY B 239 24.08 5.15 -0.23
CA GLY B 239 23.84 4.60 1.09
C GLY B 239 24.97 3.74 1.63
N SER B 240 25.80 3.19 0.75
CA SER B 240 26.94 2.40 1.20
C SER B 240 28.12 3.28 1.61
N ALA B 241 28.01 4.59 1.46
CA ALA B 241 29.09 5.50 1.79
C ALA B 241 29.35 5.50 3.29
N GLN B 242 30.63 5.63 3.66
CA GLN B 242 31.01 5.79 5.05
C GLN B 242 31.88 7.01 5.33
N GLU B 243 32.51 7.59 4.31
CA GLU B 243 33.39 8.74 4.50
C GLU B 243 32.90 9.98 3.77
N PHE B 244 32.62 9.89 2.48
CA PHE B 244 32.24 11.08 1.72
C PHE B 244 31.42 10.67 0.51
N ILE B 245 30.73 11.65 -0.06
CA ILE B 245 30.00 11.49 -1.31
C ILE B 245 30.28 12.70 -2.20
N TYR B 246 31.14 12.53 -3.18
CA TYR B 246 31.49 13.61 -4.10
C TYR B 246 30.71 13.39 -5.40
N ALA B 247 29.83 14.31 -5.73
CA ALA B 247 28.97 14.18 -6.91
C ALA B 247 29.02 15.46 -7.73
N SER B 248 28.87 15.30 -9.04
CA SER B 248 28.87 16.43 -9.96
C SER B 248 27.93 16.11 -11.11
N VAL B 249 26.92 16.96 -11.31
CA VAL B 249 25.95 16.78 -12.39
C VAL B 249 25.76 18.12 -13.10
N MET B 250 25.31 18.04 -14.35
CA MET B 250 25.05 19.25 -15.10
C MET B 250 23.88 20.03 -14.53
N GLU B 251 22.84 19.33 -14.08
CA GLU B 251 21.63 19.99 -13.59
C GLU B 251 20.93 19.05 -12.62
N TYR B 252 20.52 19.62 -11.47
CA TYR B 252 19.89 18.76 -10.42
C TYR B 252 18.88 19.52 -9.57
N PHE B 253 17.65 19.02 -9.49
CA PHE B 253 16.60 19.55 -8.62
C PHE B 253 15.53 18.49 -8.42
N PRO B 254 14.91 18.45 -7.24
CA PRO B 254 13.96 17.37 -6.90
C PRO B 254 12.55 17.59 -7.43
N THR B 255 12.45 17.92 -8.72
CA THR B 255 11.16 18.20 -9.35
C THR B 255 11.07 17.46 -10.68
N THR B 256 9.84 17.24 -11.12
CA THR B 256 9.57 16.71 -12.44
C THR B 256 9.53 17.85 -13.45
N ARG B 257 10.25 17.69 -14.57
CA ARG B 257 10.45 18.78 -15.51
C ARG B 257 9.41 18.79 -16.64
N PHE B 258 9.36 17.73 -17.44
CA PHE B 258 8.61 17.73 -18.67
C PHE B 258 7.30 16.95 -18.58
N SER B 259 6.85 16.65 -17.37
CA SER B 259 5.56 16.00 -17.14
C SER B 259 4.68 16.95 -16.33
N HIS B 260 3.47 17.18 -16.82
CA HIS B 260 2.56 18.08 -16.13
C HIS B 260 1.44 17.30 -15.47
N PRO B 261 1.01 17.69 -14.25
CA PRO B 261 1.50 18.80 -13.45
C PRO B 261 2.83 18.48 -12.77
N PRO B 262 3.63 19.49 -12.45
CA PRO B 262 4.90 19.24 -11.76
C PRO B 262 4.67 18.63 -10.39
N ARG B 263 5.60 17.76 -9.99
CA ARG B 263 5.53 17.08 -8.71
C ARG B 263 6.89 17.08 -8.05
N TYR B 264 6.89 16.98 -6.73
CA TYR B 264 8.13 16.89 -5.99
C TYR B 264 8.73 15.50 -6.11
N TRP B 265 10.05 15.44 -6.29
CA TRP B 265 10.77 14.18 -6.46
C TRP B 265 11.94 14.18 -5.48
N PRO B 266 11.67 13.93 -4.21
CA PRO B 266 12.67 14.19 -3.16
C PRO B 266 13.64 13.05 -2.86
N VAL B 267 13.56 11.96 -3.63
CA VAL B 267 14.37 10.73 -3.39
C VAL B 267 15.87 11.00 -3.34
N LEU B 268 16.48 11.55 -4.40
CA LEU B 268 17.95 11.72 -4.41
C LEU B 268 18.35 12.73 -3.32
N ASP B 269 17.52 13.74 -3.08
CA ASP B 269 17.80 14.77 -2.03
C ASP B 269 17.71 14.10 -0.66
N ASN B 270 16.64 13.36 -0.39
CA ASN B 270 16.46 12.68 0.92
C ASN B 270 17.65 11.74 1.14
N ALA B 271 18.09 11.04 0.10
CA ALA B 271 19.20 10.06 0.22
C ALA B 271 20.50 10.79 0.54
N LEU B 272 20.63 12.02 0.06
CA LEU B 272 21.80 12.84 0.38
C LEU B 272 21.76 13.35 1.81
N ARG B 273 20.63 13.92 2.21
CA ARG B 273 20.51 14.46 3.57
C ARG B 273 20.58 13.34 4.61
N ALA B 274 19.93 12.21 4.33
CA ALA B 274 19.96 11.09 5.28
C ALA B 274 21.38 10.59 5.48
N ALA B 275 22.14 10.44 4.40
CA ALA B 275 23.53 10.04 4.54
C ALA B 275 24.31 11.07 5.35
N ALA B 276 24.23 12.35 4.94
CA ALA B 276 25.03 13.39 5.57
C ALA B 276 24.70 13.56 7.04
N PHE B 277 23.47 13.24 7.44
CA PHE B 277 23.07 13.40 8.83
C PHE B 277 23.35 12.14 9.65
N GLY B 278 22.75 11.02 9.26
CA GLY B 278 22.90 9.80 10.04
C GLY B 278 24.32 9.26 10.05
N LYS B 279 24.97 9.22 8.88
CA LYS B 279 26.28 8.62 8.80
C LYS B 279 27.42 9.64 8.87
N GLY B 280 27.11 10.93 8.86
CA GLY B 280 28.14 11.95 8.96
C GLY B 280 29.15 11.92 7.84
N VAL B 281 28.68 11.79 6.60
CA VAL B 281 29.55 11.72 5.43
C VAL B 281 29.64 13.10 4.81
N ARG B 282 30.86 13.54 4.51
CA ARG B 282 31.07 14.85 3.90
C ARG B 282 30.52 14.83 2.47
N VAL B 283 29.38 15.48 2.26
CA VAL B 283 28.73 15.52 0.96
C VAL B 283 29.15 16.78 0.23
N ARG B 284 29.67 16.60 -0.99
CA ARG B 284 30.06 17.71 -1.85
C ARG B 284 29.32 17.56 -3.18
N LEU B 285 28.70 18.64 -3.65
CA LEU B 285 27.89 18.60 -4.85
C LEU B 285 28.33 19.70 -5.79
N LEU B 286 28.54 19.36 -7.06
CA LEU B 286 28.88 20.30 -8.11
C LEU B 286 27.77 20.33 -9.15
N VAL B 287 27.46 21.52 -9.64
CA VAL B 287 26.44 21.71 -10.67
C VAL B 287 27.00 22.63 -11.74
N GLY B 288 26.38 22.55 -12.92
CA GLY B 288 26.81 23.34 -14.07
C GLY B 288 25.91 24.55 -14.26
N CYS B 289 26.54 25.71 -14.36
CA CYS B 289 25.84 26.97 -14.61
C CYS B 289 26.26 27.48 -15.99
N GLY B 290 25.28 27.78 -16.83
CA GLY B 290 25.53 28.27 -18.17
C GLY B 290 24.45 29.23 -18.60
N LEU B 291 24.58 29.72 -19.83
CA LEU B 291 23.62 30.67 -20.36
C LEU B 291 22.24 30.05 -20.56
N ASN B 292 22.15 28.72 -20.63
CA ASN B 292 20.89 28.02 -20.76
C ASN B 292 20.40 27.43 -19.44
N THR B 293 21.09 27.72 -18.33
CA THR B 293 20.70 27.18 -17.04
C THR B 293 19.38 27.79 -16.58
N ASP B 294 18.53 26.96 -15.98
CA ASP B 294 17.28 27.45 -15.42
C ASP B 294 17.56 28.11 -14.08
N PRO B 295 17.23 29.38 -13.89
CA PRO B 295 17.51 30.04 -12.60
C PRO B 295 16.72 29.48 -11.44
N THR B 296 15.62 28.77 -11.69
CA THR B 296 14.80 28.24 -10.61
C THR B 296 15.47 27.09 -9.87
N MET B 297 16.58 26.57 -10.39
CA MET B 297 17.26 25.45 -9.74
C MET B 297 17.94 25.88 -8.44
N PHE B 298 18.38 27.13 -8.37
CA PHE B 298 19.24 27.56 -7.27
C PHE B 298 18.63 27.43 -5.87
N PRO B 299 17.36 27.76 -5.63
CA PRO B 299 16.85 27.65 -4.24
C PRO B 299 17.01 26.27 -3.62
N TYR B 300 16.85 25.19 -4.41
CA TYR B 300 17.06 23.86 -3.86
C TYR B 300 18.51 23.66 -3.43
N LEU B 301 19.45 24.14 -4.24
CA LEU B 301 20.87 24.07 -3.86
C LEU B 301 21.13 24.88 -2.61
N ARG B 302 20.48 26.04 -2.49
CA ARG B 302 20.66 26.87 -1.29
C ARG B 302 20.12 26.18 -0.06
N SER B 303 19.00 25.46 -0.19
CA SER B 303 18.49 24.68 0.93
C SER B 303 19.46 23.58 1.33
N LEU B 304 19.99 22.86 0.34
CA LEU B 304 20.95 21.81 0.64
C LEU B 304 22.18 22.37 1.33
N GLN B 305 22.64 23.55 0.89
CA GLN B 305 23.75 24.21 1.56
C GLN B 305 23.39 24.60 2.98
N ALA B 306 22.15 25.06 3.19
CA ALA B 306 21.69 25.46 4.51
C ALA B 306 21.58 24.26 5.46
N LEU B 307 21.51 23.04 4.94
CA LEU B 307 21.60 21.87 5.81
C LEU B 307 22.89 21.85 6.63
N SER B 308 23.95 22.49 6.12
CA SER B 308 25.27 22.36 6.73
C SER B 308 25.28 22.86 8.17
N ASN B 309 25.97 22.12 9.03
CA ASN B 309 26.12 22.47 10.44
C ASN B 309 27.37 21.80 10.98
N PRO B 310 28.52 22.46 10.94
CA PRO B 310 29.76 21.81 11.38
C PRO B 310 29.74 21.37 12.84
N ALA B 311 29.05 22.10 13.71
CA ALA B 311 29.03 21.75 15.12
C ALA B 311 28.26 20.47 15.40
N ALA B 312 27.43 20.02 14.47
CA ALA B 312 26.63 18.81 14.64
C ALA B 312 27.06 17.70 13.69
N ASN B 313 28.28 17.78 13.17
CA ASN B 313 28.84 16.76 12.27
C ASN B 313 28.01 16.59 11.01
N VAL B 314 27.34 17.65 10.57
CA VAL B 314 26.61 17.66 9.31
C VAL B 314 27.35 18.61 8.38
N SER B 315 27.94 18.07 7.32
CA SER B 315 28.78 18.84 6.41
C SER B 315 28.29 18.65 4.98
N VAL B 316 27.58 19.64 4.46
CA VAL B 316 27.11 19.65 3.08
C VAL B 316 27.60 20.93 2.42
N ASP B 317 28.27 20.80 1.28
CA ASP B 317 28.80 21.93 0.53
C ASP B 317 28.38 21.81 -0.92
N VAL B 318 27.88 22.92 -1.48
CA VAL B 318 27.42 22.95 -2.86
C VAL B 318 28.11 24.10 -3.58
N LYS B 319 28.66 23.82 -4.76
CA LYS B 319 29.27 24.83 -5.61
C LYS B 319 28.75 24.67 -7.02
N VAL B 320 28.93 25.72 -7.82
CA VAL B 320 28.55 25.70 -9.23
C VAL B 320 29.82 25.84 -10.07
N PHE B 321 29.73 25.38 -11.31
CA PHE B 321 30.84 25.41 -12.24
C PHE B 321 30.55 26.42 -13.35
N ILE B 322 31.48 27.33 -13.57
CA ILE B 322 31.35 28.38 -14.58
C ILE B 322 32.43 28.15 -15.63
N VAL B 323 32.02 28.01 -16.89
CA VAL B 323 32.94 27.88 -18.01
C VAL B 323 32.94 29.20 -18.77
N PRO B 324 34.05 29.94 -18.82
CA PRO B 324 34.05 31.24 -19.49
C PRO B 324 33.79 31.09 -20.98
N VAL B 325 32.78 31.79 -21.47
CA VAL B 325 32.44 31.73 -22.89
C VAL B 325 33.57 32.31 -23.74
N GLY B 326 34.11 33.46 -23.33
CA GLY B 326 35.17 34.09 -24.10
C GLY B 326 34.70 34.43 -25.50
N ASN B 327 35.51 34.06 -26.49
CA ASN B 327 35.16 34.29 -27.89
C ASN B 327 34.05 33.38 -28.37
N HIS B 328 33.85 32.23 -27.72
CA HIS B 328 32.93 31.21 -28.20
C HIS B 328 31.50 31.57 -27.75
N SER B 329 30.95 32.58 -28.42
CA SER B 329 29.58 33.00 -28.17
C SER B 329 28.62 32.65 -29.29
N ASN B 330 29.12 32.41 -30.51
CA ASN B 330 28.25 32.10 -31.63
C ASN B 330 27.69 30.68 -31.53
N ILE B 331 28.51 29.74 -31.09
CA ILE B 331 28.06 28.34 -31.01
C ILE B 331 27.05 28.20 -29.87
N PRO B 332 25.91 27.56 -30.10
CA PRO B 332 24.90 27.43 -29.04
C PRO B 332 25.05 26.15 -28.24
N PHE B 333 24.56 26.21 -26.99
CA PHE B 333 24.54 25.08 -26.08
C PHE B 333 25.93 24.48 -25.90
N SER B 334 26.86 25.32 -25.46
CA SER B 334 28.24 24.93 -25.28
C SER B 334 28.79 25.57 -24.00
N ARG B 335 30.04 25.26 -23.70
CA ARG B 335 30.75 25.79 -22.53
C ARG B 335 29.97 25.50 -21.25
N VAL B 336 29.65 24.22 -21.06
CA VAL B 336 28.91 23.75 -19.91
C VAL B 336 29.61 22.52 -19.34
N ASN B 337 29.68 22.45 -18.01
CA ASN B 337 30.19 21.26 -17.34
C ASN B 337 29.14 20.17 -17.44
N HIS B 338 29.33 19.25 -18.38
CA HIS B 338 28.31 18.19 -18.64
C HIS B 338 28.68 16.86 -17.97
N SER B 339 29.69 16.85 -17.10
CA SER B 339 30.03 15.63 -16.39
C SER B 339 28.92 15.22 -15.45
N LYS B 340 28.57 13.94 -15.46
CA LYS B 340 27.54 13.37 -14.58
C LYS B 340 28.10 12.13 -13.94
N PHE B 341 28.53 12.24 -12.69
CA PHE B 341 29.12 11.11 -11.97
C PHE B 341 29.15 11.43 -10.48
N MET B 342 29.36 10.39 -9.68
CA MET B 342 29.79 10.57 -8.31
C MET B 342 30.85 9.54 -7.97
N VAL B 343 31.68 9.86 -6.99
CA VAL B 343 32.74 8.99 -6.51
C VAL B 343 32.63 8.87 -5.00
N THR B 344 32.71 7.64 -4.50
CA THR B 344 32.73 7.36 -3.08
C THR B 344 34.08 6.74 -2.71
N GLU B 345 34.35 6.69 -1.41
CA GLU B 345 35.58 6.04 -0.95
C GLU B 345 35.57 4.54 -1.25
N LYS B 346 34.41 3.96 -1.53
CA LYS B 346 34.28 2.54 -1.83
C LYS B 346 34.08 2.28 -3.32
N ALA B 347 33.12 2.94 -3.94
CA ALA B 347 32.75 2.68 -5.32
C ALA B 347 32.98 3.92 -6.17
N ALA B 348 32.55 3.85 -7.43
CA ALA B 348 32.67 4.97 -8.36
C ALA B 348 31.61 4.80 -9.43
N TYR B 349 30.67 5.74 -9.48
CA TYR B 349 29.54 5.68 -10.40
C TYR B 349 29.77 6.67 -11.53
N ILE B 350 29.65 6.18 -12.77
CA ILE B 350 29.78 7.02 -13.97
C ILE B 350 28.48 6.86 -14.74
N GLY B 351 27.64 7.90 -14.71
CA GLY B 351 26.32 7.84 -15.30
C GLY B 351 26.21 8.64 -16.58
N THR B 352 25.01 8.61 -17.14
CA THR B 352 24.66 9.33 -18.35
C THR B 352 23.53 10.33 -18.14
N SER B 353 22.49 9.94 -17.43
CA SER B 353 21.35 10.81 -17.21
C SER B 353 21.64 11.83 -16.12
N ASN B 354 20.83 12.89 -16.10
CA ASN B 354 20.92 13.91 -15.06
C ASN B 354 20.19 13.41 -13.82
N TRP B 355 19.95 14.31 -12.86
CA TRP B 355 19.31 13.96 -11.60
C TRP B 355 17.95 14.64 -11.56
N SER B 356 16.94 13.97 -12.11
CA SER B 356 15.57 14.48 -12.11
C SER B 356 14.62 13.30 -12.25
N GLU B 357 13.34 13.56 -12.00
CA GLU B 357 12.34 12.49 -12.03
C GLU B 357 12.22 11.85 -13.41
N ASP B 358 12.23 12.68 -14.45
CA ASP B 358 12.03 12.15 -15.81
C ASP B 358 13.17 11.24 -16.22
N TYR B 359 14.40 11.58 -15.84
CA TYR B 359 15.55 10.78 -16.24
C TYR B 359 15.50 9.37 -15.65
N PHE B 360 14.80 9.19 -14.53
CA PHE B 360 14.70 7.90 -13.87
C PHE B 360 13.30 7.30 -13.96
N SER B 361 12.37 7.94 -14.65
CA SER B 361 11.03 7.37 -14.78
C SER B 361 10.58 7.27 -16.22
N SER B 362 11.03 8.20 -17.08
CA SER B 362 10.51 8.25 -18.44
C SER B 362 11.62 8.27 -19.48
N THR B 363 12.77 8.84 -19.14
CA THR B 363 13.86 9.03 -20.09
C THR B 363 14.85 7.89 -19.97
N ALA B 364 15.19 7.29 -21.10
CA ALA B 364 16.15 6.17 -21.10
C ALA B 364 17.53 6.65 -20.67
N GLY B 365 18.19 5.84 -19.85
CA GLY B 365 19.52 6.16 -19.38
C GLY B 365 20.29 4.88 -19.09
N VAL B 366 21.57 5.06 -18.79
CA VAL B 366 22.46 3.94 -18.52
C VAL B 366 23.59 4.43 -17.64
N GLY B 367 24.15 3.53 -16.83
CA GLY B 367 25.25 3.88 -15.96
C GLY B 367 25.96 2.64 -15.47
N LEU B 368 27.20 2.83 -15.05
CA LEU B 368 28.04 1.71 -14.61
C LEU B 368 28.68 2.06 -13.27
N VAL B 369 28.90 1.04 -12.45
CA VAL B 369 29.51 1.16 -11.13
C VAL B 369 30.72 0.25 -11.07
N VAL B 370 31.84 0.78 -10.62
CA VAL B 370 33.06 0.00 -10.48
C VAL B 370 33.61 0.17 -9.07
N THR B 371 34.37 -0.83 -8.63
CA THR B 371 34.98 -0.84 -7.30
C THR B 371 36.29 -1.60 -7.40
N GLN B 372 37.40 -0.89 -7.41
CA GLN B 372 38.72 -1.50 -7.57
C GLN B 372 39.40 -1.53 -6.21
N SER B 373 39.37 -2.68 -5.55
CA SER B 373 40.11 -2.84 -4.32
C SER B 373 41.61 -2.85 -4.61
N PRO B 374 42.43 -2.42 -3.64
CA PRO B 374 43.88 -2.43 -3.87
C PRO B 374 44.39 -3.83 -4.17
N GLY B 375 45.33 -3.90 -5.10
CA GLY B 375 45.85 -5.19 -5.55
C GLY B 375 47.29 -5.43 -5.19
N ALA B 376 48.02 -6.13 -6.06
CA ALA B 376 49.41 -6.48 -5.83
C ALA B 376 50.39 -5.42 -6.32
N GLN B 377 49.90 -4.33 -6.92
CA GLN B 377 50.76 -3.26 -7.41
C GLN B 377 50.53 -2.00 -6.56
N PRO B 378 51.42 -1.70 -5.61
CA PRO B 378 51.26 -0.47 -4.83
C PRO B 378 51.31 0.79 -5.67
N ALA B 379 52.09 0.76 -6.76
CA ALA B 379 52.21 1.96 -7.61
C ALA B 379 50.88 2.31 -8.27
N GLY B 380 50.12 1.30 -8.70
CA GLY B 380 48.87 1.56 -9.36
C GLY B 380 47.85 2.22 -8.44
N ALA B 381 47.01 3.06 -9.05
CA ALA B 381 45.97 3.78 -8.34
C ALA B 381 44.60 3.30 -8.82
N THR B 382 43.69 3.11 -7.87
CA THR B 382 42.38 2.58 -8.19
C THR B 382 41.54 3.64 -8.92
N VAL B 383 40.41 3.20 -9.48
CA VAL B 383 39.58 4.09 -10.27
C VAL B 383 38.91 5.14 -9.39
N GLN B 384 38.48 4.75 -8.18
CA GLN B 384 37.83 5.72 -7.30
C GLN B 384 38.80 6.81 -6.88
N GLU B 385 40.07 6.45 -6.66
CA GLU B 385 41.07 7.45 -6.32
C GLU B 385 41.25 8.45 -7.46
N GLN B 386 41.30 7.97 -8.70
CA GLN B 386 41.44 8.86 -9.84
C GLN B 386 40.22 9.77 -9.97
N LEU B 387 39.01 9.22 -9.78
CA LEU B 387 37.82 10.05 -9.85
C LEU B 387 37.81 11.11 -8.76
N ARG B 388 38.23 10.74 -7.54
CA ARG B 388 38.30 11.71 -6.46
C ARG B 388 39.33 12.80 -6.75
N GLN B 389 40.46 12.41 -7.34
CA GLN B 389 41.46 13.41 -7.70
C GLN B 389 40.93 14.37 -8.74
N LEU B 390 40.20 13.87 -9.74
CA LEU B 390 39.60 14.76 -10.74
C LEU B 390 38.57 15.68 -10.09
N PHE B 391 37.76 15.15 -9.17
CA PHE B 391 36.77 15.97 -8.49
C PHE B 391 37.43 17.07 -7.66
N GLU B 392 38.51 16.74 -6.96
CA GLU B 392 39.21 17.74 -6.17
C GLU B 392 39.89 18.77 -7.05
N ARG B 393 40.40 18.35 -8.22
CA ARG B 393 40.94 19.33 -9.16
C ARG B 393 39.86 20.28 -9.64
N ASP B 394 38.66 19.76 -9.91
CA ASP B 394 37.55 20.61 -10.31
C ASP B 394 37.17 21.59 -9.21
N TRP B 395 37.11 21.12 -7.96
CA TRP B 395 36.72 21.98 -6.86
C TRP B 395 37.75 23.07 -6.61
N SER B 396 39.03 22.68 -6.54
CA SER B 396 40.08 23.64 -6.26
C SER B 396 40.27 24.66 -7.38
N SER B 397 39.73 24.38 -8.56
CA SER B 397 39.86 25.31 -9.68
C SER B 397 39.08 26.59 -9.40
N ARG B 398 39.56 27.69 -9.99
CA ARG B 398 38.92 28.98 -9.81
C ARG B 398 37.58 29.07 -10.52
N TYR B 399 37.25 28.11 -11.38
CA TYR B 399 35.98 28.13 -12.09
C TYR B 399 34.81 27.69 -11.22
N ALA B 400 35.06 27.17 -10.02
CA ALA B 400 34.02 26.74 -9.12
C ALA B 400 33.77 27.84 -8.09
N VAL B 401 32.56 28.38 -8.10
CA VAL B 401 32.17 29.48 -7.22
C VAL B 401 31.02 29.01 -6.34
N GLY B 402 31.10 29.35 -5.05
CA GLY B 402 30.06 28.99 -4.11
C GLY B 402 28.75 29.68 -4.42
N LEU B 403 27.69 29.20 -3.77
CA LEU B 403 26.36 29.75 -4.01
C LEU B 403 26.27 31.20 -3.57
N ASP B 404 26.94 31.56 -2.47
CA ASP B 404 26.91 32.93 -2.00
C ASP B 404 27.59 33.87 -2.99
N GLY B 405 28.71 33.45 -3.56
CA GLY B 405 29.45 34.29 -4.49
C GLY B 405 28.76 34.48 -5.82
N GLN B 406 28.25 35.70 -6.05
CA GLN B 406 27.54 36.04 -7.29
C GLN B 406 28.14 37.31 -7.89
N ALA B 407 29.47 37.36 -7.95
CA ALA B 407 30.16 38.54 -8.46
C ALA B 407 29.87 38.72 -9.96
N PRO B 408 29.84 39.97 -10.43
CA PRO B 408 29.63 40.20 -11.86
C PRO B 408 30.80 39.67 -12.68
N GLY B 409 30.49 39.29 -13.92
CA GLY B 409 31.45 38.70 -14.83
C GLY B 409 31.28 37.22 -15.06
N GLN B 410 30.59 36.53 -14.15
CA GLN B 410 30.31 35.11 -14.35
C GLN B 410 29.28 34.94 -15.47
N ASP B 411 29.53 33.97 -16.35
CA ASP B 411 28.74 33.80 -17.56
C ASP B 411 27.66 32.73 -17.35
N CYS B 412 26.73 33.02 -16.44
CA CYS B 412 25.54 32.19 -16.28
C CYS B 412 24.45 33.03 -15.62
N VAL B 413 23.23 32.52 -15.69
CA VAL B 413 22.05 33.32 -15.35
C VAL B 413 22.06 33.69 -13.87
N TRP B 414 22.52 32.79 -13.00
CA TRP B 414 22.50 32.98 -11.55
C TRP B 414 21.08 33.24 -11.06
N GLN B 415 20.83 34.46 -10.57
CA GLN B 415 19.49 34.79 -10.08
C GLN B 415 18.47 34.77 -11.21
N GLY B 416 18.84 35.32 -12.37
CA GLY B 416 17.93 35.36 -13.51
C GLY B 416 16.73 36.25 -13.29
N SER C 3 29.13 -22.91 -9.85
CA SER C 3 29.02 -24.32 -10.21
C SER C 3 27.87 -24.98 -9.47
N CYS C 4 26.78 -24.25 -9.29
CA CYS C 4 25.62 -24.78 -8.60
C CYS C 4 25.01 -25.95 -9.36
N GLN C 5 24.53 -26.95 -8.62
CA GLN C 5 23.84 -28.09 -9.19
C GLN C 5 22.57 -28.32 -8.38
N LEU C 6 21.41 -28.20 -9.03
CA LEU C 6 20.13 -28.42 -8.39
C LEU C 6 19.55 -29.75 -8.88
N VAL C 7 19.31 -30.66 -7.95
CA VAL C 7 18.72 -31.96 -8.28
C VAL C 7 17.50 -32.16 -7.39
N LEU C 8 16.35 -32.42 -8.01
CA LEU C 8 15.14 -32.68 -7.26
C LEU C 8 15.24 -34.02 -6.54
N VAL C 9 14.79 -34.06 -5.30
CA VAL C 9 14.87 -35.25 -4.48
C VAL C 9 13.50 -35.55 -3.89
N GLU C 10 13.23 -36.84 -3.72
CA GLU C 10 11.95 -37.29 -3.18
C GLU C 10 12.12 -38.69 -2.62
N SER C 11 11.17 -39.08 -1.78
CA SER C 11 11.15 -40.40 -1.17
C SER C 11 9.82 -41.09 -1.46
N ILE C 12 9.89 -42.36 -1.81
CA ILE C 12 8.72 -43.17 -2.12
C ILE C 12 8.53 -44.18 -1.00
N PRO C 13 7.38 -44.21 -0.33
CA PRO C 13 7.18 -45.19 0.73
C PRO C 13 7.15 -46.61 0.19
N GLN C 14 7.55 -47.55 1.04
CA GLN C 14 7.50 -48.95 0.67
C GLN C 14 6.05 -49.41 0.50
N ASP C 15 5.88 -50.48 -0.27
CA ASP C 15 4.56 -51.03 -0.60
C ASP C 15 3.70 -50.03 -1.34
N LEU C 16 4.32 -49.13 -2.11
CA LEU C 16 3.62 -48.15 -2.93
C LEU C 16 4.19 -48.18 -4.34
N PRO C 17 3.89 -49.23 -5.11
CA PRO C 17 4.41 -49.32 -6.47
C PRO C 17 3.81 -48.26 -7.37
N SER C 18 4.59 -47.85 -8.37
CA SER C 18 4.17 -46.87 -9.37
C SER C 18 3.98 -47.56 -10.72
N ALA C 19 3.38 -46.83 -11.64
CA ALA C 19 3.17 -47.35 -12.99
C ALA C 19 4.51 -47.52 -13.70
N ALA C 20 4.55 -48.49 -14.62
CA ALA C 20 5.77 -48.77 -15.36
C ALA C 20 6.16 -47.59 -16.23
N GLY C 21 7.44 -47.24 -16.19
CA GLY C 21 7.95 -46.13 -16.97
C GLY C 21 7.65 -44.76 -16.40
N SER C 22 7.14 -44.69 -15.18
CA SER C 22 6.81 -43.41 -14.59
C SER C 22 8.08 -42.62 -14.27
N PRO C 23 8.03 -41.30 -14.36
CA PRO C 23 9.20 -40.49 -13.98
C PRO C 23 9.53 -40.66 -12.51
N SER C 24 10.82 -40.57 -12.20
CA SER C 24 11.31 -40.72 -10.84
C SER C 24 12.50 -39.80 -10.63
N ALA C 25 12.75 -39.48 -9.37
CA ALA C 25 13.86 -38.62 -8.97
C ALA C 25 14.77 -39.37 -8.01
N GLN C 26 15.79 -38.66 -7.52
CA GLN C 26 16.77 -39.27 -6.63
C GLN C 26 16.12 -39.61 -5.29
N PRO C 27 16.41 -40.79 -4.73
CA PRO C 27 15.87 -41.13 -3.42
C PRO C 27 16.38 -40.19 -2.34
N LEU C 28 15.54 -39.94 -1.34
CA LEU C 28 15.88 -38.98 -0.29
C LEU C 28 17.01 -39.50 0.59
N GLY C 29 17.00 -40.80 0.91
CA GLY C 29 18.02 -41.34 1.79
C GLY C 29 19.42 -41.24 1.22
N GLN C 30 19.57 -41.55 -0.07
CA GLN C 30 20.87 -41.44 -0.71
C GLN C 30 21.37 -40.01 -0.70
N ALA C 31 20.49 -39.05 -1.01
CA ALA C 31 20.88 -37.65 -1.01
C ALA C 31 21.31 -37.20 0.39
N TRP C 32 20.54 -37.59 1.41
CA TRP C 32 20.90 -37.20 2.77
C TRP C 32 22.23 -37.80 3.19
N LEU C 33 22.45 -39.09 2.87
CA LEU C 33 23.72 -39.72 3.23
C LEU C 33 24.89 -39.06 2.51
N GLN C 34 24.73 -38.75 1.22
CA GLN C 34 25.80 -38.08 0.48
C GLN C 34 26.07 -36.69 1.05
N LEU C 35 25.01 -35.96 1.40
CA LEU C 35 25.18 -34.64 1.98
C LEU C 35 25.93 -34.71 3.30
N LEU C 36 25.59 -35.68 4.15
CA LEU C 36 26.30 -35.84 5.41
C LEU C 36 27.75 -36.23 5.18
N ASP C 37 28.01 -37.10 4.20
CA ASP C 37 29.37 -37.53 3.94
C ASP C 37 30.24 -36.38 3.44
N THR C 38 29.69 -35.55 2.55
CA THR C 38 30.46 -34.44 1.99
C THR C 38 30.73 -33.33 3.00
N ALA C 39 30.07 -33.34 4.15
CA ALA C 39 30.28 -32.29 5.15
C ALA C 39 31.67 -32.39 5.75
N GLN C 40 32.36 -31.25 5.83
CA GLN C 40 33.67 -31.20 6.47
C GLN C 40 33.87 -30.02 7.40
N GLU C 41 33.00 -29.01 7.39
CA GLU C 41 33.16 -27.83 8.24
C GLU C 41 32.07 -27.73 9.30
N SER C 42 30.80 -27.70 8.89
CA SER C 42 29.71 -27.54 9.84
C SER C 42 28.41 -27.99 9.20
N VAL C 43 27.46 -28.37 10.03
CA VAL C 43 26.13 -28.77 9.60
C VAL C 43 25.11 -27.99 10.42
N HIS C 44 24.28 -27.20 9.74
CA HIS C 44 23.22 -26.44 10.39
C HIS C 44 21.88 -27.00 9.92
N VAL C 45 21.04 -27.43 10.86
CA VAL C 45 19.76 -28.03 10.55
C VAL C 45 18.69 -27.37 11.41
N ALA C 46 17.59 -26.96 10.78
CA ALA C 46 16.41 -26.46 11.47
C ALA C 46 15.29 -27.46 11.28
N SER C 47 14.71 -27.93 12.38
CA SER C 47 13.78 -29.03 12.33
C SER C 47 12.58 -28.76 13.23
N TYR C 48 11.49 -29.46 12.94
CA TYR C 48 10.29 -29.38 13.78
C TYR C 48 10.41 -30.31 14.98
N TYR C 49 10.83 -31.56 14.75
CA TYR C 49 11.02 -32.52 15.82
C TYR C 49 12.04 -33.56 15.35
N TRP C 50 12.52 -34.36 16.30
CA TRP C 50 13.55 -35.36 16.03
C TRP C 50 13.04 -36.72 16.46
N SER C 51 12.92 -37.64 15.50
CA SER C 51 12.44 -38.99 15.76
C SER C 51 13.27 -39.99 14.96
N LEU C 52 14.60 -39.82 15.00
CA LEU C 52 15.48 -40.64 14.17
C LEU C 52 15.39 -42.12 14.53
N THR C 53 15.36 -42.44 15.82
CA THR C 53 15.37 -43.83 16.25
C THR C 53 13.95 -44.36 16.39
N GLY C 54 13.77 -45.63 16.03
CA GLY C 54 12.50 -46.30 16.14
C GLY C 54 11.97 -46.39 17.57
N PRO C 55 12.81 -46.83 18.51
CA PRO C 55 12.34 -46.90 19.91
C PRO C 55 11.93 -45.57 20.51
N ASP C 56 12.37 -44.44 19.92
CA ASP C 56 11.95 -43.14 20.44
C ASP C 56 10.43 -42.99 20.37
N ILE C 57 9.84 -43.36 19.23
CA ILE C 57 8.39 -43.38 19.14
C ILE C 57 7.80 -44.46 20.05
N GLY C 58 8.44 -45.61 20.09
CA GLY C 58 7.99 -46.72 20.90
C GLY C 58 7.56 -47.95 20.13
N VAL C 59 7.90 -48.06 18.84
CA VAL C 59 7.52 -49.19 18.02
C VAL C 59 8.77 -49.74 17.34
N ASN C 60 8.91 -51.07 17.35
CA ASN C 60 10.02 -51.71 16.67
C ASN C 60 9.60 -52.17 15.28
N ASP C 61 10.40 -51.82 14.28
CA ASP C 61 10.10 -52.16 12.90
C ASP C 61 11.39 -52.17 12.11
N SER C 62 11.40 -52.94 11.02
CA SER C 62 12.56 -52.98 10.14
C SER C 62 12.74 -51.68 9.37
N SER C 63 11.69 -50.87 9.25
CA SER C 63 11.77 -49.61 8.51
C SER C 63 12.58 -48.55 9.25
N SER C 64 12.91 -48.76 10.52
CA SER C 64 13.70 -47.81 11.28
C SER C 64 15.20 -47.96 11.04
N GLN C 65 15.61 -48.92 10.22
CA GLN C 65 17.03 -49.12 9.95
C GLN C 65 17.64 -47.90 9.27
N LEU C 66 16.89 -47.26 8.38
CA LEU C 66 17.38 -46.04 7.74
C LEU C 66 17.63 -44.94 8.76
N GLY C 67 16.71 -44.78 9.71
CA GLY C 67 16.91 -43.79 10.76
C GLY C 67 18.10 -44.13 11.65
N GLU C 68 18.28 -45.42 11.95
CA GLU C 68 19.43 -45.84 12.73
C GLU C 68 20.73 -45.51 11.99
N ALA C 69 20.77 -45.78 10.69
CA ALA C 69 21.96 -45.47 9.89
C ALA C 69 22.22 -43.97 9.85
N LEU C 70 21.16 -43.18 9.72
CA LEU C 70 21.33 -41.72 9.72
C LEU C 70 21.88 -41.23 11.05
N LEU C 71 21.36 -41.76 12.16
CA LEU C 71 21.87 -41.36 13.47
C LEU C 71 23.33 -41.79 13.64
N GLN C 72 23.67 -42.99 13.16
CA GLN C 72 25.06 -43.44 13.23
C GLN C 72 25.98 -42.54 12.43
N LYS C 73 25.52 -42.15 11.24
CA LYS C 73 26.33 -41.22 10.40
C LYS C 73 26.52 -39.92 11.18
N LEU C 74 25.44 -39.37 11.74
CA LEU C 74 25.54 -38.12 12.47
C LEU C 74 26.53 -38.23 13.63
N GLN C 75 26.48 -39.34 14.37
CA GLN C 75 27.41 -39.54 15.46
C GLN C 75 28.85 -39.64 14.96
N GLN C 76 29.04 -40.32 13.82
CA GLN C 76 30.38 -40.39 13.24
C GLN C 76 30.89 -39.01 12.84
N LEU C 77 30.01 -38.19 12.26
CA LEU C 77 30.38 -36.82 11.94
C LEU C 77 30.77 -36.05 13.20
N LEU C 78 29.99 -36.22 14.27
CA LEU C 78 30.36 -35.58 15.54
C LEU C 78 31.71 -36.08 16.04
N GLY C 79 32.05 -37.32 15.73
CA GLY C 79 33.35 -37.85 16.13
C GLY C 79 34.52 -37.16 15.46
N ARG C 80 34.34 -36.70 14.21
CA ARG C 80 35.41 -36.10 13.43
C ARG C 80 35.50 -34.59 13.61
N ASN C 81 35.07 -34.10 14.78
CA ASN C 81 35.15 -32.65 15.12
C ASN C 81 34.42 -31.84 14.05
N ILE C 82 33.15 -32.15 13.84
CA ILE C 82 32.27 -31.44 12.92
C ILE C 82 31.23 -30.69 13.74
N SER C 83 31.17 -29.38 13.57
CA SER C 83 30.19 -28.58 14.29
C SER C 83 28.78 -28.88 13.80
N LEU C 84 27.85 -28.99 14.74
CA LEU C 84 26.45 -29.28 14.41
C LEU C 84 25.56 -28.41 15.29
N ALA C 85 24.84 -27.49 14.66
CA ALA C 85 23.91 -26.62 15.34
C ALA C 85 22.49 -27.00 14.97
N VAL C 86 21.62 -27.10 15.96
CA VAL C 86 20.25 -27.57 15.78
C VAL C 86 19.30 -26.55 16.35
N ALA C 87 18.29 -26.17 15.58
CA ALA C 87 17.22 -25.29 16.01
C ALA C 87 15.91 -26.07 16.02
N THR C 88 15.23 -26.09 17.16
CA THR C 88 13.98 -26.82 17.32
C THR C 88 12.97 -25.95 18.05
N SER C 89 11.71 -26.11 17.67
CA SER C 89 10.63 -25.38 18.34
C SER C 89 10.49 -25.86 19.78
N SER C 90 10.12 -24.93 20.66
CA SER C 90 9.89 -25.29 22.05
C SER C 90 8.76 -26.31 22.21
N PRO C 91 7.58 -26.14 21.58
CA PRO C 91 6.58 -27.21 21.67
C PRO C 91 6.79 -28.31 20.62
N THR C 92 7.72 -29.22 20.94
CA THR C 92 8.03 -30.32 20.04
C THR C 92 6.85 -31.28 19.92
N LEU C 93 6.86 -32.08 18.86
CA LEU C 93 5.79 -33.04 18.61
C LEU C 93 6.06 -34.36 19.33
N ALA C 94 7.19 -35.00 19.03
CA ALA C 94 7.56 -36.27 19.65
C ALA C 94 8.34 -35.97 20.91
N ARG C 95 7.66 -36.06 22.06
CA ARG C 95 8.31 -35.75 23.34
C ARG C 95 9.39 -36.77 23.69
N THR C 96 9.12 -38.05 23.43
CA THR C 96 10.07 -39.12 23.75
C THR C 96 11.13 -39.18 22.66
N SER C 97 12.13 -38.31 22.79
CA SER C 97 13.22 -38.22 21.80
C SER C 97 14.53 -38.10 22.56
N THR C 98 15.25 -39.22 22.66
CA THR C 98 16.55 -39.23 23.31
C THR C 98 17.71 -38.98 22.35
N ASP C 99 17.44 -38.90 21.05
CA ASP C 99 18.51 -38.67 20.08
C ASP C 99 19.15 -37.30 20.29
N LEU C 100 18.33 -36.28 20.58
CA LEU C 100 18.88 -34.95 20.82
C LEU C 100 19.79 -34.96 22.04
N GLN C 101 19.40 -35.66 23.10
CA GLN C 101 20.26 -35.78 24.27
C GLN C 101 21.55 -36.51 23.92
N VAL C 102 21.46 -37.55 23.09
CA VAL C 102 22.65 -38.29 22.69
C VAL C 102 23.63 -37.37 21.95
N LEU C 103 23.12 -36.60 20.99
CA LEU C 103 24.00 -35.71 20.24
C LEU C 103 24.54 -34.60 21.13
N ALA C 104 23.73 -34.08 22.06
CA ALA C 104 24.21 -33.05 22.97
C ALA C 104 25.35 -33.58 23.84
N ALA C 105 25.22 -34.82 24.30
CA ALA C 105 26.33 -35.45 25.02
C ALA C 105 27.54 -35.63 24.13
N ARG C 106 27.32 -35.98 22.86
CA ARG C 106 28.43 -36.14 21.93
C ARG C 106 29.07 -34.82 21.55
N GLY C 107 28.40 -33.69 21.78
CA GLY C 107 29.00 -32.40 21.49
C GLY C 107 28.21 -31.52 20.54
N ALA C 108 26.90 -31.72 20.46
CA ALA C 108 26.07 -30.91 19.58
C ALA C 108 25.82 -29.54 20.21
N HIS C 109 25.01 -28.73 19.53
CA HIS C 109 24.67 -27.38 19.96
C HIS C 109 23.17 -27.14 19.81
N VAL C 110 22.37 -28.08 20.33
CA VAL C 110 20.92 -28.00 20.18
C VAL C 110 20.39 -26.81 20.96
N ARG C 111 19.53 -26.01 20.32
CA ARG C 111 18.88 -24.87 20.95
C ARG C 111 17.39 -24.96 20.72
N GLN C 112 16.61 -24.70 21.76
CA GLN C 112 15.15 -24.77 21.69
C GLN C 112 14.61 -23.36 21.48
N VAL C 113 14.09 -23.09 20.29
CA VAL C 113 13.52 -21.79 19.97
C VAL C 113 12.13 -21.70 20.59
N PRO C 114 11.86 -20.71 21.42
CA PRO C 114 10.54 -20.58 22.06
C PRO C 114 9.53 -19.88 21.15
N MET C 115 9.24 -20.50 20.01
CA MET C 115 8.27 -19.92 19.09
C MET C 115 6.87 -19.89 19.69
N GLY C 116 6.56 -20.83 20.59
CA GLY C 116 5.24 -20.82 21.21
C GLY C 116 4.99 -19.58 22.04
N ARG C 117 6.00 -19.14 22.79
CA ARG C 117 5.84 -17.95 23.61
C ARG C 117 5.90 -16.66 22.79
N LEU C 118 6.72 -16.63 21.74
CA LEU C 118 6.95 -15.39 21.00
C LEU C 118 5.77 -15.04 20.11
N THR C 119 5.47 -15.90 19.13
CA THR C 119 4.44 -15.61 18.14
C THR C 119 3.28 -16.61 18.20
N ARG C 120 3.16 -17.36 19.29
CA ARG C 120 2.09 -18.35 19.46
C ARG C 120 2.09 -19.36 18.31
N GLY C 121 3.28 -19.76 17.87
CA GLY C 121 3.40 -20.70 16.78
C GLY C 121 4.47 -21.74 17.01
N VAL C 122 4.89 -22.43 15.95
CA VAL C 122 5.91 -23.46 16.02
C VAL C 122 6.91 -23.23 14.90
N LEU C 123 8.08 -23.84 15.05
CA LEU C 123 9.15 -23.75 14.05
C LEU C 123 8.98 -24.89 13.06
N HIS C 124 8.24 -24.63 11.99
CA HIS C 124 7.95 -25.64 10.98
C HIS C 124 9.02 -25.72 9.90
N SER C 125 10.06 -24.88 9.97
CA SER C 125 11.09 -24.88 8.95
C SER C 125 11.87 -26.18 8.96
N LYS C 126 12.16 -26.71 7.78
CA LYS C 126 12.93 -27.95 7.62
C LYS C 126 13.95 -27.72 6.51
N PHE C 127 15.18 -27.42 6.89
CA PHE C 127 16.23 -27.22 5.90
C PHE C 127 17.59 -27.47 6.53
N TRP C 128 18.56 -27.80 5.68
CA TRP C 128 19.94 -27.99 6.07
C TRP C 128 20.82 -26.97 5.37
N VAL C 129 21.94 -26.62 6.03
CA VAL C 129 22.99 -25.80 5.43
C VAL C 129 24.30 -26.49 5.77
N VAL C 130 24.81 -27.29 4.83
CA VAL C 130 26.00 -28.11 5.06
C VAL C 130 27.22 -27.39 4.52
N ASP C 131 28.24 -27.23 5.37
CA ASP C 131 29.53 -26.63 5.02
C ASP C 131 29.40 -25.19 4.53
N GLY C 132 28.23 -24.57 4.68
CA GLY C 132 28.02 -23.25 4.15
C GLY C 132 28.00 -23.18 2.64
N ARG C 133 27.94 -24.31 1.95
CA ARG C 133 27.88 -24.37 0.50
C ARG C 133 26.69 -25.16 -0.02
N HIS C 134 26.38 -26.29 0.60
CA HIS C 134 25.30 -27.16 0.16
C HIS C 134 24.10 -26.99 1.07
N ILE C 135 22.91 -26.99 0.48
CA ILE C 135 21.67 -26.85 1.24
C ILE C 135 20.73 -27.97 0.87
N TYR C 136 19.78 -28.23 1.77
CA TYR C 136 18.64 -29.09 1.49
C TYR C 136 17.37 -28.36 1.92
N MET C 137 16.37 -28.38 1.06
CA MET C 137 15.08 -27.76 1.35
C MET C 137 13.97 -28.71 0.98
N GLY C 138 13.04 -28.93 1.90
CA GLY C 138 11.95 -29.84 1.65
C GLY C 138 11.05 -29.93 2.86
N SER C 139 10.07 -30.81 2.76
CA SER C 139 9.09 -31.01 3.82
C SER C 139 9.44 -32.17 4.74
N ALA C 140 10.60 -32.79 4.54
CA ALA C 140 10.97 -34.00 5.29
C ALA C 140 11.73 -33.60 6.54
N ASN C 141 11.03 -33.54 7.67
CA ASN C 141 11.68 -33.48 8.95
C ASN C 141 12.38 -34.80 9.23
N MET C 142 13.51 -34.74 9.93
CA MET C 142 14.35 -35.92 10.10
C MET C 142 13.61 -36.95 10.93
N ASP C 143 13.18 -38.03 10.27
CA ASP C 143 12.38 -39.07 10.89
C ASP C 143 12.40 -40.27 9.98
N TRP C 144 12.61 -41.46 10.55
CA TRP C 144 12.66 -42.67 9.72
C TRP C 144 11.34 -42.92 9.02
N ARG C 145 10.23 -42.43 9.61
CA ARG C 145 8.94 -42.53 8.95
C ARG C 145 8.94 -41.76 7.64
N SER C 146 9.58 -40.59 7.63
CA SER C 146 9.68 -39.81 6.40
C SER C 146 10.49 -40.55 5.34
N LEU C 147 11.57 -41.21 5.76
CA LEU C 147 12.41 -41.93 4.81
C LEU C 147 11.69 -43.15 4.23
N THR C 148 10.93 -43.86 5.06
CA THR C 148 10.41 -45.16 4.66
C THR C 148 8.89 -45.23 4.52
N GLN C 149 8.13 -44.47 5.31
CA GLN C 149 6.69 -44.66 5.36
C GLN C 149 5.90 -43.42 4.98
N VAL C 150 6.56 -42.33 4.57
CA VAL C 150 5.88 -41.09 4.21
C VAL C 150 6.39 -40.64 2.85
N LYS C 151 5.47 -40.35 1.93
CA LYS C 151 5.85 -39.79 0.65
C LYS C 151 6.36 -38.37 0.84
N GLU C 152 7.47 -38.04 0.19
CA GLU C 152 8.16 -36.79 0.46
C GLU C 152 8.70 -36.22 -0.84
N LEU C 153 9.03 -34.93 -0.79
CA LEU C 153 9.66 -34.25 -1.91
C LEU C 153 10.41 -33.03 -1.39
N GLY C 154 11.62 -32.83 -1.92
CA GLY C 154 12.43 -31.70 -1.51
C GLY C 154 13.44 -31.37 -2.58
N ALA C 155 14.30 -30.40 -2.28
CA ALA C 155 15.33 -29.97 -3.22
C ALA C 155 16.65 -29.82 -2.48
N VAL C 156 17.72 -30.33 -3.07
CA VAL C 156 19.07 -30.18 -2.55
C VAL C 156 19.92 -29.48 -3.61
N ILE C 157 20.74 -28.53 -3.17
CA ILE C 157 21.57 -27.73 -4.05
C ILE C 157 23.01 -27.88 -3.60
N TYR C 158 23.91 -28.13 -4.57
CA TYR C 158 25.32 -28.36 -4.29
C TYR C 158 26.16 -27.21 -4.85
N ASN C 159 27.18 -26.83 -4.09
CA ASN C 159 28.22 -25.91 -4.58
C ASN C 159 27.61 -24.56 -5.02
N CYS C 160 26.79 -23.99 -4.15
CA CYS C 160 26.05 -22.75 -4.44
C CYS C 160 26.16 -21.79 -3.27
N SER C 161 27.39 -21.52 -2.84
CA SER C 161 27.65 -20.92 -1.52
C SER C 161 26.85 -19.65 -1.27
N HIS C 162 26.58 -18.86 -2.30
CA HIS C 162 25.84 -17.62 -2.09
C HIS C 162 24.43 -17.88 -1.59
N LEU C 163 23.71 -18.81 -2.23
CA LEU C 163 22.38 -19.18 -1.74
C LEU C 163 22.46 -19.85 -0.37
N ALA C 164 23.54 -20.57 -0.11
CA ALA C 164 23.74 -21.16 1.20
C ALA C 164 23.84 -20.10 2.27
N GLN C 165 24.57 -19.00 2.00
CA GLN C 165 24.62 -17.89 2.94
C GLN C 165 23.26 -17.23 3.08
N ASP C 166 22.51 -17.13 1.97
CA ASP C 166 21.18 -16.53 2.04
C ASP C 166 20.28 -17.32 2.98
N LEU C 167 20.34 -18.64 2.93
CA LEU C 167 19.57 -19.45 3.86
C LEU C 167 20.16 -19.44 5.27
N GLU C 168 21.48 -19.33 5.38
CA GLU C 168 22.13 -19.23 6.68
C GLU C 168 21.70 -17.97 7.40
N LYS C 169 21.30 -16.93 6.66
CA LYS C 169 20.76 -15.74 7.31
C LYS C 169 19.51 -16.07 8.12
N THR C 170 18.57 -16.80 7.51
CA THR C 170 17.36 -17.20 8.23
C THR C 170 17.70 -18.16 9.36
N PHE C 171 18.64 -19.08 9.13
CA PHE C 171 19.03 -19.97 10.21
C PHE C 171 19.63 -19.20 11.38
N GLN C 172 20.39 -18.15 11.09
CA GLN C 172 20.97 -17.32 12.14
C GLN C 172 19.89 -16.55 12.87
N THR C 173 18.85 -16.13 12.16
CA THR C 173 17.71 -15.52 12.83
C THR C 173 17.10 -16.49 13.84
N TYR C 174 16.85 -17.73 13.42
CA TYR C 174 16.30 -18.73 14.34
C TYR C 174 17.26 -18.98 15.51
N TRP C 175 18.56 -19.05 15.22
CA TRP C 175 19.55 -19.31 16.26
C TRP C 175 19.59 -18.20 17.29
N VAL C 176 19.56 -16.94 16.84
CA VAL C 176 19.58 -15.81 17.76
C VAL C 176 18.30 -15.79 18.59
N LEU C 177 17.16 -16.12 17.99
CA LEU C 177 15.93 -16.18 18.75
C LEU C 177 15.94 -17.26 19.82
N GLY C 178 16.86 -18.23 19.72
CA GLY C 178 16.94 -19.32 20.66
C GLY C 178 17.66 -19.04 21.96
N VAL C 179 18.24 -17.84 22.11
CA VAL C 179 18.93 -17.49 23.35
C VAL C 179 17.91 -17.44 24.49
N PRO C 180 18.22 -17.99 25.66
CA PRO C 180 17.26 -17.92 26.77
C PRO C 180 16.96 -16.48 27.16
N LYS C 181 15.69 -16.23 27.48
CA LYS C 181 15.21 -14.89 27.84
C LYS C 181 15.50 -13.89 26.72
N ALA C 182 14.87 -14.13 25.57
CA ALA C 182 15.03 -13.29 24.40
C ALA C 182 13.68 -12.85 23.88
N VAL C 183 13.65 -11.67 23.27
CA VAL C 183 12.42 -11.08 22.74
C VAL C 183 12.64 -10.72 21.27
N LEU C 184 11.53 -10.54 20.57
CA LEU C 184 11.59 -10.17 19.16
C LEU C 184 12.08 -8.74 19.02
N PRO C 185 13.17 -8.49 18.29
CA PRO C 185 13.60 -7.11 18.05
C PRO C 185 12.58 -6.35 17.22
N LYS C 186 12.48 -5.05 17.49
CA LYS C 186 11.57 -4.21 16.73
C LYS C 186 11.95 -4.18 15.25
N THR C 187 13.24 -4.05 14.97
CA THR C 187 13.77 -4.13 13.61
C THR C 187 15.02 -5.00 13.62
N TRP C 188 15.14 -5.85 12.61
CA TRP C 188 16.29 -6.73 12.53
C TRP C 188 17.53 -5.94 12.10
N PRO C 189 18.70 -6.32 12.59
CA PRO C 189 19.93 -5.60 12.22
C PRO C 189 20.26 -5.82 10.75
N GLN C 190 21.21 -5.03 10.26
CA GLN C 190 21.69 -5.15 8.89
C GLN C 190 22.40 -6.46 8.64
N ASN C 191 22.75 -7.20 9.70
CA ASN C 191 23.39 -8.50 9.53
C ASN C 191 22.48 -9.47 8.78
N PHE C 192 21.18 -9.47 9.11
CA PHE C 192 20.25 -10.46 8.59
C PHE C 192 19.54 -9.99 7.33
N SER C 193 19.88 -8.83 6.79
CA SER C 193 19.24 -8.36 5.57
C SER C 193 19.57 -9.28 4.41
N SER C 194 18.54 -9.65 3.65
CA SER C 194 18.69 -10.59 2.55
C SER C 194 19.16 -9.89 1.29
N HIS C 195 19.62 -10.68 0.32
CA HIS C 195 20.10 -10.17 -0.96
C HIS C 195 19.13 -10.43 -2.10
N PHE C 196 18.49 -11.59 -2.13
CA PHE C 196 17.66 -12.00 -3.26
C PHE C 196 16.20 -12.09 -2.83
N ASN C 197 15.33 -11.47 -3.61
CA ASN C 197 13.89 -11.54 -3.38
C ASN C 197 13.22 -11.75 -4.73
N ARG C 198 11.89 -11.63 -4.76
CA ARG C 198 11.15 -11.86 -6.03
C ARG C 198 11.61 -10.84 -7.09
N PHE C 199 12.00 -9.64 -6.65
CA PHE C 199 12.31 -8.58 -7.61
C PHE C 199 13.69 -8.76 -8.23
N GLN C 200 14.67 -9.23 -7.46
CA GLN C 200 16.03 -9.48 -7.94
C GLN C 200 16.44 -10.88 -7.50
N PRO C 201 15.99 -11.92 -8.22
CA PRO C 201 16.35 -13.29 -7.84
C PRO C 201 17.84 -13.57 -8.04
N PHE C 202 18.28 -14.78 -7.66
CA PHE C 202 19.67 -15.17 -7.79
C PHE C 202 19.88 -15.78 -9.17
N HIS C 203 20.70 -15.13 -9.99
CA HIS C 203 21.02 -15.65 -11.31
C HIS C 203 22.17 -16.63 -11.23
N GLY C 204 22.04 -17.75 -11.94
CA GLY C 204 23.08 -18.75 -11.94
C GLY C 204 22.92 -19.71 -13.09
N LEU C 205 24.03 -20.35 -13.44
CA LEU C 205 24.06 -21.35 -14.51
C LEU C 205 24.15 -22.72 -13.84
N PHE C 206 23.00 -23.30 -13.55
CA PHE C 206 22.93 -24.57 -12.83
C PHE C 206 23.14 -25.71 -13.83
N ASP C 207 24.35 -26.28 -13.82
CA ASP C 207 24.69 -27.41 -14.69
C ASP C 207 24.45 -27.09 -16.16
N GLY C 208 24.84 -25.88 -16.56
CA GLY C 208 24.67 -25.47 -17.94
C GLY C 208 23.27 -25.00 -18.30
N VAL C 209 22.41 -24.76 -17.32
CA VAL C 209 21.06 -24.28 -17.57
C VAL C 209 20.84 -22.99 -16.78
N PRO C 210 20.37 -21.92 -17.42
CA PRO C 210 20.09 -20.69 -16.66
C PRO C 210 19.03 -20.93 -15.60
N THR C 211 19.20 -20.29 -14.45
CA THR C 211 18.31 -20.52 -13.32
C THR C 211 18.21 -19.25 -12.49
N THR C 212 16.99 -18.93 -12.04
CA THR C 212 16.75 -17.86 -11.09
C THR C 212 16.05 -18.45 -9.87
N ALA C 213 16.58 -18.15 -8.68
CA ALA C 213 16.05 -18.73 -7.46
C ALA C 213 16.11 -17.71 -6.33
N TYR C 214 15.23 -17.89 -5.35
CA TYR C 214 15.23 -17.07 -4.14
C TYR C 214 14.43 -17.80 -3.08
N PHE C 215 14.55 -17.34 -1.84
CA PHE C 215 13.90 -17.96 -0.70
C PHE C 215 12.82 -17.05 -0.14
N SER C 216 12.10 -17.58 0.85
CA SER C 216 11.04 -16.86 1.53
C SER C 216 11.09 -17.18 3.02
N ALA C 217 10.42 -16.36 3.81
CA ALA C 217 10.43 -16.56 5.25
C ALA C 217 9.08 -16.15 5.84
N SER C 218 8.79 -16.70 7.01
CA SER C 218 7.58 -16.39 7.75
C SER C 218 7.82 -16.70 9.21
N PRO C 219 7.09 -16.06 10.13
CA PRO C 219 6.05 -15.03 9.95
C PRO C 219 6.66 -13.69 9.57
N PRO C 220 5.86 -12.69 9.20
CA PRO C 220 6.44 -11.37 8.89
C PRO C 220 7.18 -10.75 10.06
N ALA C 221 6.88 -11.16 11.29
CA ALA C 221 7.64 -10.67 12.43
C ALA C 221 9.09 -11.13 12.36
N LEU C 222 9.32 -12.36 11.90
CA LEU C 222 10.65 -12.92 11.78
C LEU C 222 11.29 -12.66 10.43
N CYS C 223 10.63 -11.94 9.54
CA CYS C 223 11.17 -11.65 8.23
C CYS C 223 12.01 -10.38 8.28
N PRO C 224 13.31 -10.45 8.02
CA PRO C 224 14.16 -9.26 8.07
C PRO C 224 13.95 -8.40 6.83
N GLN C 225 14.72 -7.32 6.77
CA GLN C 225 14.64 -6.39 5.64
C GLN C 225 15.17 -7.05 4.38
N GLY C 226 14.50 -6.80 3.26
CA GLY C 226 14.92 -7.32 1.98
C GLY C 226 14.51 -8.76 1.70
N ARG C 227 13.74 -9.37 2.59
CA ARG C 227 13.28 -10.74 2.41
C ARG C 227 11.81 -10.74 2.02
N THR C 228 11.47 -11.51 1.00
CA THR C 228 10.09 -11.60 0.56
C THR C 228 9.30 -12.57 1.42
N ARG C 229 8.08 -12.20 1.76
CA ARG C 229 7.22 -13.05 2.57
C ARG C 229 6.85 -14.32 1.81
N ASP C 230 6.63 -15.40 2.55
CA ASP C 230 6.21 -16.65 1.93
C ASP C 230 4.86 -16.49 1.24
N LEU C 231 3.92 -15.82 1.91
CA LEU C 231 2.62 -15.58 1.29
C LEU C 231 2.76 -14.68 0.07
N GLU C 232 3.60 -13.66 0.16
CA GLU C 232 3.82 -12.77 -0.98
C GLU C 232 4.43 -13.52 -2.15
N ALA C 233 5.41 -14.39 -1.88
CA ALA C 233 6.00 -15.20 -2.94
C ALA C 233 4.99 -16.13 -3.57
N LEU C 234 4.15 -16.77 -2.73
CA LEU C 234 3.11 -17.65 -3.26
C LEU C 234 2.15 -16.89 -4.15
N LEU C 235 1.72 -15.71 -3.72
CA LEU C 235 0.79 -14.92 -4.52
C LEU C 235 1.43 -14.47 -5.82
N ALA C 236 2.71 -14.09 -5.78
CA ALA C 236 3.40 -13.70 -7.01
C ALA C 236 3.50 -14.87 -7.97
N VAL C 237 3.84 -16.06 -7.47
CA VAL C 237 3.92 -17.23 -8.34
C VAL C 237 2.57 -17.55 -8.94
N MET C 238 1.50 -17.47 -8.14
CA MET C 238 0.17 -17.73 -8.66
C MET C 238 -0.23 -16.72 -9.73
N GLY C 239 0.04 -15.44 -9.47
CA GLY C 239 -0.36 -14.41 -10.42
C GLY C 239 0.42 -14.46 -11.72
N SER C 240 1.72 -14.74 -11.65
CA SER C 240 2.54 -14.73 -12.85
C SER C 240 2.18 -15.86 -13.82
N ALA C 241 1.64 -16.97 -13.31
CA ALA C 241 1.35 -18.11 -14.17
C ALA C 241 0.30 -17.75 -15.22
N GLN C 242 0.54 -18.19 -16.45
CA GLN C 242 -0.36 -17.90 -17.57
C GLN C 242 -0.88 -19.14 -18.28
N GLU C 243 -0.36 -20.32 -17.98
CA GLU C 243 -0.79 -21.54 -18.66
C GLU C 243 -1.47 -22.52 -17.73
N PHE C 244 -0.86 -22.87 -16.60
CA PHE C 244 -1.45 -23.81 -15.67
C PHE C 244 -0.89 -23.56 -14.28
N ILE C 245 -1.57 -24.10 -13.28
CA ILE C 245 -1.11 -24.08 -11.90
C ILE C 245 -1.38 -25.46 -11.31
N TYR C 246 -0.32 -26.17 -10.95
CA TYR C 246 -0.43 -27.48 -10.32
C TYR C 246 0.11 -27.36 -8.90
N ALA C 247 -0.71 -27.70 -7.92
CA ALA C 247 -0.33 -27.59 -6.52
C ALA C 247 -0.64 -28.88 -5.79
N SER C 248 0.28 -29.32 -4.93
CA SER C 248 0.11 -30.50 -4.11
C SER C 248 0.52 -30.16 -2.69
N VAL C 249 -0.44 -30.19 -1.76
CA VAL C 249 -0.19 -29.85 -0.37
C VAL C 249 -0.86 -30.89 0.51
N MET C 250 -0.42 -30.94 1.77
CA MET C 250 -1.05 -31.85 2.73
C MET C 250 -2.36 -31.27 3.25
N GLU C 251 -2.31 -30.03 3.73
CA GLU C 251 -3.47 -29.38 4.33
C GLU C 251 -3.75 -28.07 3.63
N TYR C 252 -5.00 -27.85 3.24
CA TYR C 252 -5.45 -26.62 2.61
C TYR C 252 -6.70 -26.17 3.34
N PHE C 253 -6.59 -25.11 4.13
CA PHE C 253 -7.70 -24.57 4.90
C PHE C 253 -7.77 -23.08 4.66
N PRO C 254 -8.89 -22.54 4.17
CA PRO C 254 -8.99 -21.08 4.00
C PRO C 254 -9.37 -20.39 5.30
N THR C 255 -9.21 -21.08 6.42
CA THR C 255 -9.56 -20.56 7.73
C THR C 255 -8.37 -20.67 8.66
N THR C 256 -8.38 -19.85 9.71
CA THR C 256 -7.39 -20.00 10.77
C THR C 256 -7.57 -21.36 11.44
N ARG C 257 -6.45 -22.06 11.64
CA ARG C 257 -6.52 -23.45 12.07
C ARG C 257 -6.42 -23.60 13.59
N PHE C 258 -5.68 -22.73 14.26
CA PHE C 258 -5.45 -22.86 15.69
C PHE C 258 -5.87 -21.66 16.51
N SER C 259 -5.90 -20.46 15.93
CA SER C 259 -6.28 -19.27 16.67
C SER C 259 -7.75 -19.31 17.06
N HIS C 260 -8.04 -18.77 18.24
CA HIS C 260 -9.41 -18.68 18.73
C HIS C 260 -9.77 -17.22 18.96
N PRO C 261 -10.92 -16.76 18.46
CA PRO C 261 -11.95 -17.51 17.71
C PRO C 261 -11.54 -17.74 16.26
N PRO C 262 -12.08 -18.78 15.63
CA PRO C 262 -11.75 -19.03 14.23
C PRO C 262 -12.20 -17.89 13.33
N ARG C 263 -11.43 -17.67 12.26
CA ARG C 263 -11.71 -16.63 11.28
C ARG C 263 -11.61 -17.23 9.89
N TYR C 264 -11.87 -16.39 8.89
CA TYR C 264 -11.81 -16.79 7.49
C TYR C 264 -10.66 -16.06 6.82
N TRP C 265 -9.80 -16.81 6.12
CA TRP C 265 -8.60 -16.28 5.49
C TRP C 265 -8.61 -16.70 4.03
N PRO C 266 -9.30 -15.97 3.17
CA PRO C 266 -9.49 -16.43 1.79
C PRO C 266 -8.41 -15.99 0.82
N VAL C 267 -7.25 -15.55 1.33
CA VAL C 267 -6.25 -14.93 0.45
C VAL C 267 -5.79 -15.91 -0.62
N LEU C 268 -5.40 -17.11 -0.21
CA LEU C 268 -4.94 -18.10 -1.19
C LEU C 268 -6.10 -18.58 -2.07
N ASP C 269 -7.27 -18.80 -1.47
CA ASP C 269 -8.43 -19.19 -2.25
C ASP C 269 -8.81 -18.12 -3.26
N ASN C 270 -8.81 -16.85 -2.84
CA ASN C 270 -9.12 -15.76 -3.75
C ASN C 270 -8.10 -15.68 -4.86
N ALA C 271 -6.82 -15.87 -4.55
CA ALA C 271 -5.78 -15.83 -5.58
C ALA C 271 -5.99 -16.94 -6.61
N LEU C 272 -6.26 -18.16 -6.13
CA LEU C 272 -6.48 -19.28 -7.03
C LEU C 272 -7.67 -19.02 -7.94
N ARG C 273 -8.80 -18.60 -7.35
CA ARG C 273 -10.00 -18.34 -8.14
C ARG C 273 -9.76 -17.21 -9.14
N ALA C 274 -9.10 -16.15 -8.71
CA ALA C 274 -8.86 -15.01 -9.60
C ALA C 274 -7.99 -15.42 -10.77
N ALA C 275 -6.93 -16.18 -10.52
CA ALA C 275 -6.10 -16.66 -11.63
C ALA C 275 -6.91 -17.53 -12.57
N ALA C 276 -7.60 -18.54 -12.03
CA ALA C 276 -8.32 -19.50 -12.87
C ALA C 276 -9.44 -18.84 -13.67
N PHE C 277 -10.01 -17.75 -13.16
CA PHE C 277 -11.09 -17.09 -13.88
C PHE C 277 -10.57 -16.04 -14.86
N GLY C 278 -9.84 -15.05 -14.35
CA GLY C 278 -9.39 -13.96 -15.21
C GLY C 278 -8.42 -14.43 -16.28
N LYS C 279 -7.43 -15.22 -15.90
CA LYS C 279 -6.38 -15.59 -16.85
C LYS C 279 -6.67 -16.90 -17.58
N GLY C 280 -7.73 -17.60 -17.23
CA GLY C 280 -8.07 -18.86 -17.90
C GLY C 280 -6.99 -19.91 -17.77
N VAL C 281 -6.42 -20.06 -16.58
CA VAL C 281 -5.34 -21.01 -16.34
C VAL C 281 -5.91 -22.28 -15.72
N ARG C 282 -5.47 -23.42 -16.22
CA ARG C 282 -5.89 -24.69 -15.64
C ARG C 282 -5.32 -24.82 -14.23
N VAL C 283 -6.18 -25.18 -13.28
CA VAL C 283 -5.79 -25.30 -11.88
C VAL C 283 -6.05 -26.74 -11.45
N ARG C 284 -5.02 -27.40 -10.95
CA ARG C 284 -5.12 -28.75 -10.42
C ARG C 284 -4.63 -28.74 -8.97
N LEU C 285 -5.42 -29.32 -8.08
CA LEU C 285 -5.10 -29.36 -6.66
C LEU C 285 -5.08 -30.81 -6.20
N LEU C 286 -3.96 -31.22 -5.60
CA LEU C 286 -3.81 -32.55 -5.05
C LEU C 286 -3.60 -32.43 -3.54
N VAL C 287 -4.35 -33.21 -2.78
CA VAL C 287 -4.35 -33.09 -1.31
C VAL C 287 -4.11 -34.48 -0.72
N GLY C 288 -3.16 -34.56 0.20
CA GLY C 288 -2.92 -35.80 0.92
C GLY C 288 -4.02 -36.04 1.95
N CYS C 289 -4.40 -37.31 2.10
CA CYS C 289 -5.53 -37.69 2.94
C CYS C 289 -5.14 -38.92 3.75
N GLY C 290 -4.68 -38.68 4.99
CA GLY C 290 -4.34 -39.75 5.90
C GLY C 290 -5.45 -40.02 6.90
N LEU C 291 -5.16 -40.94 7.82
CA LEU C 291 -6.13 -41.29 8.86
C LEU C 291 -6.32 -40.18 9.88
N ASN C 292 -5.44 -39.19 9.92
CA ASN C 292 -5.52 -38.10 10.88
C ASN C 292 -6.10 -36.82 10.30
N THR C 293 -6.49 -36.83 9.02
CA THR C 293 -7.02 -35.63 8.40
C THR C 293 -8.38 -35.26 8.97
N ASP C 294 -8.64 -33.97 9.05
CA ASP C 294 -9.91 -33.47 9.57
C ASP C 294 -10.98 -33.57 8.50
N PRO C 295 -12.11 -34.20 8.78
CA PRO C 295 -13.18 -34.29 7.77
C PRO C 295 -13.75 -32.94 7.36
N THR C 296 -13.56 -31.89 8.17
CA THR C 296 -14.02 -30.56 7.81
C THR C 296 -13.26 -29.98 6.63
N MET C 297 -12.16 -30.62 6.22
CA MET C 297 -11.42 -30.21 5.03
C MET C 297 -12.31 -30.15 3.80
N PHE C 298 -13.06 -31.21 3.56
CA PHE C 298 -13.66 -31.51 2.26
C PHE C 298 -14.68 -30.50 1.75
N PRO C 299 -15.46 -29.83 2.62
CA PRO C 299 -16.35 -28.78 2.09
C PRO C 299 -15.62 -27.71 1.29
N TYR C 300 -14.46 -27.26 1.76
CA TYR C 300 -13.74 -26.22 1.04
C TYR C 300 -13.18 -26.73 -0.27
N LEU C 301 -12.66 -27.96 -0.29
CA LEU C 301 -12.17 -28.55 -1.52
C LEU C 301 -13.30 -28.72 -2.53
N ARG C 302 -14.48 -29.16 -2.07
CA ARG C 302 -15.62 -29.30 -2.97
C ARG C 302 -16.07 -27.95 -3.50
N SER C 303 -16.03 -26.92 -2.66
CA SER C 303 -16.37 -25.57 -3.12
C SER C 303 -15.40 -25.10 -4.19
N LEU C 304 -14.10 -25.36 -4.01
CA LEU C 304 -13.13 -24.99 -5.03
C LEU C 304 -13.36 -25.79 -6.31
N GLN C 305 -13.70 -27.07 -6.19
CA GLN C 305 -13.96 -27.91 -7.36
C GLN C 305 -15.19 -27.44 -8.12
N ALA C 306 -16.21 -26.94 -7.41
CA ALA C 306 -17.47 -26.60 -8.04
C ALA C 306 -17.33 -25.51 -9.09
N LEU C 307 -16.24 -24.74 -9.08
CA LEU C 307 -16.02 -23.70 -10.08
C LEU C 307 -15.74 -24.27 -11.47
N SER C 308 -15.53 -25.58 -11.58
CA SER C 308 -15.21 -26.19 -12.87
C SER C 308 -16.31 -25.95 -13.90
N ASN C 309 -16.00 -25.15 -14.92
CA ASN C 309 -16.92 -24.88 -16.01
C ASN C 309 -16.15 -24.90 -17.32
N PRO C 310 -16.07 -26.06 -17.97
CA PRO C 310 -15.27 -26.15 -19.21
C PRO C 310 -15.74 -25.22 -20.31
N ALA C 311 -17.05 -24.94 -20.39
CA ALA C 311 -17.57 -24.10 -21.45
C ALA C 311 -17.04 -22.67 -21.34
N ALA C 312 -16.96 -22.14 -20.13
CA ALA C 312 -16.59 -20.73 -19.91
C ALA C 312 -15.11 -20.56 -19.62
N ASN C 313 -14.27 -21.49 -20.09
CA ASN C 313 -12.81 -21.41 -19.93
C ASN C 313 -12.41 -21.30 -18.45
N VAL C 314 -13.13 -22.01 -17.59
CA VAL C 314 -12.83 -22.05 -16.16
C VAL C 314 -12.72 -23.52 -15.78
N SER C 315 -11.50 -24.04 -15.76
CA SER C 315 -11.25 -25.44 -15.47
C SER C 315 -10.48 -25.54 -14.16
N VAL C 316 -11.12 -26.10 -13.14
CA VAL C 316 -10.49 -26.36 -11.84
C VAL C 316 -10.78 -27.79 -11.45
N ASP C 317 -9.74 -28.55 -11.13
CA ASP C 317 -9.89 -29.95 -10.73
C ASP C 317 -9.18 -30.19 -9.41
N VAL C 318 -9.83 -30.96 -8.54
CA VAL C 318 -9.28 -31.30 -7.23
C VAL C 318 -9.34 -32.81 -7.08
N LYS C 319 -8.23 -33.41 -6.66
CA LYS C 319 -8.14 -34.83 -6.42
C LYS C 319 -7.55 -35.08 -5.05
N VAL C 320 -7.84 -36.25 -4.50
CA VAL C 320 -7.37 -36.66 -3.18
C VAL C 320 -6.44 -37.85 -3.35
N PHE C 321 -5.24 -37.75 -2.79
CA PHE C 321 -4.21 -38.77 -2.90
C PHE C 321 -4.09 -39.49 -1.56
N ILE C 322 -4.62 -40.70 -1.49
CA ILE C 322 -4.52 -41.52 -0.29
C ILE C 322 -3.35 -42.48 -0.44
N VAL C 323 -2.85 -42.96 0.69
CA VAL C 323 -1.75 -43.92 0.73
C VAL C 323 -2.25 -45.17 1.45
N PRO C 324 -2.13 -46.36 0.85
CA PRO C 324 -2.61 -47.57 1.53
C PRO C 324 -1.87 -47.80 2.84
N VAL C 325 -2.60 -48.32 3.82
CA VAL C 325 -2.04 -48.61 5.13
C VAL C 325 -1.50 -50.03 5.15
N GLY C 326 -2.37 -50.99 4.88
CA GLY C 326 -1.95 -52.38 4.88
C GLY C 326 -1.54 -52.82 6.28
N ASN C 327 -0.37 -53.45 6.37
CA ASN C 327 0.17 -53.97 7.62
C ASN C 327 1.20 -53.02 8.24
N HIS C 328 1.00 -51.71 8.10
CA HIS C 328 1.85 -50.71 8.74
C HIS C 328 1.04 -49.85 9.71
N SER C 329 -0.03 -50.41 10.27
CA SER C 329 -0.92 -49.65 11.14
C SER C 329 -0.27 -49.31 12.48
N ASN C 330 0.71 -50.11 12.93
CA ASN C 330 1.33 -49.85 14.23
C ASN C 330 2.13 -48.56 14.23
N ILE C 331 2.52 -48.04 13.07
CA ILE C 331 3.28 -46.80 12.99
C ILE C 331 2.33 -45.62 13.05
N PRO C 332 2.44 -44.74 14.04
CA PRO C 332 1.58 -43.55 14.09
C PRO C 332 2.18 -42.39 13.31
N PHE C 333 1.29 -41.48 12.90
CA PHE C 333 1.67 -40.26 12.19
C PHE C 333 2.44 -40.57 10.91
N SER C 334 2.03 -41.64 10.21
CA SER C 334 2.74 -42.08 9.01
C SER C 334 1.71 -42.39 7.92
N ARG C 335 2.22 -42.87 6.79
CA ARG C 335 1.40 -43.26 5.64
C ARG C 335 0.54 -42.09 5.15
N VAL C 336 1.22 -41.03 4.72
CA VAL C 336 0.58 -39.83 4.21
C VAL C 336 1.39 -39.29 3.05
N ASN C 337 0.84 -38.23 2.43
CA ASN C 337 1.55 -37.52 1.33
C ASN C 337 2.00 -36.18 1.92
N HIS C 338 3.27 -36.04 2.23
CA HIS C 338 3.82 -34.86 2.89
C HIS C 338 4.34 -33.82 1.90
N SER C 339 4.24 -34.07 0.60
CA SER C 339 4.76 -33.14 -0.39
C SER C 339 3.98 -31.84 -0.37
N LYS C 340 4.70 -30.72 -0.30
CA LYS C 340 4.10 -29.38 -0.34
C LYS C 340 4.84 -28.58 -1.39
N PHE C 341 4.25 -28.48 -2.59
CA PHE C 341 4.88 -27.73 -3.67
C PHE C 341 3.81 -27.33 -4.67
N MET C 342 4.14 -26.33 -5.49
CA MET C 342 3.32 -25.94 -6.62
C MET C 342 4.23 -25.66 -7.80
N VAL C 343 3.84 -26.13 -8.98
CA VAL C 343 4.61 -25.95 -10.20
C VAL C 343 3.73 -25.29 -11.25
N THR C 344 4.25 -24.27 -11.91
CA THR C 344 3.59 -23.59 -13.01
C THR C 344 4.44 -23.75 -14.27
N GLU C 345 4.05 -23.04 -15.33
CA GLU C 345 4.80 -23.12 -16.57
C GLU C 345 6.02 -22.21 -16.59
N LYS C 346 6.16 -21.32 -15.61
CA LYS C 346 7.31 -20.43 -15.54
C LYS C 346 8.09 -20.54 -14.23
N ALA C 347 7.54 -21.15 -13.20
CA ALA C 347 8.23 -21.22 -11.91
C ALA C 347 7.82 -22.48 -11.18
N ALA C 348 8.66 -22.89 -10.23
CA ALA C 348 8.40 -24.04 -9.37
C ALA C 348 8.64 -23.64 -7.93
N TYR C 349 7.64 -23.84 -7.08
CA TYR C 349 7.72 -23.48 -5.67
C TYR C 349 7.74 -24.76 -4.84
N ILE C 350 8.72 -24.88 -3.96
CA ILE C 350 8.82 -25.99 -3.01
C ILE C 350 8.88 -25.40 -1.62
N GLY C 351 7.86 -25.68 -0.81
CA GLY C 351 7.73 -25.10 0.50
C GLY C 351 7.73 -26.15 1.60
N THR C 352 7.82 -25.67 2.84
CA THR C 352 7.84 -26.52 4.03
C THR C 352 6.63 -26.26 4.93
N SER C 353 5.61 -25.57 4.42
CA SER C 353 4.45 -25.22 5.21
C SER C 353 3.17 -25.53 4.43
N ASN C 354 2.11 -25.79 5.17
CA ASN C 354 0.81 -26.07 4.57
C ASN C 354 0.16 -24.75 4.14
N TRP C 355 -1.12 -24.79 3.78
CA TRP C 355 -1.84 -23.62 3.31
C TRP C 355 -2.91 -23.28 4.33
N SER C 356 -2.53 -22.49 5.34
CA SER C 356 -3.45 -22.03 6.37
C SER C 356 -2.94 -20.69 6.88
N GLU C 357 -3.82 -19.96 7.57
CA GLU C 357 -3.47 -18.64 8.06
C GLU C 357 -2.34 -18.70 9.06
N ASP C 358 -2.31 -19.74 9.90
CA ASP C 358 -1.28 -19.84 10.93
C ASP C 358 0.10 -20.02 10.30
N TYR C 359 0.19 -20.80 9.23
CA TYR C 359 1.48 -21.06 8.61
C TYR C 359 2.10 -19.82 8.00
N PHE C 360 1.31 -18.79 7.73
CA PHE C 360 1.81 -17.56 7.13
C PHE C 360 1.73 -16.36 8.07
N SER C 361 1.15 -16.51 9.26
CA SER C 361 1.08 -15.43 10.22
C SER C 361 1.57 -15.78 11.61
N SER C 362 1.67 -17.05 11.96
CA SER C 362 2.06 -17.39 13.32
C SER C 362 3.25 -18.34 13.40
N THR C 363 3.33 -19.32 12.50
CA THR C 363 4.41 -20.30 12.53
C THR C 363 5.52 -19.89 11.58
N ALA C 364 6.68 -20.53 11.74
CA ALA C 364 7.87 -20.20 10.97
C ALA C 364 8.05 -21.23 9.86
N GLY C 365 8.15 -20.76 8.63
CA GLY C 365 8.37 -21.63 7.49
C GLY C 365 9.16 -20.92 6.42
N VAL C 366 9.78 -21.70 5.55
CA VAL C 366 10.58 -21.17 4.46
C VAL C 366 10.13 -21.81 3.15
N GLY C 367 10.43 -21.12 2.05
CA GLY C 367 10.06 -21.60 0.74
C GLY C 367 11.19 -21.37 -0.25
N LEU C 368 11.05 -21.98 -1.42
CA LEU C 368 12.06 -21.88 -2.47
C LEU C 368 11.36 -21.81 -3.81
N VAL C 369 11.62 -20.75 -4.57
CA VAL C 369 11.04 -20.55 -5.89
C VAL C 369 12.17 -20.64 -6.91
N VAL C 370 12.07 -21.59 -7.83
CA VAL C 370 13.10 -21.85 -8.82
C VAL C 370 12.49 -21.71 -10.21
N THR C 371 13.16 -20.95 -11.07
CA THR C 371 12.77 -20.81 -12.46
C THR C 371 13.97 -21.13 -13.33
N GLN C 372 13.80 -22.07 -14.26
CA GLN C 372 14.86 -22.49 -15.16
C GLN C 372 14.43 -22.24 -16.61
N SER C 373 15.31 -21.66 -17.39
CA SER C 373 15.03 -21.42 -18.79
C SER C 373 15.70 -22.47 -19.66
N PRO C 374 15.08 -22.83 -20.79
CA PRO C 374 15.69 -23.81 -21.69
C PRO C 374 17.06 -23.33 -22.17
N GLY C 375 18.09 -24.08 -21.81
CA GLY C 375 19.44 -23.70 -22.15
C GLY C 375 19.74 -23.87 -23.62
N ALA C 376 20.86 -23.28 -24.04
CA ALA C 376 21.27 -23.38 -25.44
C ALA C 376 21.52 -24.83 -25.84
N GLN C 377 22.22 -25.59 -25.00
CA GLN C 377 22.39 -27.01 -25.25
C GLN C 377 21.06 -27.73 -24.96
N PRO C 378 20.81 -28.85 -25.66
CA PRO C 378 19.59 -29.63 -25.36
C PRO C 378 19.51 -30.06 -23.90
N ALA C 379 20.64 -30.48 -23.32
CA ALA C 379 20.75 -30.86 -21.91
C ALA C 379 19.65 -31.87 -21.60
N GLY C 380 18.92 -31.72 -20.49
CA GLY C 380 17.81 -32.59 -20.18
C GLY C 380 16.50 -31.85 -20.16
N ALA C 381 15.94 -31.66 -18.97
CA ALA C 381 14.70 -30.91 -18.80
C ALA C 381 14.84 -29.95 -17.63
N THR C 382 14.08 -28.87 -17.68
CA THR C 382 14.11 -27.88 -16.62
C THR C 382 13.47 -28.45 -15.34
N VAL C 383 13.74 -27.79 -14.22
CA VAL C 383 13.18 -28.23 -12.95
C VAL C 383 11.67 -28.14 -12.97
N GLN C 384 11.12 -27.12 -13.65
CA GLN C 384 9.67 -27.01 -13.79
C GLN C 384 9.11 -28.21 -14.54
N GLU C 385 9.79 -28.65 -15.60
CA GLU C 385 9.32 -29.81 -16.35
C GLU C 385 9.36 -31.07 -15.51
N GLN C 386 10.42 -31.26 -14.73
CA GLN C 386 10.50 -32.43 -13.87
C GLN C 386 9.41 -32.42 -12.82
N LEU C 387 9.15 -31.26 -12.22
CA LEU C 387 8.08 -31.17 -11.23
C LEU C 387 6.72 -31.43 -11.85
N ARG C 388 6.50 -30.92 -13.06
CA ARG C 388 5.25 -31.17 -13.76
C ARG C 388 5.07 -32.66 -14.06
N GLN C 389 6.16 -33.32 -14.47
CA GLN C 389 6.09 -34.76 -14.74
C GLN C 389 5.78 -35.54 -13.47
N LEU C 390 6.41 -35.16 -12.35
CA LEU C 390 6.11 -35.82 -11.08
C LEU C 390 4.65 -35.61 -10.68
N PHE C 391 4.15 -34.39 -10.85
CA PHE C 391 2.76 -34.10 -10.52
C PHE C 391 1.82 -34.91 -11.39
N GLU C 392 2.12 -35.02 -12.69
CA GLU C 392 1.28 -35.83 -13.57
C GLU C 392 1.32 -37.30 -13.19
N ARG C 393 2.48 -37.81 -12.81
CA ARG C 393 2.58 -39.19 -12.36
C ARG C 393 1.74 -39.43 -11.12
N ASP C 394 1.78 -38.50 -10.16
CA ASP C 394 0.93 -38.63 -8.98
C ASP C 394 -0.54 -38.53 -9.35
N TRP C 395 -0.88 -37.62 -10.27
CA TRP C 395 -2.27 -37.41 -10.64
C TRP C 395 -2.87 -38.64 -11.32
N SER C 396 -2.09 -39.28 -12.20
CA SER C 396 -2.57 -40.45 -12.92
C SER C 396 -2.46 -41.74 -12.11
N SER C 397 -1.89 -41.69 -10.91
CA SER C 397 -1.74 -42.88 -10.09
C SER C 397 -3.10 -43.37 -9.60
N ARG C 398 -3.18 -44.68 -9.35
CA ARG C 398 -4.42 -45.26 -8.83
C ARG C 398 -4.71 -44.77 -7.42
N TYR C 399 -3.69 -44.34 -6.68
CA TYR C 399 -3.87 -43.86 -5.33
C TYR C 399 -4.55 -42.50 -5.27
N ALA C 400 -4.64 -41.80 -6.39
CA ALA C 400 -5.32 -40.51 -6.45
C ALA C 400 -6.75 -40.71 -6.93
N VAL C 401 -7.71 -40.17 -6.19
CA VAL C 401 -9.12 -40.34 -6.48
C VAL C 401 -9.80 -38.98 -6.48
N GLY C 402 -10.95 -38.92 -7.15
CA GLY C 402 -11.73 -37.70 -7.17
C GLY C 402 -12.41 -37.43 -5.85
N LEU C 403 -12.91 -36.20 -5.71
CA LEU C 403 -13.57 -35.81 -4.47
C LEU C 403 -14.88 -36.57 -4.28
N ASP C 404 -15.56 -36.93 -5.36
CA ASP C 404 -16.82 -37.67 -5.28
C ASP C 404 -16.63 -39.18 -5.32
N GLY C 405 -15.40 -39.65 -5.56
CA GLY C 405 -15.15 -41.08 -5.64
C GLY C 405 -14.75 -41.70 -4.32
N GLN C 406 -15.59 -41.58 -3.31
CA GLN C 406 -15.32 -42.15 -1.99
C GLN C 406 -15.63 -43.64 -2.03
N ALA C 407 -14.61 -44.44 -2.34
CA ALA C 407 -14.78 -45.89 -2.38
C ALA C 407 -14.92 -46.44 -0.96
N PRO C 408 -15.74 -47.47 -0.76
CA PRO C 408 -15.86 -48.05 0.58
C PRO C 408 -14.55 -48.64 1.11
N GLY C 409 -13.71 -49.18 0.23
CA GLY C 409 -12.47 -49.79 0.66
C GLY C 409 -11.29 -48.84 0.64
N GLN C 410 -11.53 -47.58 0.94
CA GLN C 410 -10.48 -46.57 0.96
C GLN C 410 -9.88 -46.50 2.36
N ASP C 411 -9.06 -45.48 2.61
CA ASP C 411 -8.33 -45.38 3.87
C ASP C 411 -8.56 -44.08 4.61
N CYS C 412 -8.78 -42.97 3.91
CA CYS C 412 -8.89 -41.69 4.59
C CYS C 412 -10.21 -41.58 5.35
N VAL C 413 -10.30 -40.53 6.17
CA VAL C 413 -11.48 -40.32 7.00
C VAL C 413 -12.71 -40.07 6.13
N TRP C 414 -12.56 -39.24 5.10
CA TRP C 414 -13.65 -38.87 4.18
C TRP C 414 -14.72 -38.18 5.03
N GLN C 415 -16.00 -38.55 4.90
CA GLN C 415 -17.04 -37.95 5.71
C GLN C 415 -16.95 -38.45 7.14
N GLY C 416 -16.69 -37.54 8.08
CA GLY C 416 -16.57 -37.88 9.48
C GLY C 416 -17.36 -36.98 10.40
N SER D 3 -43.52 12.76 12.23
CA SER D 3 -44.63 11.83 12.01
C SER D 3 -44.35 10.91 10.83
N CYS D 4 -43.11 10.45 10.73
CA CYS D 4 -42.72 9.59 9.62
C CYS D 4 -43.43 8.24 9.70
N GLN D 5 -43.87 7.74 8.55
CA GLN D 5 -44.49 6.43 8.44
C GLN D 5 -43.78 5.66 7.33
N LEU D 6 -43.38 4.43 7.65
CA LEU D 6 -42.69 3.57 6.70
C LEU D 6 -43.62 2.43 6.30
N VAL D 7 -43.80 2.25 5.00
CA VAL D 7 -44.67 1.20 4.47
C VAL D 7 -43.87 0.38 3.46
N LEU D 8 -43.86 -0.93 3.66
CA LEU D 8 -43.26 -1.84 2.68
C LEU D 8 -44.25 -2.12 1.57
N VAL D 9 -43.78 -2.00 0.32
CA VAL D 9 -44.63 -2.17 -0.84
C VAL D 9 -44.00 -3.21 -1.76
N GLU D 10 -44.81 -4.14 -2.25
CA GLU D 10 -44.36 -5.18 -3.16
C GLU D 10 -45.42 -5.40 -4.23
N SER D 11 -44.99 -5.94 -5.37
CA SER D 11 -45.87 -6.16 -6.51
C SER D 11 -45.81 -7.62 -6.92
N ILE D 12 -46.89 -8.35 -6.66
CA ILE D 12 -47.03 -9.73 -7.13
C ILE D 12 -47.50 -9.71 -8.58
N PRO D 13 -46.77 -10.33 -9.50
CA PRO D 13 -47.21 -10.34 -10.90
C PRO D 13 -48.39 -11.27 -11.10
N GLN D 14 -48.94 -11.22 -12.30
CA GLN D 14 -50.09 -12.04 -12.64
C GLN D 14 -49.69 -13.51 -12.75
N ASP D 15 -50.67 -14.38 -12.52
CA ASP D 15 -50.48 -15.84 -12.61
C ASP D 15 -49.40 -16.33 -11.65
N LEU D 16 -49.28 -15.67 -10.50
CA LEU D 16 -48.30 -16.06 -9.48
C LEU D 16 -49.04 -16.16 -8.14
N PRO D 17 -49.77 -17.25 -7.92
CA PRO D 17 -50.49 -17.41 -6.65
C PRO D 17 -49.53 -17.69 -5.50
N SER D 18 -50.07 -17.65 -4.29
CA SER D 18 -49.30 -17.88 -3.09
C SER D 18 -50.08 -18.82 -2.17
N ALA D 19 -49.35 -19.47 -1.27
CA ALA D 19 -49.97 -20.40 -0.33
C ALA D 19 -50.89 -19.66 0.64
N ALA D 20 -51.85 -20.40 1.19
CA ALA D 20 -52.80 -19.81 2.12
C ALA D 20 -52.10 -19.33 3.39
N GLY D 21 -52.49 -18.17 3.87
CA GLY D 21 -51.90 -17.59 5.05
C GLY D 21 -50.57 -16.91 4.83
N SER D 22 -50.12 -16.80 3.59
CA SER D 22 -48.83 -16.17 3.31
C SER D 22 -48.92 -14.67 3.60
N PRO D 23 -47.88 -14.09 4.21
CA PRO D 23 -47.89 -12.65 4.44
C PRO D 23 -47.80 -11.87 3.14
N SER D 24 -48.34 -10.65 3.16
CA SER D 24 -48.32 -9.79 1.99
C SER D 24 -48.27 -8.34 2.43
N ALA D 25 -47.85 -7.48 1.51
CA ALA D 25 -47.76 -6.04 1.73
C ALA D 25 -48.66 -5.32 0.75
N GLN D 26 -48.63 -3.98 0.83
CA GLN D 26 -49.47 -3.18 -0.04
C GLN D 26 -49.01 -3.31 -1.49
N PRO D 27 -49.93 -3.33 -2.45
CA PRO D 27 -49.54 -3.36 -3.86
C PRO D 27 -48.76 -2.11 -4.24
N LEU D 28 -47.80 -2.29 -5.15
CA LEU D 28 -46.93 -1.18 -5.54
C LEU D 28 -47.69 -0.13 -6.34
N GLY D 29 -48.58 -0.57 -7.25
CA GLY D 29 -49.31 0.38 -8.07
C GLY D 29 -50.22 1.28 -7.26
N GLN D 30 -50.90 0.72 -6.27
CA GLN D 30 -51.75 1.53 -5.40
C GLN D 30 -50.94 2.57 -4.65
N ALA D 31 -49.77 2.17 -4.13
CA ALA D 31 -48.92 3.11 -3.42
C ALA D 31 -48.43 4.22 -4.35
N TRP D 32 -48.05 3.86 -5.57
CA TRP D 32 -47.60 4.87 -6.53
C TRP D 32 -48.71 5.86 -6.85
N LEU D 33 -49.93 5.35 -7.07
CA LEU D 33 -51.05 6.23 -7.37
C LEU D 33 -51.36 7.16 -6.19
N GLN D 34 -51.33 6.62 -4.97
CA GLN D 34 -51.56 7.44 -3.79
C GLN D 34 -50.48 8.51 -3.64
N LEU D 35 -49.22 8.14 -3.90
CA LEU D 35 -48.13 9.11 -3.82
C LEU D 35 -48.30 10.22 -4.84
N LEU D 36 -48.68 9.86 -6.06
CA LEU D 36 -48.88 10.87 -7.10
C LEU D 36 -50.06 11.78 -6.76
N ASP D 37 -51.13 11.21 -6.21
CA ASP D 37 -52.28 12.02 -5.83
C ASP D 37 -51.93 12.99 -4.69
N THR D 38 -51.16 12.50 -3.71
CA THR D 38 -50.84 13.33 -2.55
C THR D 38 -49.99 14.54 -2.93
N ALA D 39 -49.03 14.34 -3.84
CA ALA D 39 -48.09 15.40 -4.18
C ALA D 39 -48.80 16.63 -4.71
N GLN D 40 -48.41 17.80 -4.20
CA GLN D 40 -49.01 19.05 -4.61
C GLN D 40 -48.00 20.18 -4.83
N GLU D 41 -46.71 19.95 -4.60
CA GLU D 41 -45.69 20.98 -4.78
C GLU D 41 -44.72 20.64 -5.88
N SER D 42 -44.05 19.50 -5.82
CA SER D 42 -43.10 19.10 -6.84
C SER D 42 -42.87 17.60 -6.77
N VAL D 43 -42.43 17.04 -7.89
CA VAL D 43 -42.13 15.61 -8.00
C VAL D 43 -40.76 15.46 -8.67
N HIS D 44 -39.87 14.71 -8.03
CA HIS D 44 -38.56 14.42 -8.58
C HIS D 44 -38.41 12.91 -8.69
N VAL D 45 -37.98 12.43 -9.85
CA VAL D 45 -37.84 11.01 -10.12
C VAL D 45 -36.49 10.72 -10.74
N ALA D 46 -35.96 9.55 -10.46
CA ALA D 46 -34.75 9.03 -11.10
C ALA D 46 -35.02 7.60 -11.53
N SER D 47 -34.71 7.28 -12.79
CA SER D 47 -35.08 5.99 -13.33
C SER D 47 -34.07 5.55 -14.37
N TYR D 48 -33.96 4.22 -14.54
CA TYR D 48 -33.09 3.66 -15.56
C TYR D 48 -33.65 3.93 -16.97
N TYR D 49 -34.95 3.67 -17.15
CA TYR D 49 -35.59 3.88 -18.44
C TYR D 49 -37.05 4.26 -18.19
N TRP D 50 -37.78 4.51 -19.28
CA TRP D 50 -39.17 4.93 -19.21
C TRP D 50 -39.95 4.22 -20.31
N SER D 51 -40.63 3.13 -19.94
CA SER D 51 -41.53 2.41 -20.86
C SER D 51 -42.85 2.22 -20.13
N LEU D 52 -43.72 3.24 -20.21
CA LEU D 52 -44.97 3.23 -19.46
C LEU D 52 -46.15 2.72 -20.27
N THR D 53 -45.98 2.47 -21.57
CA THR D 53 -47.07 1.99 -22.40
C THR D 53 -46.61 0.77 -23.18
N GLY D 54 -47.58 -0.07 -23.54
CA GLY D 54 -47.33 -1.24 -24.36
C GLY D 54 -46.71 -0.93 -25.71
N PRO D 55 -47.24 0.07 -26.43
CA PRO D 55 -46.65 0.42 -27.72
C PRO D 55 -45.19 0.87 -27.65
N ASP D 56 -44.70 1.27 -26.48
CA ASP D 56 -43.29 1.64 -26.36
C ASP D 56 -42.38 0.48 -26.75
N ILE D 57 -42.60 -0.68 -26.14
CA ILE D 57 -41.87 -1.89 -26.55
C ILE D 57 -42.40 -2.38 -27.89
N GLY D 58 -43.71 -2.31 -28.09
CA GLY D 58 -44.32 -2.80 -29.31
C GLY D 58 -45.18 -4.03 -29.10
N VAL D 59 -45.75 -4.13 -27.89
CA VAL D 59 -46.57 -5.33 -27.54
C VAL D 59 -47.98 -4.88 -27.14
N ASN D 60 -49.01 -5.53 -27.68
CA ASN D 60 -50.41 -5.20 -27.28
C ASN D 60 -50.90 -6.25 -26.30
N ASP D 61 -51.10 -5.87 -25.03
CA ASP D 61 -51.55 -6.82 -23.97
C ASP D 61 -52.34 -6.06 -22.90
N SER D 62 -53.22 -6.75 -22.18
CA SER D 62 -54.08 -6.06 -21.18
C SER D 62 -53.29 -5.75 -19.90
N SER D 63 -52.02 -6.11 -19.85
CA SER D 63 -51.21 -5.89 -18.63
C SER D 63 -50.49 -4.54 -18.71
N SER D 64 -50.81 -3.73 -19.74
CA SER D 64 -50.20 -2.39 -19.88
C SER D 64 -51.18 -1.31 -19.37
N GLN D 65 -52.41 -1.70 -19.06
CA GLN D 65 -53.41 -0.73 -18.62
C GLN D 65 -52.95 0.03 -17.39
N LEU D 66 -52.29 -0.65 -16.46
CA LEU D 66 -51.78 0.02 -15.27
C LEU D 66 -50.73 1.07 -15.62
N GLY D 67 -49.81 0.73 -16.54
CA GLY D 67 -48.82 1.70 -16.96
C GLY D 67 -49.43 2.88 -17.68
N GLU D 68 -50.42 2.62 -18.55
CA GLU D 68 -51.09 3.72 -19.25
C GLU D 68 -51.83 4.62 -18.26
N ALA D 69 -52.47 4.03 -17.25
CA ALA D 69 -53.15 4.82 -16.24
C ALA D 69 -52.16 5.65 -15.44
N LEU D 70 -50.99 5.09 -15.13
CA LEU D 70 -49.96 5.86 -14.43
C LEU D 70 -49.46 7.02 -15.27
N LEU D 71 -49.26 6.80 -16.57
CA LEU D 71 -48.85 7.88 -17.45
C LEU D 71 -49.92 8.96 -17.53
N GLN D 72 -51.20 8.56 -17.59
CA GLN D 72 -52.28 9.53 -17.60
C GLN D 72 -52.31 10.32 -16.30
N LYS D 73 -52.06 9.65 -15.17
CA LYS D 73 -51.99 10.35 -13.89
C LYS D 73 -50.85 11.35 -13.87
N LEU D 74 -49.70 10.99 -14.44
CA LEU D 74 -48.58 11.92 -14.52
C LEU D 74 -48.95 13.12 -15.38
N GLN D 75 -49.62 12.90 -16.51
CA GLN D 75 -50.06 14.02 -17.34
C GLN D 75 -51.04 14.91 -16.60
N GLN D 76 -51.97 14.32 -15.85
CA GLN D 76 -52.91 15.10 -15.06
C GLN D 76 -52.19 15.93 -14.00
N LEU D 77 -51.19 15.34 -13.34
CA LEU D 77 -50.40 16.09 -12.37
C LEU D 77 -49.67 17.25 -13.03
N LEU D 78 -49.12 17.03 -14.23
CA LEU D 78 -48.53 18.13 -14.97
C LEU D 78 -49.56 19.19 -15.32
N GLY D 79 -50.82 18.78 -15.49
CA GLY D 79 -51.87 19.75 -15.79
C GLY D 79 -52.10 20.73 -14.65
N ARG D 80 -51.95 20.27 -13.42
CA ARG D 80 -52.15 21.10 -12.24
C ARG D 80 -50.94 21.95 -11.90
N ASN D 81 -49.99 22.10 -12.83
CA ASN D 81 -48.81 22.95 -12.66
C ASN D 81 -47.98 22.50 -11.45
N ILE D 82 -47.54 21.26 -11.52
CA ILE D 82 -46.65 20.68 -10.51
C ILE D 82 -45.30 20.43 -11.18
N SER D 83 -44.24 20.98 -10.60
CA SER D 83 -42.91 20.78 -11.16
C SER D 83 -42.54 19.31 -11.12
N LEU D 84 -42.00 18.82 -12.24
CA LEU D 84 -41.62 17.42 -12.36
C LEU D 84 -40.29 17.33 -13.09
N ALA D 85 -39.26 16.84 -12.40
CA ALA D 85 -37.93 16.70 -12.96
C ALA D 85 -37.58 15.23 -13.06
N VAL D 86 -36.90 14.86 -14.16
CA VAL D 86 -36.54 13.48 -14.43
C VAL D 86 -35.04 13.41 -14.70
N ALA D 87 -34.39 12.41 -14.12
CA ALA D 87 -33.00 12.09 -14.43
C ALA D 87 -32.92 10.67 -14.94
N THR D 88 -32.33 10.50 -16.12
CA THR D 88 -32.23 9.19 -16.75
C THR D 88 -30.85 9.00 -17.34
N SER D 89 -30.44 7.74 -17.43
CA SER D 89 -29.13 7.42 -17.99
C SER D 89 -29.12 7.66 -19.50
N SER D 90 -27.98 8.14 -20.01
CA SER D 90 -27.85 8.34 -21.45
C SER D 90 -27.94 7.03 -22.22
N PRO D 91 -27.22 5.94 -21.86
CA PRO D 91 -27.44 4.68 -22.59
C PRO D 91 -28.60 3.88 -22.00
N THR D 92 -29.80 4.44 -22.14
CA THR D 92 -30.99 3.82 -21.59
C THR D 92 -31.32 2.51 -22.30
N LEU D 93 -31.97 1.60 -21.57
CA LEU D 93 -32.31 0.30 -22.13
C LEU D 93 -33.35 0.44 -23.25
N ALA D 94 -34.51 0.97 -22.93
CA ALA D 94 -35.56 1.16 -23.93
C ALA D 94 -35.25 2.40 -24.76
N ARG D 95 -35.17 2.22 -26.08
CA ARG D 95 -34.82 3.31 -26.98
C ARG D 95 -35.95 3.74 -27.89
N THR D 96 -36.99 2.91 -28.06
CA THR D 96 -38.12 3.24 -28.91
C THR D 96 -39.26 3.89 -28.15
N SER D 97 -39.10 4.10 -26.85
CA SER D 97 -40.17 4.69 -26.04
C SER D 97 -40.30 6.19 -26.31
N THR D 98 -41.49 6.72 -26.05
CA THR D 98 -41.79 8.12 -26.30
C THR D 98 -42.41 8.81 -25.09
N ASP D 99 -42.41 8.17 -23.92
CA ASP D 99 -43.02 8.78 -22.74
C ASP D 99 -42.28 10.05 -22.31
N LEU D 100 -40.95 10.02 -22.37
CA LEU D 100 -40.17 11.19 -21.97
C LEU D 100 -40.46 12.37 -22.89
N GLN D 101 -40.57 12.13 -24.20
CA GLN D 101 -40.89 13.20 -25.13
C GLN D 101 -42.27 13.79 -24.84
N VAL D 102 -43.24 12.93 -24.55
CA VAL D 102 -44.60 13.40 -24.23
C VAL D 102 -44.58 14.26 -22.98
N LEU D 103 -43.88 13.80 -21.94
CA LEU D 103 -43.82 14.56 -20.70
C LEU D 103 -43.10 15.90 -20.89
N ALA D 104 -42.02 15.90 -21.69
CA ALA D 104 -41.32 17.15 -21.97
C ALA D 104 -42.22 18.12 -22.74
N ALA D 105 -42.97 17.61 -23.71
CA ALA D 105 -43.90 18.47 -24.44
C ALA D 105 -44.99 19.00 -23.53
N ARG D 106 -45.42 18.22 -22.54
CA ARG D 106 -46.42 18.70 -21.59
C ARG D 106 -45.89 19.88 -20.79
N GLY D 107 -44.62 19.85 -20.40
CA GLY D 107 -44.03 20.94 -19.67
C GLY D 107 -43.04 20.52 -18.60
N ALA D 108 -42.97 19.22 -18.33
CA ALA D 108 -42.04 18.72 -17.33
C ALA D 108 -40.61 18.78 -17.85
N HIS D 109 -39.68 19.14 -16.96
CA HIS D 109 -38.28 19.22 -17.33
C HIS D 109 -37.64 17.85 -17.24
N VAL D 110 -36.96 17.44 -18.30
CA VAL D 110 -36.27 16.15 -18.35
C VAL D 110 -34.81 16.41 -18.71
N ARG D 111 -33.90 15.88 -17.90
CA ARG D 111 -32.47 16.06 -18.11
C ARG D 111 -31.79 14.70 -18.19
N GLN D 112 -31.06 14.47 -19.27
CA GLN D 112 -30.33 13.22 -19.45
C GLN D 112 -29.04 13.25 -18.65
N VAL D 113 -28.76 12.15 -17.95
CA VAL D 113 -27.53 12.01 -17.17
C VAL D 113 -26.56 11.17 -17.98
N PRO D 114 -25.46 11.72 -18.48
CA PRO D 114 -24.52 10.93 -19.30
C PRO D 114 -23.62 10.03 -18.45
N MET D 115 -24.24 9.11 -17.73
CA MET D 115 -23.49 8.20 -16.86
C MET D 115 -22.56 7.30 -17.65
N GLY D 116 -22.87 7.05 -18.93
CA GLY D 116 -22.02 6.18 -19.73
C GLY D 116 -20.71 6.80 -20.15
N ARG D 117 -20.58 8.13 -20.01
CA ARG D 117 -19.37 8.84 -20.39
C ARG D 117 -18.54 9.25 -19.18
N LEU D 118 -19.19 9.66 -18.09
CA LEU D 118 -18.47 10.10 -16.90
C LEU D 118 -17.81 8.92 -16.19
N THR D 119 -18.56 7.85 -15.95
CA THR D 119 -18.08 6.71 -15.17
C THR D 119 -18.20 5.38 -15.92
N ARG D 120 -18.54 5.42 -17.21
CA ARG D 120 -18.70 4.21 -18.02
C ARG D 120 -19.72 3.26 -17.40
N GLY D 121 -20.80 3.82 -16.86
CA GLY D 121 -21.85 3.03 -16.26
C GLY D 121 -23.23 3.51 -16.63
N VAL D 122 -24.24 3.14 -15.83
CA VAL D 122 -25.62 3.53 -16.08
C VAL D 122 -26.23 4.03 -14.78
N LEU D 123 -27.31 4.80 -14.92
CA LEU D 123 -28.03 5.35 -13.78
C LEU D 123 -29.09 4.34 -13.35
N HIS D 124 -28.70 3.42 -12.49
CA HIS D 124 -29.59 2.35 -12.03
C HIS D 124 -30.47 2.77 -10.87
N SER D 125 -30.30 3.98 -10.34
CA SER D 125 -31.10 4.42 -9.19
C SER D 125 -32.57 4.53 -9.57
N LYS D 126 -33.44 4.21 -8.61
CA LYS D 126 -34.88 4.26 -8.80
C LYS D 126 -35.51 4.79 -7.53
N PHE D 127 -35.84 6.08 -7.51
CA PHE D 127 -36.49 6.66 -6.34
C PHE D 127 -37.26 7.90 -6.74
N TRP D 128 -38.23 8.26 -5.90
CA TRP D 128 -39.05 9.45 -6.08
C TRP D 128 -38.93 10.35 -4.86
N VAL D 129 -39.11 11.65 -5.09
CA VAL D 129 -39.20 12.62 -4.01
C VAL D 129 -40.34 13.59 -4.32
N VAL D 130 -41.47 13.43 -3.66
CA VAL D 130 -42.66 14.22 -3.91
C VAL D 130 -42.81 15.23 -2.79
N ASP D 131 -42.88 16.52 -3.14
CA ASP D 131 -43.09 17.63 -2.22
C ASP D 131 -42.01 17.73 -1.15
N GLY D 132 -40.93 16.97 -1.28
CA GLY D 132 -39.89 16.98 -0.26
C GLY D 132 -40.33 16.48 1.09
N ARG D 133 -41.39 15.67 1.15
CA ARG D 133 -41.88 15.16 2.42
C ARG D 133 -42.10 13.66 2.36
N HIS D 134 -42.37 13.13 1.17
CA HIS D 134 -42.60 11.71 0.96
C HIS D 134 -41.66 11.18 -0.11
N ILE D 135 -41.13 9.97 0.11
CA ILE D 135 -40.19 9.35 -0.80
C ILE D 135 -40.63 7.93 -1.09
N TYR D 136 -40.11 7.39 -2.19
CA TYR D 136 -40.24 5.97 -2.51
C TYR D 136 -38.90 5.48 -3.04
N MET D 137 -38.47 4.30 -2.57
CA MET D 137 -37.22 3.69 -3.07
C MET D 137 -37.45 2.18 -3.24
N GLY D 138 -37.20 1.65 -4.45
CA GLY D 138 -37.39 0.24 -4.72
C GLY D 138 -36.69 -0.16 -5.99
N SER D 139 -36.86 -1.43 -6.35
CA SER D 139 -36.25 -1.97 -7.55
C SER D 139 -37.12 -1.81 -8.80
N ALA D 140 -38.29 -1.20 -8.67
CA ALA D 140 -39.22 -1.08 -9.78
C ALA D 140 -38.86 0.11 -10.67
N ASN D 141 -38.81 -0.13 -11.97
CA ASN D 141 -38.57 0.92 -12.96
C ASN D 141 -39.90 1.58 -13.34
N MET D 142 -39.82 2.54 -14.25
CA MET D 142 -41.01 3.19 -14.80
C MET D 142 -41.55 2.34 -15.96
N ASP D 143 -41.95 1.12 -15.62
CA ASP D 143 -42.37 0.14 -16.61
C ASP D 143 -43.60 -0.59 -16.11
N TRP D 144 -44.57 -0.80 -17.00
CA TRP D 144 -45.78 -1.54 -16.64
C TRP D 144 -45.47 -2.99 -16.31
N ARG D 145 -44.37 -3.52 -16.86
CA ARG D 145 -43.95 -4.88 -16.50
C ARG D 145 -43.62 -4.98 -15.02
N SER D 146 -42.99 -3.93 -14.47
CA SER D 146 -42.70 -3.91 -13.04
C SER D 146 -43.98 -3.88 -12.20
N LEU D 147 -45.11 -3.49 -12.79
CA LEU D 147 -46.37 -3.48 -12.08
C LEU D 147 -47.20 -4.74 -12.28
N THR D 148 -47.03 -5.43 -13.41
CA THR D 148 -47.92 -6.54 -13.71
C THR D 148 -47.20 -7.85 -14.03
N GLN D 149 -45.98 -7.76 -14.57
CA GLN D 149 -45.30 -8.95 -15.07
C GLN D 149 -43.98 -9.23 -14.36
N VAL D 150 -43.62 -8.48 -13.34
CA VAL D 150 -42.37 -8.68 -12.61
C VAL D 150 -42.63 -8.58 -11.12
N LYS D 151 -42.16 -9.57 -10.36
CA LYS D 151 -42.24 -9.49 -8.91
C LYS D 151 -41.22 -8.50 -8.39
N GLU D 152 -41.67 -7.56 -7.55
CA GLU D 152 -40.84 -6.45 -7.13
C GLU D 152 -41.08 -6.12 -5.67
N LEU D 153 -40.11 -5.44 -5.07
CA LEU D 153 -40.18 -5.00 -3.69
C LEU D 153 -39.61 -3.60 -3.57
N GLY D 154 -40.23 -2.79 -2.71
CA GLY D 154 -39.78 -1.43 -2.52
C GLY D 154 -40.25 -0.90 -1.18
N ALA D 155 -39.82 0.31 -0.88
CA ALA D 155 -40.15 0.98 0.37
C ALA D 155 -40.69 2.37 0.10
N VAL D 156 -41.71 2.77 0.85
CA VAL D 156 -42.32 4.09 0.71
C VAL D 156 -42.33 4.75 2.09
N ILE D 157 -41.86 5.99 2.16
CA ILE D 157 -41.79 6.74 3.40
C ILE D 157 -42.70 7.95 3.28
N TYR D 158 -43.53 8.16 4.30
CA TYR D 158 -44.53 9.23 4.30
C TYR D 158 -44.21 10.25 5.38
N ASN D 159 -44.35 11.52 5.03
CA ASN D 159 -44.30 12.63 5.98
C ASN D 159 -43.00 12.65 6.80
N CYS D 160 -41.88 12.40 6.12
CA CYS D 160 -40.57 12.46 6.76
C CYS D 160 -39.73 13.51 6.05
N SER D 161 -39.47 14.62 6.73
CA SER D 161 -38.81 15.75 6.09
C SER D 161 -37.33 15.48 5.86
N HIS D 162 -36.63 14.94 6.87
CA HIS D 162 -35.18 14.85 6.81
C HIS D 162 -34.71 13.83 5.78
N LEU D 163 -35.33 12.64 5.79
CA LEU D 163 -34.96 11.63 4.80
C LEU D 163 -35.29 12.11 3.40
N ALA D 164 -36.41 12.80 3.24
CA ALA D 164 -36.75 13.37 1.94
C ALA D 164 -35.71 14.38 1.50
N GLN D 165 -35.23 15.22 2.42
CA GLN D 165 -34.19 16.18 2.09
C GLN D 165 -32.90 15.47 1.67
N ASP D 166 -32.53 14.39 2.36
CA ASP D 166 -31.32 13.67 2.00
C ASP D 166 -31.42 13.07 0.60
N LEU D 167 -32.54 12.41 0.31
CA LEU D 167 -32.72 11.88 -1.03
C LEU D 167 -32.81 12.99 -2.06
N GLU D 168 -33.29 14.17 -1.65
CA GLU D 168 -33.29 15.32 -2.53
C GLU D 168 -31.86 15.76 -2.85
N LYS D 169 -30.96 15.70 -1.87
CA LYS D 169 -29.55 16.00 -2.13
C LYS D 169 -28.98 15.01 -3.14
N THR D 170 -29.30 13.72 -2.98
CA THR D 170 -28.81 12.73 -3.94
C THR D 170 -29.33 13.02 -5.35
N PHE D 171 -30.64 13.26 -5.46
CA PHE D 171 -31.22 13.58 -6.76
C PHE D 171 -30.66 14.88 -7.31
N GLN D 172 -30.27 15.81 -6.44
CA GLN D 172 -29.69 17.07 -6.89
C GLN D 172 -28.30 16.86 -7.46
N THR D 173 -27.52 15.95 -6.87
CA THR D 173 -26.25 15.57 -7.49
C THR D 173 -26.50 14.97 -8.87
N TYR D 174 -27.49 14.08 -8.96
CA TYR D 174 -27.83 13.48 -10.25
C TYR D 174 -28.20 14.56 -11.27
N TRP D 175 -28.99 15.55 -10.84
CA TRP D 175 -29.47 16.58 -11.79
C TRP D 175 -28.32 17.50 -12.19
N VAL D 176 -27.46 17.88 -11.23
CA VAL D 176 -26.34 18.74 -11.55
C VAL D 176 -25.41 18.06 -12.55
N LEU D 177 -25.23 16.74 -12.42
CA LEU D 177 -24.43 16.02 -13.40
C LEU D 177 -25.05 16.06 -14.79
N GLY D 178 -26.35 16.30 -14.91
CA GLY D 178 -27.04 16.25 -16.18
C GLY D 178 -26.88 17.47 -17.05
N VAL D 179 -26.23 18.52 -16.55
CA VAL D 179 -26.02 19.72 -17.35
C VAL D 179 -25.14 19.37 -18.55
N PRO D 180 -25.47 19.83 -19.76
CA PRO D 180 -24.64 19.49 -20.91
C PRO D 180 -23.21 19.97 -20.75
N LYS D 181 -22.27 19.16 -21.21
CA LYS D 181 -20.83 19.44 -21.12
C LYS D 181 -20.41 19.68 -19.66
N ALA D 182 -20.58 18.64 -18.85
CA ALA D 182 -20.24 18.70 -17.44
C ALA D 182 -19.28 17.57 -17.09
N VAL D 183 -18.50 17.79 -16.02
CA VAL D 183 -17.53 16.82 -15.54
C VAL D 183 -17.72 16.63 -14.05
N LEU D 184 -17.13 15.57 -13.53
CA LEU D 184 -17.25 15.27 -12.11
C LEU D 184 -16.54 16.35 -11.31
N PRO D 185 -17.23 17.03 -10.39
CA PRO D 185 -16.54 17.99 -9.52
C PRO D 185 -15.52 17.28 -8.65
N LYS D 186 -14.39 17.95 -8.43
CA LYS D 186 -13.34 17.37 -7.61
C LYS D 186 -13.82 17.17 -6.17
N THR D 187 -14.50 18.16 -5.61
CA THR D 187 -15.14 18.06 -4.32
C THR D 187 -16.51 18.72 -4.41
N TRP D 188 -17.54 18.00 -4.00
CA TRP D 188 -18.90 18.51 -4.15
C TRP D 188 -19.15 19.68 -3.22
N PRO D 189 -20.00 20.63 -3.63
CA PRO D 189 -20.30 21.79 -2.78
C PRO D 189 -20.94 21.43 -1.45
N GLN D 190 -21.20 22.44 -0.63
CA GLN D 190 -21.59 22.21 0.76
C GLN D 190 -22.94 21.50 0.86
N ASN D 191 -23.92 21.89 0.05
CA ASN D 191 -25.25 21.32 0.23
C ASN D 191 -25.27 19.83 -0.04
N PHE D 192 -24.52 19.37 -1.04
CA PHE D 192 -24.58 17.97 -1.43
C PHE D 192 -24.11 17.03 -0.32
N SER D 193 -23.41 17.54 0.69
CA SER D 193 -23.00 16.71 1.80
C SER D 193 -24.22 16.18 2.56
N SER D 194 -24.13 14.94 3.00
CA SER D 194 -25.22 14.27 3.70
C SER D 194 -25.04 14.40 5.21
N HIS D 195 -26.17 14.35 5.92
CA HIS D 195 -26.17 14.50 7.37
C HIS D 195 -26.35 13.18 8.11
N PHE D 196 -26.74 12.12 7.43
CA PHE D 196 -26.99 10.83 8.06
C PHE D 196 -26.17 9.75 7.38
N ASN D 197 -25.42 8.99 8.18
CA ASN D 197 -24.63 7.87 7.68
C ASN D 197 -24.81 6.70 8.63
N ARG D 198 -24.01 5.64 8.43
CA ARG D 198 -24.19 4.42 9.19
C ARG D 198 -23.87 4.59 10.66
N PHE D 199 -23.05 5.58 11.02
CA PHE D 199 -22.71 5.82 12.42
C PHE D 199 -23.51 6.95 13.04
N GLN D 200 -24.21 7.76 12.24
CA GLN D 200 -25.11 8.80 12.72
C GLN D 200 -26.42 8.70 11.97
N PRO D 201 -27.20 7.66 12.22
CA PRO D 201 -28.46 7.50 11.50
C PRO D 201 -29.52 8.47 12.00
N PHE D 202 -30.57 8.62 11.21
CA PHE D 202 -31.68 9.50 11.55
C PHE D 202 -32.63 8.73 12.47
N HIS D 203 -32.70 9.15 13.73
CA HIS D 203 -33.60 8.54 14.69
C HIS D 203 -34.97 9.22 14.62
N GLY D 204 -36.02 8.43 14.78
CA GLY D 204 -37.36 8.96 14.73
C GLY D 204 -38.37 7.95 15.21
N LEU D 205 -39.55 8.46 15.57
CA LEU D 205 -40.65 7.62 16.05
C LEU D 205 -41.56 7.28 14.87
N PHE D 206 -41.14 6.27 14.11
CA PHE D 206 -41.90 5.81 12.95
C PHE D 206 -43.14 5.08 13.43
N ASP D 207 -44.30 5.74 13.33
CA ASP D 207 -45.58 5.21 13.77
C ASP D 207 -45.58 4.83 15.25
N GLY D 208 -44.74 5.49 16.05
CA GLY D 208 -44.71 5.26 17.48
C GLY D 208 -43.60 4.36 17.97
N VAL D 209 -42.87 3.71 17.07
CA VAL D 209 -41.79 2.81 17.48
C VAL D 209 -40.45 3.44 17.13
N PRO D 210 -39.38 3.16 17.87
CA PRO D 210 -38.07 3.71 17.51
C PRO D 210 -37.61 3.17 16.17
N THR D 211 -36.85 3.99 15.45
CA THR D 211 -36.38 3.62 14.11
C THR D 211 -35.14 4.43 13.78
N THR D 212 -34.09 3.75 13.34
CA THR D 212 -32.88 4.39 12.84
C THR D 212 -32.71 4.01 11.37
N ALA D 213 -32.47 5.01 10.54
CA ALA D 213 -32.35 4.77 9.10
C ALA D 213 -31.34 5.74 8.50
N TYR D 214 -30.76 5.33 7.38
CA TYR D 214 -29.84 6.17 6.64
C TYR D 214 -29.80 5.69 5.19
N PHE D 215 -29.34 6.58 4.31
CA PHE D 215 -29.25 6.28 2.90
C PHE D 215 -27.81 5.97 2.50
N SER D 216 -27.67 5.28 1.37
CA SER D 216 -26.37 4.92 0.83
C SER D 216 -26.36 5.22 -0.67
N ALA D 217 -25.18 5.48 -1.20
CA ALA D 217 -25.06 5.88 -2.60
C ALA D 217 -23.80 5.28 -3.19
N SER D 218 -23.79 5.21 -4.52
CA SER D 218 -22.67 4.69 -5.29
C SER D 218 -22.75 5.27 -6.69
N PRO D 219 -21.62 5.35 -7.42
CA PRO D 219 -20.25 4.93 -7.09
C PRO D 219 -19.56 5.93 -6.17
N PRO D 220 -18.33 5.65 -5.72
CA PRO D 220 -17.62 6.64 -4.89
C PRO D 220 -17.44 7.98 -5.58
N ALA D 221 -17.38 8.01 -6.90
CA ALA D 221 -17.27 9.29 -7.61
C ALA D 221 -18.49 10.18 -7.37
N LEU D 222 -19.62 9.60 -6.96
CA LEU D 222 -20.84 10.34 -6.73
C LEU D 222 -21.24 10.36 -5.26
N CYS D 223 -20.29 10.09 -4.36
CA CYS D 223 -20.58 10.09 -2.94
C CYS D 223 -20.05 11.37 -2.31
N PRO D 224 -20.90 12.31 -1.92
CA PRO D 224 -20.41 13.52 -1.26
C PRO D 224 -19.94 13.24 0.15
N GLN D 225 -19.46 14.27 0.84
CA GLN D 225 -18.98 14.09 2.21
C GLN D 225 -20.12 13.67 3.13
N GLY D 226 -19.85 12.70 3.98
CA GLY D 226 -20.84 12.18 4.90
C GLY D 226 -21.81 11.18 4.31
N ARG D 227 -21.63 10.79 3.06
CA ARG D 227 -22.50 9.82 2.42
C ARG D 227 -21.88 8.44 2.53
N THR D 228 -22.60 7.50 3.15
CA THR D 228 -22.11 6.14 3.31
C THR D 228 -22.19 5.40 1.98
N ARG D 229 -21.09 4.81 1.57
CA ARG D 229 -21.09 4.00 0.36
C ARG D 229 -21.94 2.75 0.57
N ASP D 230 -22.75 2.41 -0.44
CA ASP D 230 -23.65 1.27 -0.30
C ASP D 230 -22.91 -0.04 -0.12
N LEU D 231 -21.71 -0.17 -0.69
CA LEU D 231 -20.89 -1.34 -0.42
C LEU D 231 -20.53 -1.41 1.06
N GLU D 232 -20.18 -0.27 1.65
CA GLU D 232 -19.91 -0.22 3.08
C GLU D 232 -21.15 -0.57 3.89
N ALA D 233 -22.32 -0.11 3.46
CA ALA D 233 -23.55 -0.45 4.15
C ALA D 233 -23.83 -1.94 4.10
N LEU D 234 -23.64 -2.56 2.94
CA LEU D 234 -23.82 -4.00 2.81
C LEU D 234 -22.84 -4.76 3.70
N LEU D 235 -21.58 -4.34 3.70
CA LEU D 235 -20.58 -5.00 4.53
C LEU D 235 -20.93 -4.86 6.01
N ALA D 236 -21.41 -3.68 6.41
CA ALA D 236 -21.76 -3.45 7.81
C ALA D 236 -22.95 -4.31 8.23
N VAL D 237 -23.99 -4.37 7.40
CA VAL D 237 -25.16 -5.15 7.78
C VAL D 237 -24.83 -6.64 7.75
N MET D 238 -23.88 -7.07 6.91
CA MET D 238 -23.46 -8.46 6.94
C MET D 238 -22.63 -8.78 8.18
N GLY D 239 -21.68 -7.91 8.52
CA GLY D 239 -20.83 -8.17 9.66
C GLY D 239 -21.56 -8.10 10.98
N SER D 240 -22.47 -7.13 11.12
CA SER D 240 -23.22 -6.99 12.36
C SER D 240 -24.19 -8.14 12.62
N ALA D 241 -24.42 -8.99 11.61
CA ALA D 241 -25.33 -10.11 11.78
C ALA D 241 -24.79 -11.11 12.79
N GLN D 242 -25.69 -11.68 13.58
CA GLN D 242 -25.32 -12.71 14.54
C GLN D 242 -26.24 -13.91 14.54
N GLU D 243 -27.38 -13.88 13.85
CA GLU D 243 -28.30 -15.00 13.79
C GLU D 243 -28.48 -15.54 12.38
N PHE D 244 -28.80 -14.68 11.42
CA PHE D 244 -29.04 -15.14 10.06
C PHE D 244 -28.83 -13.99 9.09
N ILE D 245 -28.63 -14.34 7.83
CA ILE D 245 -28.48 -13.38 6.73
C ILE D 245 -29.34 -13.89 5.58
N TYR D 246 -30.50 -13.28 5.39
CA TYR D 246 -31.41 -13.64 4.31
C TYR D 246 -31.27 -12.61 3.19
N ALA D 247 -30.87 -13.06 2.01
CA ALA D 247 -30.63 -12.19 0.88
C ALA D 247 -31.39 -12.69 -0.34
N SER D 248 -31.76 -11.75 -1.22
CA SER D 248 -32.49 -12.09 -2.43
C SER D 248 -32.12 -11.06 -3.50
N VAL D 249 -31.41 -11.49 -4.53
CA VAL D 249 -30.99 -10.62 -5.62
C VAL D 249 -31.37 -11.26 -6.95
N MET D 250 -31.46 -10.42 -7.97
CA MET D 250 -31.75 -10.93 -9.32
C MET D 250 -30.58 -11.74 -9.86
N GLU D 251 -29.37 -11.19 -9.77
CA GLU D 251 -28.17 -11.85 -10.28
C GLU D 251 -27.05 -11.67 -9.27
N TYR D 252 -26.13 -12.63 -9.27
CA TYR D 252 -25.03 -12.61 -8.31
C TYR D 252 -23.77 -13.15 -9.00
N PHE D 253 -22.85 -12.25 -9.31
CA PHE D 253 -21.57 -12.61 -9.90
C PHE D 253 -20.45 -12.06 -9.03
N PRO D 254 -19.55 -12.89 -8.50
CA PRO D 254 -18.39 -12.34 -7.80
C PRO D 254 -17.29 -11.95 -8.79
N THR D 255 -17.67 -11.31 -9.88
CA THR D 255 -16.76 -10.93 -10.95
C THR D 255 -17.17 -9.54 -11.44
N THR D 256 -16.61 -9.15 -12.58
CA THR D 256 -16.99 -7.92 -13.28
C THR D 256 -17.69 -8.31 -14.57
N ARG D 257 -18.93 -7.83 -14.75
CA ARG D 257 -19.73 -8.24 -15.89
C ARG D 257 -19.37 -7.45 -17.15
N PHE D 258 -19.44 -6.13 -17.07
CA PHE D 258 -19.17 -5.25 -18.21
C PHE D 258 -17.88 -4.50 -17.95
N SER D 259 -16.77 -5.15 -18.30
CA SER D 259 -15.44 -4.57 -18.18
C SER D 259 -14.48 -5.44 -18.98
N HIS D 260 -13.31 -4.89 -19.27
CA HIS D 260 -12.31 -5.62 -20.02
C HIS D 260 -10.91 -5.26 -19.55
N PRO D 261 -10.11 -6.24 -19.10
CA PRO D 261 -10.43 -7.66 -18.97
C PRO D 261 -11.24 -7.96 -17.71
N PRO D 262 -12.07 -9.00 -17.73
CA PRO D 262 -12.82 -9.34 -16.51
C PRO D 262 -11.90 -9.78 -15.39
N ARG D 263 -12.30 -9.47 -14.17
CA ARG D 263 -11.53 -9.80 -12.98
C ARG D 263 -12.45 -10.41 -11.93
N TYR D 264 -11.85 -11.19 -11.04
CA TYR D 264 -12.59 -11.77 -9.93
C TYR D 264 -12.78 -10.73 -8.84
N TRP D 265 -14.02 -10.60 -8.36
CA TRP D 265 -14.36 -9.64 -7.31
C TRP D 265 -15.00 -10.38 -6.14
N PRO D 266 -14.22 -10.77 -5.14
CA PRO D 266 -14.73 -11.66 -4.07
C PRO D 266 -15.23 -10.95 -2.82
N VAL D 267 -15.38 -9.63 -2.82
CA VAL D 267 -15.65 -8.90 -1.59
C VAL D 267 -16.93 -9.40 -0.93
N LEU D 268 -18.02 -9.46 -1.70
CA LEU D 268 -19.29 -9.91 -1.14
C LEU D 268 -19.23 -11.41 -0.82
N ASP D 269 -18.62 -12.20 -1.70
CA ASP D 269 -18.46 -13.62 -1.42
C ASP D 269 -17.62 -13.85 -0.16
N ASN D 270 -16.52 -13.10 -0.04
CA ASN D 270 -15.68 -13.23 1.16
C ASN D 270 -16.45 -12.84 2.41
N ALA D 271 -17.24 -11.76 2.34
CA ALA D 271 -18.02 -11.35 3.50
C ALA D 271 -19.02 -12.42 3.90
N LEU D 272 -19.73 -12.98 2.92
CA LEU D 272 -20.72 -14.01 3.21
C LEU D 272 -20.07 -15.25 3.83
N ARG D 273 -18.97 -15.71 3.24
CA ARG D 273 -18.29 -16.89 3.76
C ARG D 273 -17.73 -16.65 5.15
N ALA D 274 -17.12 -15.47 5.37
CA ALA D 274 -16.55 -15.16 6.68
C ALA D 274 -17.63 -15.10 7.74
N ALA D 275 -18.77 -14.47 7.43
CA ALA D 275 -19.87 -14.46 8.38
C ALA D 275 -20.35 -15.88 8.69
N ALA D 276 -20.62 -16.66 7.64
CA ALA D 276 -21.16 -18.00 7.84
C ALA D 276 -20.21 -18.89 8.62
N PHE D 277 -18.91 -18.70 8.47
CA PHE D 277 -17.96 -19.54 9.18
C PHE D 277 -17.68 -19.04 10.59
N GLY D 278 -17.18 -17.81 10.72
CA GLY D 278 -16.82 -17.30 12.03
C GLY D 278 -18.01 -17.13 12.95
N LYS D 279 -19.08 -16.52 12.46
CA LYS D 279 -20.22 -16.22 13.32
C LYS D 279 -21.24 -17.36 13.39
N GLY D 280 -21.15 -18.33 12.49
CA GLY D 280 -22.15 -19.40 12.48
C GLY D 280 -23.54 -18.90 12.19
N VAL D 281 -23.70 -18.01 11.22
CA VAL D 281 -24.98 -17.41 10.88
C VAL D 281 -25.57 -18.18 9.70
N ARG D 282 -26.85 -18.54 9.81
CA ARG D 282 -27.54 -19.22 8.73
C ARG D 282 -27.67 -18.29 7.54
N VAL D 283 -26.91 -18.54 6.49
CA VAL D 283 -26.90 -17.70 5.29
C VAL D 283 -27.80 -18.34 4.25
N ARG D 284 -28.72 -17.56 3.70
CA ARG D 284 -29.62 -18.02 2.66
C ARG D 284 -29.61 -17.04 1.50
N LEU D 285 -29.74 -17.58 0.30
CA LEU D 285 -29.77 -16.77 -0.92
C LEU D 285 -30.96 -17.19 -1.78
N LEU D 286 -31.48 -16.23 -2.54
CA LEU D 286 -32.61 -16.48 -3.44
C LEU D 286 -32.33 -15.67 -4.71
N VAL D 287 -31.70 -16.31 -5.68
CA VAL D 287 -31.33 -15.66 -6.92
C VAL D 287 -32.41 -15.91 -7.97
N GLY D 288 -32.86 -14.84 -8.62
CA GLY D 288 -33.88 -14.95 -9.63
C GLY D 288 -33.34 -15.63 -10.89
N CYS D 289 -34.23 -16.37 -11.56
CA CYS D 289 -33.88 -17.10 -12.77
C CYS D 289 -34.94 -16.84 -13.83
N GLY D 290 -34.50 -16.82 -15.08
CA GLY D 290 -35.40 -16.59 -16.20
C GLY D 290 -34.74 -17.02 -17.49
N LEU D 291 -35.46 -16.83 -18.59
CA LEU D 291 -34.94 -17.22 -19.89
C LEU D 291 -33.74 -16.38 -20.32
N ASN D 292 -33.60 -15.17 -19.79
CA ASN D 292 -32.49 -14.29 -20.11
C ASN D 292 -31.34 -14.40 -19.11
N THR D 293 -31.44 -15.30 -18.13
CA THR D 293 -30.41 -15.43 -17.12
C THR D 293 -29.13 -16.00 -17.73
N ASP D 294 -27.99 -15.48 -17.26
CA ASP D 294 -26.71 -15.98 -17.74
C ASP D 294 -26.42 -17.34 -17.12
N PRO D 295 -26.15 -18.38 -17.92
CA PRO D 295 -25.89 -19.70 -17.35
C PRO D 295 -24.55 -19.84 -16.66
N THR D 296 -23.67 -18.84 -16.75
CA THR D 296 -22.35 -18.93 -16.15
C THR D 296 -22.34 -18.58 -14.67
N MET D 297 -23.46 -18.11 -14.12
CA MET D 297 -23.51 -17.77 -12.70
C MET D 297 -23.59 -19.01 -11.81
N PHE D 298 -24.24 -20.07 -12.30
CA PHE D 298 -24.50 -21.24 -11.46
C PHE D 298 -23.26 -21.86 -10.83
N PRO D 299 -22.11 -21.96 -11.50
CA PRO D 299 -20.93 -22.50 -10.80
C PRO D 299 -20.58 -21.75 -9.53
N TYR D 300 -20.72 -20.43 -9.51
CA TYR D 300 -20.43 -19.68 -8.30
C TYR D 300 -21.42 -20.01 -7.18
N LEU D 301 -22.70 -20.16 -7.54
CA LEU D 301 -23.69 -20.55 -6.53
C LEU D 301 -23.41 -21.94 -5.99
N ARG D 302 -23.00 -22.87 -6.86
CA ARG D 302 -22.64 -24.20 -6.40
C ARG D 302 -21.42 -24.15 -5.47
N SER D 303 -20.44 -23.32 -5.81
CA SER D 303 -19.28 -23.17 -4.94
C SER D 303 -19.68 -22.60 -3.58
N LEU D 304 -20.59 -21.63 -3.57
CA LEU D 304 -21.06 -21.08 -2.31
C LEU D 304 -21.80 -22.12 -1.49
N GLN D 305 -22.65 -22.92 -2.14
CA GLN D 305 -23.46 -23.89 -1.40
C GLN D 305 -22.62 -25.07 -0.91
N ALA D 306 -21.53 -25.39 -1.59
CA ALA D 306 -20.72 -26.54 -1.19
C ALA D 306 -20.07 -26.34 0.17
N LEU D 307 -20.03 -25.11 0.68
CA LEU D 307 -19.50 -24.87 2.02
C LEU D 307 -20.43 -25.38 3.12
N SER D 308 -21.65 -25.79 2.77
CA SER D 308 -22.60 -26.24 3.79
C SER D 308 -22.04 -27.43 4.55
N ASN D 309 -22.12 -27.34 5.88
CA ASN D 309 -21.57 -28.37 6.76
C ASN D 309 -22.25 -28.29 8.11
N PRO D 310 -23.38 -28.99 8.29
CA PRO D 310 -24.08 -28.93 9.59
C PRO D 310 -23.23 -29.45 10.75
N ALA D 311 -22.30 -30.36 10.49
CA ALA D 311 -21.46 -30.88 11.57
C ALA D 311 -20.57 -29.79 12.15
N ALA D 312 -20.04 -28.91 11.31
CA ALA D 312 -19.15 -27.85 11.74
C ALA D 312 -19.86 -26.50 11.86
N ASN D 313 -21.19 -26.50 11.90
CA ASN D 313 -21.99 -25.29 12.08
C ASN D 313 -21.75 -24.29 10.94
N VAL D 314 -21.95 -24.76 9.71
CA VAL D 314 -21.93 -23.90 8.52
C VAL D 314 -23.17 -24.20 7.72
N SER D 315 -23.97 -23.16 7.44
CA SER D 315 -25.23 -23.32 6.70
C SER D 315 -25.30 -22.22 5.64
N VAL D 316 -25.03 -22.57 4.39
CA VAL D 316 -24.96 -21.60 3.31
C VAL D 316 -25.97 -21.98 2.23
N ASP D 317 -27.12 -22.51 2.66
CA ASP D 317 -28.12 -23.00 1.72
C ASP D 317 -28.50 -21.93 0.70
N VAL D 318 -28.55 -22.33 -0.57
CA VAL D 318 -28.83 -21.43 -1.68
C VAL D 318 -29.92 -22.05 -2.55
N LYS D 319 -30.89 -21.24 -2.97
CA LYS D 319 -31.95 -21.67 -3.87
C LYS D 319 -32.07 -20.65 -4.99
N VAL D 320 -32.88 -20.99 -5.98
CA VAL D 320 -33.16 -20.11 -7.12
C VAL D 320 -34.67 -19.96 -7.26
N PHE D 321 -35.11 -18.74 -7.58
CA PHE D 321 -36.52 -18.44 -7.74
C PHE D 321 -36.88 -18.50 -9.22
N ILE D 322 -37.94 -19.24 -9.54
CA ILE D 322 -38.38 -19.44 -10.91
C ILE D 322 -39.80 -18.88 -11.04
N VAL D 323 -39.99 -17.98 -12.00
CA VAL D 323 -41.31 -17.42 -12.28
C VAL D 323 -41.82 -18.08 -13.56
N PRO D 324 -42.93 -18.82 -13.51
CA PRO D 324 -43.43 -19.49 -14.71
C PRO D 324 -43.80 -18.50 -15.79
N VAL D 325 -43.52 -18.86 -17.04
CA VAL D 325 -43.81 -17.97 -18.16
C VAL D 325 -45.29 -18.01 -18.51
N GLY D 326 -45.86 -19.21 -18.62
CA GLY D 326 -47.27 -19.31 -18.96
C GLY D 326 -47.54 -18.80 -20.36
N ASN D 327 -48.56 -17.95 -20.48
CA ASN D 327 -48.97 -17.38 -21.76
C ASN D 327 -48.28 -16.07 -22.07
N HIS D 328 -47.37 -15.60 -21.21
CA HIS D 328 -46.73 -14.29 -21.36
C HIS D 328 -45.36 -14.40 -22.01
N SER D 329 -45.17 -15.37 -22.93
CA SER D 329 -43.89 -15.52 -23.61
C SER D 329 -43.60 -14.37 -24.55
N ASN D 330 -44.63 -13.65 -25.01
CA ASN D 330 -44.41 -12.55 -25.95
C ASN D 330 -43.64 -11.41 -25.31
N ILE D 331 -43.94 -11.10 -24.05
CA ILE D 331 -43.33 -9.97 -23.36
C ILE D 331 -41.86 -10.28 -23.06
N PRO D 332 -40.93 -9.46 -23.53
CA PRO D 332 -39.52 -9.70 -23.25
C PRO D 332 -39.07 -9.04 -21.94
N PHE D 333 -37.99 -9.59 -21.39
CA PHE D 333 -37.38 -9.09 -20.16
C PHE D 333 -38.38 -9.04 -19.02
N SER D 334 -39.21 -10.07 -18.91
CA SER D 334 -40.26 -10.12 -17.90
C SER D 334 -40.27 -11.49 -17.26
N ARG D 335 -41.19 -11.67 -16.30
CA ARG D 335 -41.36 -12.93 -15.57
C ARG D 335 -40.06 -13.35 -14.88
N VAL D 336 -39.53 -12.43 -14.07
CA VAL D 336 -38.33 -12.67 -13.28
C VAL D 336 -38.53 -12.04 -11.91
N ASN D 337 -37.79 -12.55 -10.92
CA ASN D 337 -37.78 -11.96 -9.59
C ASN D 337 -36.74 -10.85 -9.56
N HIS D 338 -37.20 -9.61 -9.52
CA HIS D 338 -36.32 -8.45 -9.56
C HIS D 338 -36.06 -7.84 -8.19
N SER D 339 -36.47 -8.52 -7.12
CA SER D 339 -36.27 -7.99 -5.77
C SER D 339 -34.79 -7.96 -5.41
N LYS D 340 -34.40 -6.93 -4.67
CA LYS D 340 -33.03 -6.78 -4.17
C LYS D 340 -33.12 -6.25 -2.74
N PHE D 341 -32.90 -7.14 -1.77
CA PHE D 341 -32.99 -6.74 -0.37
C PHE D 341 -32.22 -7.73 0.49
N MET D 342 -31.92 -7.30 1.71
CA MET D 342 -31.24 -8.11 2.71
C MET D 342 -31.99 -8.02 4.02
N VAL D 343 -32.10 -9.15 4.71
CA VAL D 343 -32.81 -9.22 5.98
C VAL D 343 -31.87 -9.75 7.04
N THR D 344 -31.97 -9.17 8.24
CA THR D 344 -31.18 -9.59 9.38
C THR D 344 -32.00 -9.37 10.64
N GLU D 345 -31.62 -10.07 11.70
CA GLU D 345 -32.32 -9.89 12.98
C GLU D 345 -32.12 -8.49 13.54
N LYS D 346 -31.12 -7.75 13.04
CA LYS D 346 -30.85 -6.39 13.49
C LYS D 346 -31.40 -5.35 12.53
N ALA D 347 -31.02 -5.42 11.26
CA ALA D 347 -31.36 -4.41 10.26
C ALA D 347 -32.11 -5.05 9.10
N ALA D 348 -32.39 -4.22 8.08
CA ALA D 348 -33.07 -4.69 6.89
C ALA D 348 -32.68 -3.76 5.74
N TYR D 349 -31.76 -4.22 4.90
CA TYR D 349 -31.24 -3.42 3.80
C TYR D 349 -32.14 -3.58 2.58
N ILE D 350 -32.46 -2.46 1.94
CA ILE D 350 -33.21 -2.44 0.70
C ILE D 350 -32.41 -1.66 -0.32
N GLY D 351 -32.07 -2.31 -1.44
CA GLY D 351 -31.25 -1.72 -2.46
C GLY D 351 -31.93 -1.69 -3.82
N THR D 352 -31.21 -1.12 -4.79
CA THR D 352 -31.70 -1.00 -6.15
C THR D 352 -30.70 -1.57 -7.16
N SER D 353 -29.72 -2.35 -6.71
CA SER D 353 -28.68 -2.86 -7.58
C SER D 353 -28.44 -4.33 -7.28
N ASN D 354 -27.90 -5.03 -8.28
CA ASN D 354 -27.51 -6.43 -8.12
C ASN D 354 -26.19 -6.49 -7.36
N TRP D 355 -25.60 -7.68 -7.29
CA TRP D 355 -24.37 -7.90 -6.53
C TRP D 355 -23.26 -8.23 -7.53
N SER D 356 -22.62 -7.20 -8.06
CA SER D 356 -21.51 -7.35 -8.99
C SER D 356 -20.62 -6.12 -8.86
N GLU D 357 -19.39 -6.25 -9.33
CA GLU D 357 -18.42 -5.16 -9.18
C GLU D 357 -18.85 -3.90 -9.90
N ASP D 358 -19.62 -4.04 -10.98
CA ASP D 358 -20.04 -2.87 -11.75
C ASP D 358 -20.95 -1.97 -10.93
N TYR D 359 -21.89 -2.55 -10.18
CA TYR D 359 -22.84 -1.74 -9.44
C TYR D 359 -22.21 -1.02 -8.26
N PHE D 360 -21.02 -1.42 -7.84
CA PHE D 360 -20.33 -0.76 -6.74
C PHE D 360 -19.08 -0.02 -7.18
N SER D 361 -18.73 -0.07 -8.46
CA SER D 361 -17.58 0.65 -8.98
C SER D 361 -17.95 1.74 -9.97
N SER D 362 -18.79 1.44 -10.95
CA SER D 362 -19.16 2.39 -11.99
C SER D 362 -20.64 2.72 -12.00
N THR D 363 -21.51 1.71 -12.01
CA THR D 363 -22.94 1.94 -12.11
C THR D 363 -23.45 2.61 -10.84
N ALA D 364 -24.25 3.67 -11.02
CA ALA D 364 -24.82 4.37 -9.89
C ALA D 364 -25.94 3.55 -9.25
N GLY D 365 -26.22 3.87 -7.99
CA GLY D 365 -27.28 3.18 -7.28
C GLY D 365 -27.43 3.75 -5.88
N VAL D 366 -28.55 3.41 -5.25
CA VAL D 366 -28.87 3.86 -3.91
C VAL D 366 -29.36 2.66 -3.10
N GLY D 367 -29.33 2.82 -1.78
CA GLY D 367 -29.80 1.78 -0.89
C GLY D 367 -30.22 2.37 0.43
N LEU D 368 -31.23 1.76 1.05
CA LEU D 368 -31.80 2.24 2.30
C LEU D 368 -31.64 1.16 3.37
N VAL D 369 -31.10 1.55 4.52
CA VAL D 369 -30.90 0.65 5.66
C VAL D 369 -31.81 1.12 6.78
N VAL D 370 -32.70 0.24 7.23
CA VAL D 370 -33.67 0.57 8.28
C VAL D 370 -33.54 -0.43 9.41
N THR D 371 -33.38 0.07 10.63
CA THR D 371 -33.39 -0.73 11.83
C THR D 371 -34.53 -0.27 12.71
N GLN D 372 -35.38 -1.21 13.12
CA GLN D 372 -36.57 -0.91 13.92
C GLN D 372 -36.50 -1.71 15.21
N SER D 373 -36.05 -1.07 16.28
CA SER D 373 -36.06 -1.71 17.58
C SER D 373 -37.50 -1.90 18.05
N PRO D 374 -37.77 -3.00 18.76
CA PRO D 374 -39.13 -3.24 19.26
C PRO D 374 -39.57 -2.12 20.19
N GLY D 375 -40.82 -1.68 20.01
CA GLY D 375 -41.37 -0.60 20.81
C GLY D 375 -42.11 -1.09 22.03
N ALA D 376 -42.70 -0.14 22.75
CA ALA D 376 -43.50 -0.49 23.92
C ALA D 376 -44.73 -1.30 23.53
N GLN D 377 -45.38 -0.92 22.43
CA GLN D 377 -46.55 -1.65 21.95
C GLN D 377 -46.11 -2.79 21.05
N PRO D 378 -46.37 -4.05 21.42
CA PRO D 378 -45.96 -5.17 20.57
C PRO D 378 -46.87 -5.43 19.38
N ALA D 379 -47.96 -4.66 19.23
CA ALA D 379 -48.87 -4.88 18.12
C ALA D 379 -48.18 -4.62 16.78
N GLY D 380 -47.39 -3.55 16.69
CA GLY D 380 -46.73 -3.22 15.46
C GLY D 380 -45.47 -4.03 15.22
N ALA D 381 -45.52 -4.95 14.26
CA ALA D 381 -44.35 -5.73 13.91
C ALA D 381 -43.30 -4.84 13.26
N THR D 382 -42.03 -5.08 13.62
CA THR D 382 -40.95 -4.28 13.07
C THR D 382 -40.74 -4.61 11.59
N VAL D 383 -40.01 -3.72 10.91
CA VAL D 383 -39.80 -3.89 9.48
C VAL D 383 -38.95 -5.12 9.18
N GLN D 384 -37.98 -5.41 10.05
CA GLN D 384 -37.15 -6.60 9.86
C GLN D 384 -38.00 -7.86 9.93
N GLU D 385 -38.96 -7.91 10.86
CA GLU D 385 -39.84 -9.07 10.96
C GLU D 385 -40.68 -9.23 9.69
N GLN D 386 -41.20 -8.12 9.17
CA GLN D 386 -41.99 -8.21 7.94
C GLN D 386 -41.14 -8.69 6.76
N LEU D 387 -39.92 -8.16 6.64
CA LEU D 387 -39.04 -8.59 5.56
C LEU D 387 -38.69 -10.08 5.70
N ARG D 388 -38.44 -10.52 6.93
CA ARG D 388 -38.14 -11.93 7.16
C ARG D 388 -39.34 -12.80 6.79
N GLN D 389 -40.55 -12.36 7.14
CA GLN D 389 -41.74 -13.13 6.80
C GLN D 389 -41.93 -13.22 5.30
N LEU D 390 -41.72 -12.10 4.58
CA LEU D 390 -41.83 -12.14 3.13
C LEU D 390 -40.78 -13.06 2.52
N PHE D 391 -39.55 -12.99 3.03
CA PHE D 391 -38.49 -13.86 2.51
C PHE D 391 -38.81 -15.33 2.77
N GLU D 392 -39.35 -15.64 3.94
CA GLU D 392 -39.72 -17.02 4.24
C GLU D 392 -40.85 -17.48 3.34
N ARG D 393 -41.82 -16.61 3.07
CA ARG D 393 -42.90 -16.95 2.16
C ARG D 393 -42.36 -17.26 0.76
N ASP D 394 -41.43 -16.45 0.28
CA ASP D 394 -40.83 -16.71 -1.03
C ASP D 394 -40.00 -17.99 -1.02
N TRP D 395 -39.29 -18.24 0.09
CA TRP D 395 -38.40 -19.40 0.17
C TRP D 395 -39.19 -20.71 0.20
N SER D 396 -40.20 -20.79 1.06
CA SER D 396 -40.98 -22.01 1.19
C SER D 396 -41.94 -22.24 0.03
N SER D 397 -42.12 -21.25 -0.84
CA SER D 397 -43.02 -21.40 -1.96
C SER D 397 -42.49 -22.43 -2.96
N ARG D 398 -43.41 -23.05 -3.69
CA ARG D 398 -43.04 -24.05 -4.68
C ARG D 398 -42.24 -23.47 -5.83
N TYR D 399 -42.22 -22.15 -6.00
CA TYR D 399 -41.47 -21.51 -7.07
C TYR D 399 -39.97 -21.47 -6.80
N ALA D 400 -39.54 -21.82 -5.60
CA ALA D 400 -38.12 -21.84 -5.26
C ALA D 400 -37.59 -23.27 -5.38
N VAL D 401 -36.54 -23.44 -6.17
CA VAL D 401 -35.95 -24.74 -6.43
C VAL D 401 -34.50 -24.72 -5.98
N GLY D 402 -34.04 -25.81 -5.39
CA GLY D 402 -32.65 -25.92 -5.02
C GLY D 402 -31.75 -26.05 -6.23
N LEU D 403 -30.44 -25.89 -5.99
CA LEU D 403 -29.47 -25.95 -7.08
C LEU D 403 -29.41 -27.32 -7.73
N ASP D 404 -29.82 -28.38 -7.02
CA ASP D 404 -29.81 -29.71 -7.60
C ASP D 404 -31.05 -30.00 -8.44
N GLY D 405 -32.16 -29.32 -8.16
CA GLY D 405 -33.38 -29.53 -8.91
C GLY D 405 -33.35 -28.91 -10.29
N GLN D 406 -33.39 -29.74 -11.33
CA GLN D 406 -33.33 -29.29 -12.72
C GLN D 406 -34.39 -29.98 -13.55
N ALA D 407 -35.62 -29.98 -13.06
CA ALA D 407 -36.72 -30.62 -13.77
C ALA D 407 -36.92 -29.95 -15.14
N PRO D 408 -37.28 -30.73 -16.16
CA PRO D 408 -37.43 -30.15 -17.51
C PRO D 408 -38.46 -29.04 -17.59
N GLY D 409 -39.55 -29.14 -16.84
CA GLY D 409 -40.58 -28.12 -16.88
C GLY D 409 -40.33 -27.00 -15.89
N GLN D 410 -39.18 -26.33 -16.00
CA GLN D 410 -38.82 -25.26 -15.08
C GLN D 410 -38.52 -23.94 -15.78
N ASP D 411 -38.61 -23.89 -17.10
CA ASP D 411 -38.45 -22.67 -17.91
C ASP D 411 -37.32 -21.79 -17.41
N CYS D 412 -36.12 -22.37 -17.31
CA CYS D 412 -34.91 -21.65 -16.96
C CYS D 412 -33.79 -22.07 -17.90
N VAL D 413 -32.67 -21.36 -17.80
CA VAL D 413 -31.53 -21.66 -18.66
C VAL D 413 -30.76 -22.87 -18.12
N TRP D 414 -30.41 -22.84 -16.84
CA TRP D 414 -29.64 -23.91 -16.18
C TRP D 414 -28.34 -24.09 -16.96
N GLN D 415 -27.99 -25.31 -17.37
CA GLN D 415 -26.80 -25.50 -18.18
C GLN D 415 -26.99 -24.93 -19.57
N GLY D 416 -25.97 -24.25 -20.07
CA GLY D 416 -26.03 -23.64 -21.39
C GLY D 416 -24.66 -23.42 -22.00
C1 NAG G . -25.50 22.21 28.00
C2 NAG G . -24.95 23.58 28.37
C3 NAG G . -25.69 24.14 29.58
C4 NAG G . -27.20 24.11 29.36
C5 NAG G . -27.64 22.71 28.96
C6 NAG G . -29.11 22.63 28.61
C7 NAG G . -22.71 24.58 28.47
C8 NAG G . -21.26 24.33 28.78
N2 NAG G . -23.52 23.53 28.62
O3 NAG G . -25.27 25.48 29.83
O4 NAG G . -27.87 24.50 30.55
O5 NAG G . -26.91 22.29 27.80
O6 NAG G . -29.31 21.85 27.43
O7 NAG G . -23.12 25.67 28.09
C1 NAG G . -28.51 25.77 30.31
C2 NAG G . -29.43 26.09 31.49
C3 NAG G . -30.07 27.46 31.30
C4 NAG G . -29.00 28.52 31.04
C5 NAG G . -28.11 28.10 29.89
C6 NAG G . -26.94 29.04 29.67
C7 NAG G . -30.23 23.93 32.34
C8 NAG G . -31.40 22.99 32.41
N2 NAG G . -30.44 25.07 31.65
O3 NAG G . -30.82 27.79 32.46
O4 NAG G . -29.62 29.76 30.74
O5 NAG G . -27.53 26.81 30.16
O6 NAG G . -25.85 28.74 30.53
O7 NAG G . -29.16 23.69 32.88
C1 NAG H . 43.23 -7.01 -26.76
C2 NAG H . 44.32 -5.94 -26.74
C3 NAG H . 45.12 -5.97 -28.03
C4 NAG H . 45.64 -7.37 -28.31
C5 NAG H . 44.49 -8.37 -28.28
C6 NAG H . 44.94 -9.81 -28.43
C7 NAG H . 44.42 -3.61 -25.96
C8 NAG H . 43.68 -2.33 -25.81
N2 NAG H . 43.75 -4.63 -26.52
O3 NAG H . 46.20 -5.06 -27.94
O4 NAG H . 46.24 -7.40 -29.60
O5 NAG H . 43.81 -8.29 -27.02
O6 NAG H . 45.24 -10.39 -27.17
O7 NAG H . 45.59 -3.75 -25.60
C1 NAG H . 47.66 -7.62 -29.45
C2 NAG H . 48.23 -7.97 -30.83
C3 NAG H . 49.75 -8.16 -30.73
C4 NAG H . 50.40 -6.94 -30.07
C5 NAG H . 49.73 -6.63 -28.74
C6 NAG H . 50.24 -5.37 -28.10
C7 NAG H . 46.48 -9.12 -32.09
C8 NAG H . 45.97 -10.44 -32.58
N2 NAG H . 47.61 -9.16 -31.37
O3 NAG H . 50.29 -8.36 -32.03
O4 NAG H . 51.79 -7.19 -29.86
O5 NAG H . 48.31 -6.47 -28.93
O6 NAG H . 50.43 -4.34 -29.07
O7 NAG H . 45.90 -8.07 -32.34
C1 NAG I . 31.57 14.20 15.44
C2 NAG I . 31.02 14.04 16.86
C3 NAG I . 32.17 14.03 17.86
C4 NAG I . 33.20 12.97 17.49
C5 NAG I . 33.64 13.17 16.03
C6 NAG I . 34.57 12.08 15.54
C7 NAG I . 28.95 14.87 17.87
C8 NAG I . 28.09 16.07 18.11
N2 NAG I . 30.07 15.09 17.17
O3 NAG I . 31.65 13.79 19.16
O4 NAG I . 34.34 13.09 18.35
O5 NAG I . 32.50 13.15 15.16
O6 NAG I . 34.17 10.80 15.98
O7 NAG I . 28.64 13.75 18.29
C1 NAG I . 34.67 11.89 19.11
C2 NAG I . 33.49 11.50 20.02
C3 NAG I . 33.82 10.23 20.80
C4 NAG I . 34.25 9.13 19.85
C5 NAG I . 35.39 9.60 18.96
C6 NAG I . 35.80 8.58 17.92
C7 NAG I . 33.94 13.12 21.83
C8 NAG I . 33.36 14.24 22.66
N2 NAG I . 33.12 12.59 20.92
O3 NAG I . 32.68 9.83 21.54
O4 NAG I . 34.68 7.99 20.59
O5 NAG I . 35.00 10.78 18.25
O6 NAG I . 36.33 7.41 18.53
O7 NAG I . 35.10 12.74 21.99
C1 NAG J . 39.55 -33.62 17.19
C2 NAG J . 39.32 -33.43 18.69
C3 NAG J . 40.42 -34.17 19.45
C4 NAG J . 40.46 -35.63 19.03
C5 NAG J . 40.65 -35.72 17.52
C6 NAG J . 40.59 -37.13 17.01
C7 NAG J . 38.75 -31.51 20.12
C8 NAG J . 37.48 -32.15 20.61
N2 NAG J . 39.26 -32.02 19.00
O3 NAG J . 40.20 -34.04 20.85
O4 NAG J . 41.57 -36.29 19.62
O5 NAG J . 39.60 -34.99 16.84
O6 NAG J . 40.79 -37.19 15.60
O7 NAG J . 39.28 -30.57 20.71
C1 NAG J . 41.49 -36.95 20.84
C2 NAG J . 42.78 -37.73 21.01
C3 NAG J . 42.78 -38.44 22.37
C4 NAG J . 42.57 -37.42 23.47
C5 NAG J . 41.28 -36.65 23.22
C6 NAG J . 41.05 -35.54 24.22
C7 NAG J . 43.90 -38.56 18.99
C8 NAG J . 44.85 -37.41 19.16
N2 NAG J . 42.96 -38.68 19.93
O3 NAG J . 44.01 -39.13 22.54
O4 NAG J . 42.47 -38.11 24.72
O5 NAG J . 41.33 -36.04 21.92
O6 NAG J . 39.86 -34.82 23.90
O7 NAG J . 43.96 -39.31 18.04
C1 NAG K . 31.00 -29.77 -5.78
C2 NAG K . 30.70 -30.96 -6.70
C3 NAG K . 31.69 -32.11 -6.48
C4 NAG K . 33.12 -31.60 -6.58
C5 NAG K . 33.32 -30.43 -5.64
C6 NAG K . 34.69 -29.81 -5.74
C7 NAG K . 28.64 -31.96 -5.58
C8 NAG K . 29.39 -32.10 -4.28
N2 NAG K . 29.31 -31.43 -6.63
O3 NAG K . 31.46 -33.13 -7.45
O4 NAG K . 34.04 -32.63 -6.25
O5 NAG K . 32.38 -29.38 -5.94
O6 NAG K . 34.88 -28.78 -4.79
O7 NAG K . 27.47 -32.30 -5.68
C1 NAG K . 34.68 -33.11 -7.45
C2 NAG K . 35.77 -34.11 -7.03
C3 NAG K . 36.45 -34.69 -8.28
C4 NAG K . 35.41 -35.29 -9.21
C5 NAG K . 34.33 -34.27 -9.53
C6 NAG K . 33.20 -34.84 -10.36
C7 NAG K . 36.70 -33.50 -4.84
C8 NAG K . 37.80 -32.78 -4.12
N2 NAG K . 36.76 -33.46 -6.18
O3 NAG K . 37.38 -35.68 -7.88
O4 NAG K . 36.03 -35.73 -10.42
O5 NAG K . 33.75 -33.77 -8.31
O6 NAG K . 32.45 -35.79 -9.61
O7 NAG K . 35.80 -34.09 -4.25
C1 NAG L . -11.40 -19.76 -24.37
C2 NAG L . -12.48 -19.01 -25.13
C3 NAG L . -12.29 -19.17 -26.64
C4 NAG L . -10.87 -18.75 -27.03
C5 NAG L . -9.85 -19.50 -26.20
C6 NAG L . -8.42 -19.05 -26.45
C7 NAG L . -14.76 -18.61 -24.31
C8 NAG L . -16.06 -19.24 -23.95
N2 NAG L . -13.80 -19.45 -24.74
O3 NAG L . -13.25 -18.38 -27.32
O4 NAG L . -10.65 -19.00 -28.41
O5 NAG L . -10.10 -19.31 -24.79
O6 NAG L . -7.74 -18.79 -25.23
O7 NAG L . -14.58 -17.41 -24.22
C1 NAG L . -10.72 -17.76 -29.13
C2 NAG L . -9.85 -17.84 -30.38
C3 NAG L . -9.95 -16.56 -31.19
C4 NAG L . -11.41 -16.23 -31.49
C5 NAG L . -12.21 -16.20 -30.20
C6 NAG L . -13.69 -16.01 -30.43
C7 NAG L . -7.93 -19.36 -30.06
C8 NAG L . -6.49 -19.46 -29.68
N2 NAG L . -8.47 -18.13 -30.03
O3 NAG L . -9.22 -16.72 -32.41
O4 NAG L . -11.50 -14.97 -32.13
O5 NAG L . -12.07 -17.45 -29.51
O6 NAG L . -14.41 -17.24 -30.33
O7 NAG L . -8.60 -20.35 -30.37
C1 NAG M . -49.15 13.29 6.27
C2 NAG M . -50.20 12.19 6.11
C3 NAG M . -51.56 12.79 5.70
C4 NAG M . -51.96 13.88 6.68
C5 NAG M . -50.86 14.92 6.79
C6 NAG M . -51.14 16.00 7.81
C7 NAG M . -50.23 9.94 5.12
C8 NAG M . -49.69 9.05 4.05
N2 NAG M . -49.78 11.19 5.13
O3 NAG M . -52.54 11.77 5.68
O4 NAG M . -53.16 14.51 6.24
O5 NAG M . -49.63 14.28 7.19
O6 NAG M . -51.34 15.44 9.10
O7 NAG M . -51.05 9.53 5.95
C1 NAG M . -54.23 14.15 7.16
C2 NAG M . -55.45 15.01 6.86
C3 NAG M . -56.61 14.62 7.77
C4 NAG M . -56.88 13.13 7.67
C5 NAG M . -55.60 12.34 7.94
C6 NAG M . -55.77 10.85 7.74
C7 NAG M . -54.76 17.19 5.96
C8 NAG M . -54.48 18.63 6.27
N2 NAG M . -55.14 16.43 6.99
O3 NAG M . -57.77 15.36 7.40
O4 NAG M . -57.87 12.76 8.63
O5 NAG M . -54.57 12.76 7.03
O6 NAG M . -56.36 10.56 6.48
O7 NAG M . -54.66 16.74 4.82
C1 NAG N . -22.13 -25.84 16.98
C2 NAG N . -20.97 -25.88 17.96
C3 NAG N . -21.39 -26.60 19.24
C4 NAG N . -22.67 -25.99 19.81
C5 NAG N . -23.74 -25.97 18.74
C6 NAG N . -25.03 -25.29 19.18
C7 NAG N . -18.69 -25.88 17.07
C8 NAG N . -18.67 -24.41 17.37
N2 NAG N . -19.81 -26.53 17.38
O3 NAG N . -20.34 -26.52 20.19
O4 NAG N . -23.13 -26.73 20.93
O5 NAG N . -23.27 -25.25 17.59
O6 NAG N . -26.16 -25.85 18.53
O7 NAG N . -17.71 -26.45 16.58
C1 NAG N . -22.73 -26.08 22.16
C2 NAG N . -23.67 -24.90 22.43
C3 NAG N . -24.14 -24.91 23.89
C4 NAG N . -22.99 -25.19 24.85
C5 NAG N . -22.22 -26.45 24.43
C6 NAG N . -22.27 -27.54 25.48
C7 NAG N . -23.67 -22.64 21.48
C8 NAG N . -22.86 -21.41 21.23
N2 NAG N . -23.03 -23.64 22.10
O3 NAG N . -25.16 -25.90 24.06
O4 NAG N . -22.09 -24.09 24.86
O5 NAG N . -22.79 -27.00 23.24
O6 NAG N . -22.93 -27.10 26.66
O7 NAG N . -24.85 -22.73 21.14
C1 NAG O . 7.60 32.95 50.14
C2 NAG O . 7.96 32.51 51.56
C3 NAG O . 7.09 33.24 52.57
C4 NAG O . 7.17 34.75 52.36
C5 NAG O . 6.84 35.10 50.91
C6 NAG O . 7.02 36.56 50.59
C7 NAG O . 8.80 30.20 51.41
C8 NAG O . 8.48 28.76 51.63
N2 NAG O . 7.82 31.07 51.71
O3 NAG O . 7.51 32.91 53.88
O4 NAG O . 6.25 35.41 53.22
O5 NAG O . 7.71 34.37 50.04
O6 NAG O . 7.46 36.75 49.26
O7 NAG O . 9.88 30.58 50.99
C1 NAG P . -19.74 10.50 49.80
C2 NAG P . -20.99 9.76 50.31
C3 NAG P . -21.09 9.84 51.84
C4 NAG P . -19.79 9.40 52.49
C5 NAG P . -18.62 10.19 51.90
C6 NAG P . -17.28 9.76 52.43
C7 NAG P . -22.84 11.37 49.64
C8 NAG P . -22.17 12.50 50.40
N2 NAG P . -22.23 10.17 49.65
O3 NAG P . -22.16 8.99 52.29
O4 NAG P . -19.85 9.63 53.90
O5 NAG P . -18.58 10.01 50.47
O6 NAG P . -17.03 8.38 52.14
O7 NAG P . -23.88 11.55 49.03
C1 NAG Q . -14.78 -3.91 26.33
C2 NAG Q . -15.25 -3.35 27.67
C3 NAG Q . -14.08 -3.25 28.64
C4 NAG Q . -13.39 -4.60 28.78
C5 NAG Q . -12.99 -5.11 27.40
C6 NAG Q . -12.41 -6.51 27.44
C7 NAG Q . -17.20 -1.85 27.64
C8 NAG Q . -18.01 -3.06 28.00
N2 NAG Q . -15.89 -2.05 27.49
O3 NAG Q . -14.56 -2.82 29.91
O4 NAG Q . -12.23 -4.46 29.58
O5 NAG Q . -14.14 -5.17 26.55
O6 NAG Q . -12.28 -6.98 28.78
O7 NAG Q . -17.72 -0.75 27.49
C1 NAG R . 2.77 30.87 -11.69
C2 NAG R . 1.39 31.52 -11.59
C3 NAG R . 1.02 32.17 -12.92
C4 NAG R . 2.13 33.13 -13.37
C5 NAG R . 3.48 32.41 -13.37
C6 NAG R . 4.64 33.33 -13.69
C7 NAG R . -0.74 30.88 -10.57
C8 NAG R . -1.68 29.75 -10.25
N2 NAG R . 0.38 30.55 -11.20
O3 NAG R . -0.20 32.89 -12.78
O4 NAG R . 1.86 33.62 -14.68
O5 NAG R . 3.74 31.84 -12.09
O6 NAG R . 5.76 33.04 -12.87
O7 NAG R . -1.00 32.05 -10.26
C1 NAG S . 10.86 43.62 37.31
C2 NAG S . 9.49 44.10 36.81
C3 NAG S . 9.53 45.61 36.55
C4 NAG S . 10.02 46.35 37.78
C5 NAG S . 11.36 45.78 38.25
C6 NAG S . 11.85 46.38 39.54
C7 NAG S . 8.01 42.61 35.55
C8 NAG S . 7.75 41.95 34.23
N2 NAG S . 9.10 43.39 35.61
O3 NAG S . 8.23 46.07 36.20
O4 NAG S . 10.18 47.74 37.49
O5 NAG S . 11.23 44.37 38.48
O6 NAG S . 11.44 45.60 40.67
O7 NAG S . 7.27 42.45 36.52
P T3P T . 6.06 19.35 26.09
OP1 T3P T . 6.60 19.92 24.83
OP2 T3P T . 4.61 19.45 26.38
OP3 T3P T . 6.46 17.81 26.18
O5' T3P T . 11.21 18.47 26.08
C5' T3P T . 10.39 19.62 26.20
C4' T3P T . 9.10 19.29 26.93
O4' T3P T . 9.40 18.77 28.25
C3' T3P T . 8.18 20.48 27.18
O3' T3P T . 6.84 20.03 27.33
C2' T3P T . 8.73 21.00 28.50
C1' T3P T . 8.93 19.68 29.23
N1 T3P T . 9.88 19.73 30.39
C2 T3P T . 11.25 19.57 30.18
O2 T3P T . 11.74 19.41 29.08
N3 T3P T . 12.00 19.62 31.31
C4 T3P T . 11.56 19.80 32.60
O4 T3P T . 12.33 19.85 33.57
C5 T3P T . 10.14 19.96 32.75
C5M T3P T . 9.55 20.16 34.12
C6 T3P T . 9.38 19.91 31.65
C1 NAG U . 34.05 30.18 -42.98
C2 NAG U . 33.67 30.45 -44.43
C3 NAG U . 34.92 30.43 -45.30
C4 NAG U . 35.97 31.39 -44.76
C5 NAG U . 36.25 31.08 -43.29
C6 NAG U . 37.19 32.07 -42.65
C7 NAG U . 31.39 29.75 -45.00
C8 NAG U . 30.52 28.64 -45.52
N2 NAG U . 32.70 29.49 -44.91
O3 NAG U . 34.57 30.81 -46.63
O4 NAG U . 37.18 31.26 -45.50
O5 NAG U . 35.03 31.13 -42.54
O6 NAG U . 36.72 33.40 -42.78
O7 NAG U . 30.92 30.85 -44.67
C1 NAG V . 33.23 -4.96 -49.67
C2 NAG V . 34.61 -5.14 -50.29
C3 NAG V . 34.57 -4.81 -51.78
C4 NAG V . 33.48 -5.62 -52.47
C5 NAG V . 32.14 -5.42 -51.76
C6 NAG V . 31.03 -6.28 -52.31
C7 NAG V . 36.27 -4.71 -48.54
C8 NAG V . 37.25 -3.72 -47.97
N2 NAG V . 35.60 -4.31 -49.62
O3 NAG V . 35.83 -5.10 -52.36
O4 NAG V . 33.35 -5.21 -53.83
O5 NAG V . 32.28 -5.76 -50.37
O6 NAG V . 29.97 -6.43 -51.38
O7 NAG V . 36.10 -5.81 -48.04
C1 NAG W . 17.35 -15.18 -28.64
C2 NAG W . 16.42 -15.03 -29.84
C3 NAG W . 16.47 -16.28 -30.70
C4 NAG W . 17.91 -16.60 -31.09
C5 NAG W . 18.79 -16.68 -29.84
C6 NAG W . 20.25 -16.86 -30.15
C7 NAG W . 14.31 -13.77 -29.93
C8 NAG W . 12.93 -13.62 -29.38
N2 NAG W . 15.06 -14.76 -29.42
O3 NAG W . 15.69 -16.08 -31.88
O4 NAG W . 17.97 -17.85 -31.77
O5 NAG W . 18.67 -15.46 -29.09
O6 NAG W . 21.05 -16.76 -28.98
O7 NAG W . 14.75 -13.02 -30.80
C1 NAG X . 39.36 36.42 -28.41
C2 NAG X . 40.62 35.76 -28.96
C3 NAG X . 41.85 36.49 -28.46
C4 NAG X . 41.76 37.97 -28.77
C5 NAG X . 40.45 38.54 -28.23
C6 NAG X . 40.23 39.99 -28.62
C7 NAG X . 40.80 33.37 -29.50
C8 NAG X . 40.87 33.78 -30.94
N2 NAG X . 40.68 34.35 -28.60
O3 NAG X . 43.01 35.93 -29.07
O4 NAG X . 42.86 38.67 -28.18
O5 NAG X . 39.34 37.81 -28.76
O6 NAG X . 40.38 40.18 -30.02
O7 NAG X . 40.84 32.19 -29.16
C1 NAG Y . 11.18 -55.43 18.45
C2 NAG Y . 11.55 -55.74 19.91
C3 NAG Y . 11.90 -57.22 20.07
C4 NAG Y . 10.90 -58.07 19.32
C5 NAG Y . 11.07 -57.85 17.82
C6 NAG Y . 9.79 -57.96 17.05
C7 NAG Y . 12.54 -54.07 21.40
C8 NAG Y . 13.76 -53.27 21.74
N2 NAG Y . 12.65 -54.91 20.37
O3 NAG Y . 11.90 -57.57 21.45
O4 NAG Y . 11.10 -59.45 19.62
O5 NAG Y . 11.61 -56.54 17.57
O6 NAG Y . 10.01 -58.59 15.78
O7 NAG Y . 11.48 -53.94 22.02
C1 NAG Z . 27.03 -9.24 12.79
C2 NAG Z . 27.45 -10.69 12.97
C3 NAG Z . 28.90 -10.76 13.46
C4 NAG Z . 29.81 -9.98 12.52
C5 NAG Z . 29.30 -8.56 12.35
C6 NAG Z . 30.09 -7.77 11.33
C7 NAG Z . 25.50 -12.09 13.50
C8 NAG Z . 24.70 -12.73 14.59
N2 NAG Z . 26.57 -11.38 13.90
O3 NAG Z . 29.31 -12.13 13.52
O4 NAG Z . 31.13 -9.94 13.06
O5 NAG Z . 27.94 -8.58 11.89
O6 NAG Z . 29.73 -8.13 10.00
O7 NAG Z . 25.21 -12.20 12.31
C1 NAG AA . 3.43 -56.14 4.88
C2 NAG AA . 4.88 -56.53 5.13
C3 NAG AA . 5.61 -56.73 3.80
C4 NAG AA . 4.85 -57.73 2.91
C5 NAG AA . 3.40 -57.28 2.76
C6 NAG AA . 2.55 -58.27 2.01
C7 NAG AA . 6.59 -55.82 6.74
C8 NAG AA . 7.18 -54.66 7.49
N2 NAG AA . 5.57 -55.53 5.93
O3 NAG AA . 6.92 -57.21 4.04
O4 NAG AA . 5.45 -57.80 1.63
O5 NAG AA . 2.80 -57.13 4.06
O6 NAG AA . 1.21 -58.28 2.47
O7 NAG AA . 7.03 -56.96 6.84
C1 NAG BA . -53.27 -5.30 -30.69
C2 NAG BA . -54.39 -5.61 -29.68
C3 NAG BA . -55.66 -4.86 -30.08
C4 NAG BA . -55.37 -3.37 -30.23
C5 NAG BA . -54.22 -3.15 -31.20
C6 NAG BA . -53.81 -1.69 -31.32
C7 NAG BA . -54.69 -7.72 -28.46
C8 NAG BA . -54.46 -6.92 -27.22
N2 NAG BA . -54.64 -7.04 -29.61
O3 NAG BA . -56.65 -5.06 -29.07
O4 NAG BA . -56.53 -2.71 -30.71
O5 NAG BA . -53.06 -3.87 -30.76
O6 NAG BA . -52.75 -1.54 -32.25
O7 NAG BA . -54.90 -8.92 -28.43
C1 NAG CA . -51.53 26.55 -14.61
C2 NAG CA . -52.89 26.99 -14.07
C3 NAG CA . -53.77 27.50 -15.22
C4 NAG CA . -53.04 28.57 -16.02
C5 NAG CA . -51.67 28.06 -16.46
C6 NAG CA . -50.84 29.12 -17.15
C7 NAG CA . -53.70 25.89 -12.03
C8 NAG CA . -53.15 27.06 -11.29
N2 NAG CA . -53.55 25.91 -13.36
O3 NAG CA . -54.98 28.02 -14.70
O4 NAG CA . -53.81 28.92 -17.17
O5 NAG CA . -50.92 27.63 -15.32
O6 NAG CA . -51.53 29.68 -18.26
O7 NAG CA . -54.26 24.96 -11.46
C1 NAG DA . -25.57 25.18 -2.75
C2 NAG DA . -25.51 26.42 -1.84
C3 NAG DA . -25.41 27.69 -2.69
C4 NAG DA . -24.27 27.58 -3.69
C5 NAG DA . -24.39 26.29 -4.50
C6 NAG DA . -23.22 26.07 -5.44
C7 NAG DA . -27.93 26.57 -1.33
C8 NAG DA . -28.94 26.62 -0.22
N2 NAG DA . -26.65 26.48 -0.93
O3 NAG DA . -25.22 28.82 -1.85
O4 NAG DA . -24.29 28.69 -4.58
O5 NAG DA . -24.43 25.16 -3.61
O6 NAG DA . -23.56 25.16 -6.47
O7 NAG DA . -28.25 26.60 -2.51
#